data_4UDJ
#
_entry.id   4UDJ
#
_cell.length_a   83.880
_cell.length_b   140.840
_cell.length_c   168.750
_cell.angle_alpha   90.00
_cell.angle_beta   90.00
_cell.angle_gamma   90.00
#
_symmetry.space_group_name_H-M   'P 21 21 21'
#
loop_
_entity.id
_entity.type
_entity.pdbx_description
1 polymer UHGB_MP
2 non-polymer 'PHOSPHATE ION'
3 non-polymer beta-D-mannopyranose
4 non-polymer 'POTASSIUM ION'
5 non-polymer 1,2-ETHANEDIOL
6 non-polymer 'TRIETHYLENE GLYCOL'
7 water water
#
_entity_poly.entity_id   1
_entity_poly.type   'polypeptide(L)'
_entity_poly.pdbx_seq_one_letter_code
;MGSSHHHHHHSSGLVPRGSHMSMSSKVIIPWEERPAGCKDVLWRSVANPIIPRDLLPTSNSIFNSAVVPFGDGFAGVFRC
DDTSRRMRLHVGFSKDAINWNIKEEPLKFQCDDEEIGTWVYGYDPRVCFIEDRYYVTWCNGYHGPTIGVAYTFDFETFHQ
LENAFIPFNRNGVLFPRKINGRFAMLSRPSDNGHTPFGDIFYSESPDMEFWGRHRHVMSPAAFEVSAWQCTKIGAGPIPV
ETPEGWLLIYHGVLHSCNGYVYSFGSALLDLDEPWKVKFRSGPYLLAPREPYECMGDVPNVCFPCAALHDNETGRIAIYY
GCADTVTGLAFGYIPEIIEFTKRTSII
;
_entity_poly.pdbx_strand_id   A,B,C,D,E,F
#
# COMPACT_ATOMS: atom_id res chain seq x y z
N ILE A 28 35.14 -22.53 28.97
CA ILE A 28 34.08 -23.55 29.28
C ILE A 28 32.62 -23.15 28.98
N ILE A 29 32.23 -23.43 27.73
CA ILE A 29 30.96 -23.02 27.18
C ILE A 29 29.73 -23.86 27.50
N PRO A 30 28.56 -23.23 27.51
CA PRO A 30 27.39 -24.03 27.83
C PRO A 30 27.19 -25.06 26.74
N TRP A 31 26.73 -26.23 27.16
CA TRP A 31 26.60 -27.43 26.27
C TRP A 31 25.57 -28.46 26.79
N GLU A 32 24.82 -29.04 25.86
CA GLU A 32 23.94 -30.17 26.04
C GLU A 32 24.21 -31.10 24.89
N GLU A 33 24.40 -32.38 25.13
CA GLU A 33 24.70 -33.33 24.07
C GLU A 33 23.55 -33.50 23.10
N ARG A 34 23.86 -33.85 21.87
CA ARG A 34 22.85 -34.09 20.86
C ARG A 34 21.86 -35.11 21.39
N PRO A 35 20.52 -34.74 21.27
CA PRO A 35 19.58 -35.72 21.83
C PRO A 35 19.59 -37.06 21.10
N ALA A 36 19.31 -38.11 21.84
CA ALA A 36 19.44 -39.45 21.28
C ALA A 36 18.57 -39.58 20.03
N GLY A 37 19.14 -40.04 18.94
CA GLY A 37 18.42 -40.12 17.68
C GLY A 37 17.98 -38.77 17.07
N CYS A 38 18.69 -37.69 17.39
CA CYS A 38 18.43 -36.41 16.74
C CYS A 38 19.34 -36.38 15.58
N LYS A 39 18.80 -36.06 14.44
CA LYS A 39 19.62 -36.00 13.26
C LYS A 39 19.88 -34.58 12.82
N ASP A 40 19.45 -33.60 13.61
CA ASP A 40 19.53 -32.22 13.16
C ASP A 40 20.95 -31.75 13.43
N VAL A 41 21.40 -30.79 12.68
CA VAL A 41 22.71 -30.18 12.90
C VAL A 41 22.74 -29.23 14.11
N LEU A 42 21.59 -28.69 14.47
CA LEU A 42 21.45 -27.86 15.67
C LEU A 42 20.30 -28.37 16.49
N TRP A 43 20.48 -28.36 17.79
CA TRP A 43 19.40 -28.76 18.65
C TRP A 43 19.21 -27.76 19.77
N ARG A 44 17.94 -27.50 20.09
CA ARG A 44 17.56 -26.56 21.14
C ARG A 44 17.94 -27.10 22.55
N SER A 45 18.25 -26.17 23.47
CA SER A 45 18.39 -26.53 24.87
C SER A 45 17.04 -27.00 25.44
N VAL A 46 17.04 -28.08 26.21
CA VAL A 46 15.78 -28.55 26.76
C VAL A 46 15.30 -27.58 27.89
N ALA A 47 16.19 -26.70 28.32
CA ALA A 47 15.86 -25.67 29.28
C ALA A 47 15.35 -24.31 28.73
N ASN A 48 15.17 -24.19 27.43
CA ASN A 48 14.67 -22.95 26.86
C ASN A 48 13.31 -22.58 27.39
N PRO A 49 13.10 -21.32 27.67
CA PRO A 49 14.08 -20.24 27.43
C PRO A 49 15.04 -20.14 28.55
N ILE A 50 16.26 -19.73 28.25
CA ILE A 50 17.24 -19.56 29.30
C ILE A 50 17.17 -18.20 29.97
N ILE A 51 16.57 -17.17 29.35
CA ILE A 51 16.39 -15.89 29.99
C ILE A 51 14.92 -15.55 29.88
N PRO A 52 14.23 -15.37 30.99
CA PRO A 52 12.80 -15.14 30.90
C PRO A 52 12.49 -13.65 30.70
N ARG A 53 11.27 -13.35 30.36
CA ARG A 53 10.91 -11.97 29.96
C ARG A 53 10.91 -11.03 31.14
N ASP A 54 10.82 -11.59 32.35
CA ASP A 54 10.55 -10.78 33.52
C ASP A 54 11.67 -10.82 34.50
N LEU A 55 12.87 -10.98 34.02
CA LEU A 55 14.01 -10.98 34.92
C LEU A 55 14.21 -9.68 35.66
N LEU A 56 13.87 -8.54 35.07
CA LEU A 56 14.07 -7.27 35.73
C LEU A 56 12.71 -6.77 36.21
N PRO A 57 12.70 -5.89 37.22
CA PRO A 57 11.39 -5.44 37.74
C PRO A 57 10.48 -4.82 36.73
N THR A 58 11.02 -4.14 35.71
CA THR A 58 10.13 -3.57 34.71
C THR A 58 10.41 -4.09 33.32
N SER A 59 11.04 -5.25 33.20
CA SER A 59 11.25 -5.82 31.86
C SER A 59 9.95 -6.46 31.35
N ASN A 60 9.65 -6.18 30.09
CA ASN A 60 8.58 -6.80 29.32
C ASN A 60 9.09 -7.97 28.49
N SER A 61 10.35 -7.86 28.05
CA SER A 61 10.96 -8.87 27.20
C SER A 61 12.42 -8.71 27.19
N ILE A 62 13.14 -9.83 27.01
CA ILE A 62 14.60 -9.84 26.99
C ILE A 62 15.06 -10.84 25.91
N PHE A 63 15.64 -10.30 24.83
N PHE A 63 15.52 -10.34 24.77
CA PHE A 63 15.82 -11.05 23.59
CA PHE A 63 15.55 -11.23 23.60
C PHE A 63 16.90 -10.40 22.71
C PHE A 63 16.70 -11.01 22.65
N ASN A 64 17.26 -11.04 21.60
N ASN A 64 17.67 -10.22 23.06
CA ASN A 64 18.18 -10.47 20.61
CA ASN A 64 18.93 -10.17 22.34
C ASN A 64 19.43 -9.89 21.20
C ASN A 64 19.97 -10.22 23.44
N SER A 65 20.14 -10.65 22.04
N SER A 65 20.86 -11.18 23.33
CA SER A 65 21.16 -10.13 22.96
CA SER A 65 21.91 -11.43 24.32
C SER A 65 22.56 -10.67 22.69
C SER A 65 23.21 -11.44 23.58
N ALA A 66 23.59 -9.99 23.24
N ALA A 66 23.90 -10.30 23.57
CA ALA A 66 24.98 -10.30 22.94
CA ALA A 66 25.18 -10.20 22.90
C ALA A 66 25.77 -10.88 24.14
C ALA A 66 26.26 -10.60 23.89
N VAL A 67 26.58 -11.89 23.89
CA VAL A 67 27.29 -12.58 24.94
C VAL A 67 28.74 -12.88 24.52
N VAL A 68 29.70 -12.70 25.43
CA VAL A 68 31.13 -13.08 25.21
C VAL A 68 31.76 -13.68 26.45
N PRO A 69 32.88 -14.43 26.31
CA PRO A 69 33.60 -14.81 27.51
C PRO A 69 34.27 -13.55 28.08
N PHE A 70 34.30 -13.45 29.38
CA PHE A 70 34.93 -12.29 30.03
C PHE A 70 35.45 -12.81 31.36
N GLY A 71 36.71 -12.60 31.57
CA GLY A 71 37.36 -13.02 32.79
C GLY A 71 37.23 -14.49 32.99
N ASP A 72 36.79 -14.89 34.18
CA ASP A 72 36.59 -16.32 34.40
C ASP A 72 35.16 -16.69 34.01
N GLY A 73 34.39 -15.75 33.46
CA GLY A 73 33.00 -16.11 33.15
C GLY A 73 32.57 -15.46 31.86
N PHE A 74 31.40 -14.82 31.93
CA PHE A 74 30.78 -14.27 30.74
C PHE A 74 30.17 -12.95 31.00
N ALA A 75 30.13 -12.16 29.96
CA ALA A 75 29.48 -10.87 30.02
C ALA A 75 28.61 -10.75 28.76
N GLY A 76 27.74 -9.76 28.80
CA GLY A 76 26.94 -9.42 27.63
C GLY A 76 26.23 -8.12 27.70
N VAL A 77 25.69 -7.69 26.57
CA VAL A 77 24.80 -6.54 26.49
C VAL A 77 23.46 -7.08 26.01
N PHE A 78 22.41 -6.75 26.76
CA PHE A 78 21.09 -7.30 26.54
C PHE A 78 20.11 -6.22 26.12
N ARG A 79 19.34 -6.54 25.08
CA ARG A 79 18.17 -5.81 24.77
C ARG A 79 17.07 -6.22 25.75
N CYS A 80 16.67 -5.25 26.56
CA CYS A 80 15.56 -5.43 27.49
C CYS A 80 14.55 -4.38 27.22
N ASP A 81 13.46 -4.75 26.58
CA ASP A 81 12.35 -3.81 26.38
C ASP A 81 11.52 -3.71 27.68
N ASP A 82 11.19 -2.49 28.10
CA ASP A 82 10.53 -2.31 29.37
C ASP A 82 8.99 -2.37 29.28
N THR A 83 8.26 -2.10 30.38
CA THR A 83 6.83 -2.17 30.36
C THR A 83 6.21 -0.91 29.70
N SER A 84 7.06 0.03 29.33
CA SER A 84 6.70 1.19 28.46
C SER A 84 6.96 0.89 26.96
N ARG A 85 7.39 -0.31 26.70
CA ARG A 85 7.87 -0.75 25.40
C ARG A 85 9.01 0.10 24.79
N ARG A 86 9.82 0.67 25.70
CA ARG A 86 11.04 1.33 25.35
C ARG A 86 12.13 0.27 25.17
N MET A 87 13.02 0.55 24.26
CA MET A 87 14.15 -0.32 23.92
C MET A 87 15.45 0.18 24.57
N ARG A 88 15.95 -0.54 25.52
CA ARG A 88 17.19 -0.19 26.26
C ARG A 88 18.16 -1.34 26.23
N LEU A 89 19.45 -1.01 26.37
CA LEU A 89 20.52 -1.96 26.54
C LEU A 89 20.93 -2.03 28.02
N HIS A 90 21.16 -3.26 28.48
CA HIS A 90 21.63 -3.50 29.84
C HIS A 90 22.81 -4.45 29.85
N VAL A 91 23.78 -4.18 30.73
CA VAL A 91 24.89 -5.03 30.87
C VAL A 91 24.49 -6.21 31.69
N GLY A 92 25.02 -7.36 31.32
CA GLY A 92 24.84 -8.56 32.18
C GLY A 92 26.10 -9.37 32.42
N PHE A 93 26.11 -10.15 33.51
CA PHE A 93 27.21 -11.05 33.80
C PHE A 93 26.72 -12.41 34.23
N SER A 94 27.57 -13.39 34.03
CA SER A 94 27.21 -14.79 34.28
C SER A 94 28.45 -15.64 34.49
N LYS A 95 28.29 -16.60 35.39
CA LYS A 95 29.39 -17.54 35.64
C LYS A 95 29.35 -18.70 34.66
N ASP A 96 28.16 -19.02 34.16
CA ASP A 96 27.98 -20.23 33.32
C ASP A 96 27.39 -19.94 31.96
N ALA A 97 27.07 -18.69 31.64
CA ALA A 97 26.55 -18.28 30.30
C ALA A 97 25.07 -18.69 30.11
N ILE A 98 24.46 -19.19 31.19
CA ILE A 98 23.08 -19.63 31.21
C ILE A 98 22.20 -18.84 32.14
N ASN A 99 22.60 -18.71 33.41
CA ASN A 99 21.94 -17.87 34.40
C ASN A 99 22.60 -16.52 34.44
N TRP A 100 21.83 -15.49 34.08
CA TRP A 100 22.35 -14.16 33.89
C TRP A 100 21.92 -13.23 35.00
N ASN A 101 22.83 -12.37 35.44
CA ASN A 101 22.56 -11.29 36.35
C ASN A 101 22.65 -9.99 35.57
N ILE A 102 21.49 -9.40 35.25
CA ILE A 102 21.43 -8.29 34.35
C ILE A 102 21.21 -7.04 35.18
N LYS A 103 22.01 -6.02 34.94
CA LYS A 103 21.90 -4.82 35.69
C LYS A 103 20.54 -4.19 35.48
N GLU A 104 19.87 -3.75 36.55
CA GLU A 104 18.55 -3.12 36.39
C GLU A 104 18.64 -1.78 35.68
N GLU A 105 19.68 -1.03 35.90
CA GLU A 105 19.82 0.26 35.23
C GLU A 105 20.25 0.10 33.80
N PRO A 106 19.64 0.82 32.82
CA PRO A 106 20.17 0.75 31.46
C PRO A 106 21.61 1.23 31.34
N LEU A 107 22.31 0.67 30.39
N LEU A 107 22.30 0.66 30.39
CA LEU A 107 23.69 1.04 30.10
CA LEU A 107 23.67 1.04 30.07
C LEU A 107 23.72 2.45 29.54
C LEU A 107 23.72 2.47 29.54
N LYS A 108 24.63 3.28 30.05
CA LYS A 108 24.84 4.62 29.54
C LYS A 108 26.20 4.68 28.84
N PHE A 109 26.31 5.32 27.70
CA PHE A 109 27.56 5.43 27.01
C PHE A 109 28.24 6.73 27.31
N GLN A 110 29.55 6.71 27.45
CA GLN A 110 30.30 7.96 27.54
C GLN A 110 30.59 8.45 26.09
N CYS A 111 30.44 9.73 25.83
CA CYS A 111 30.79 10.23 24.50
C CYS A 111 31.25 11.68 24.57
N ASP A 112 32.29 12.07 23.85
CA ASP A 112 32.67 13.50 24.00
C ASP A 112 31.75 14.35 23.16
N ASP A 113 31.24 13.76 22.07
CA ASP A 113 30.39 14.51 21.17
C ASP A 113 28.98 14.46 21.69
N GLU A 114 28.44 15.62 22.01
CA GLU A 114 27.09 15.69 22.52
C GLU A 114 25.99 15.19 21.55
N GLU A 115 26.12 15.55 20.30
CA GLU A 115 25.17 15.18 19.24
C GLU A 115 25.07 13.63 19.10
N ILE A 116 26.18 12.99 18.97
CA ILE A 116 26.24 11.54 18.81
C ILE A 116 25.92 10.85 20.12
N GLY A 117 26.30 11.46 21.23
CA GLY A 117 26.06 10.86 22.55
C GLY A 117 24.63 10.98 23.06
N THR A 118 23.73 11.60 22.30
CA THR A 118 22.34 11.66 22.64
C THR A 118 21.58 10.34 22.44
N TRP A 119 20.91 9.89 23.50
CA TRP A 119 20.25 8.62 23.43
C TRP A 119 18.84 8.85 22.98
N VAL A 120 18.44 8.15 21.94
CA VAL A 120 17.03 8.09 21.50
C VAL A 120 16.43 6.70 21.75
N TYR A 121 17.09 5.67 21.22
CA TYR A 121 16.76 4.27 21.56
C TYR A 121 17.90 3.39 21.13
N GLY A 122 17.88 2.13 21.55
CA GLY A 122 18.87 1.20 21.10
C GLY A 122 18.41 -0.22 21.17
N TYR A 123 18.79 -1.03 20.14
CA TYR A 123 18.41 -2.45 20.14
C TYR A 123 19.43 -3.32 19.33
N ASP A 124 19.26 -4.64 19.56
N ASP A 124 19.26 -4.62 19.08
CA ASP A 124 19.90 -5.75 18.82
CA ASP A 124 20.16 -5.28 18.10
C ASP A 124 21.43 -5.60 18.76
C ASP A 124 21.66 -5.24 18.59
N PRO A 125 22.01 -5.46 19.93
CA PRO A 125 23.42 -5.37 20.13
C PRO A 125 24.19 -6.62 19.69
N ARG A 126 25.42 -6.42 19.27
CA ARG A 126 26.37 -7.52 19.07
C ARG A 126 27.71 -7.08 19.70
N VAL A 127 28.43 -8.05 20.21
CA VAL A 127 29.67 -7.80 20.94
C VAL A 127 30.75 -8.75 20.54
N CYS A 128 31.98 -8.21 20.33
CA CYS A 128 33.14 -9.07 20.16
C CYS A 128 34.40 -8.38 20.64
N PHE A 129 35.41 -9.18 20.89
CA PHE A 129 36.76 -8.72 21.23
C PHE A 129 37.56 -8.53 19.95
N ILE A 130 38.12 -7.36 19.75
CA ILE A 130 39.01 -7.12 18.63
C ILE A 130 40.37 -6.58 19.14
N GLU A 131 41.35 -7.45 19.07
CA GLU A 131 42.74 -7.18 19.41
C GLU A 131 43.09 -6.93 20.88
N ASP A 132 42.55 -5.87 21.45
CA ASP A 132 42.79 -5.45 22.82
C ASP A 132 41.58 -4.96 23.69
N ARG A 133 40.38 -5.03 23.15
CA ARG A 133 39.21 -4.53 23.84
C ARG A 133 37.91 -5.09 23.22
N TYR A 134 36.80 -4.91 23.92
CA TYR A 134 35.51 -5.33 23.42
C TYR A 134 34.84 -4.17 22.69
N TYR A 135 34.21 -4.50 21.58
CA TYR A 135 33.44 -3.58 20.81
C TYR A 135 31.95 -4.02 20.84
N VAL A 136 31.09 -3.04 20.80
N VAL A 136 31.05 -3.08 21.03
CA VAL A 136 29.63 -3.17 20.87
CA VAL A 136 29.58 -3.31 20.87
C VAL A 136 29.07 -2.42 19.70
C VAL A 136 29.04 -2.45 19.75
N THR A 137 28.26 -3.09 18.87
CA THR A 137 27.45 -2.42 17.86
C THR A 137 26.02 -2.61 18.29
N TRP A 138 25.16 -1.68 17.92
CA TRP A 138 23.75 -1.85 18.15
C TRP A 138 23.02 -1.04 17.10
N CYS A 139 21.72 -1.25 16.99
CA CYS A 139 20.89 -0.33 16.21
C CYS A 139 20.52 0.91 17.02
N ASN A 140 21.12 2.04 16.68
CA ASN A 140 21.11 3.26 17.47
C ASN A 140 20.29 4.27 16.74
N GLY A 141 19.34 4.88 17.44
CA GLY A 141 18.61 5.97 16.83
C GLY A 141 19.37 7.26 16.68
N TYR A 142 19.52 7.70 15.45
CA TYR A 142 20.11 9.01 15.10
C TYR A 142 19.36 9.45 13.82
N HIS A 143 18.17 10.03 14.03
CA HIS A 143 17.30 10.42 12.92
C HIS A 143 16.96 9.19 12.09
N GLY A 144 16.66 8.13 12.83
CA GLY A 144 16.40 6.83 12.31
C GLY A 144 17.44 5.80 12.70
N PRO A 145 17.21 4.54 12.31
CA PRO A 145 18.10 3.48 12.67
C PRO A 145 19.41 3.54 11.95
N THR A 146 20.48 3.50 12.72
CA THR A 146 21.78 3.33 12.10
C THR A 146 22.60 2.46 13.02
N ILE A 147 23.86 2.29 12.73
CA ILE A 147 24.70 1.42 13.58
C ILE A 147 25.57 2.24 14.56
N GLY A 148 25.26 2.13 15.84
CA GLY A 148 26.01 2.67 16.93
C GLY A 148 27.24 1.80 17.15
N VAL A 149 28.32 2.42 17.57
CA VAL A 149 29.55 1.72 17.97
C VAL A 149 30.15 2.24 19.27
N ALA A 150 30.61 1.31 20.08
CA ALA A 150 31.32 1.68 21.30
C ALA A 150 32.32 0.62 21.67
N TYR A 151 33.24 0.98 22.55
CA TYR A 151 34.18 -0.02 23.12
C TYR A 151 34.20 0.02 24.62
N THR A 152 34.52 -1.13 25.17
CA THR A 152 34.79 -1.26 26.57
C THR A 152 35.96 -2.21 26.79
N PHE A 153 36.66 -1.99 27.89
CA PHE A 153 37.59 -2.96 28.45
C PHE A 153 37.03 -3.77 29.58
N ASP A 154 35.93 -3.39 30.22
CA ASP A 154 35.53 -3.96 31.52
C ASP A 154 34.00 -4.15 31.71
N PHE A 155 33.18 -3.81 30.72
CA PHE A 155 31.73 -3.85 30.83
C PHE A 155 31.17 -2.97 31.94
N GLU A 156 31.93 -1.94 32.31
CA GLU A 156 31.48 -0.94 33.24
C GLU A 156 31.48 0.40 32.56
N THR A 157 32.56 0.83 31.91
CA THR A 157 32.56 2.09 31.15
C THR A 157 32.57 1.77 29.68
N PHE A 158 31.68 2.39 28.92
CA PHE A 158 31.57 2.17 27.50
C PHE A 158 31.81 3.50 26.86
N HIS A 159 32.75 3.54 25.96
CA HIS A 159 33.09 4.73 25.19
C HIS A 159 32.49 4.68 23.85
N GLN A 160 31.54 5.59 23.60
CA GLN A 160 30.85 5.63 22.34
C GLN A 160 31.68 6.30 21.22
N LEU A 161 31.70 5.64 20.07
CA LEU A 161 32.33 6.13 18.87
C LEU A 161 31.36 6.65 17.86
N GLU A 162 31.87 7.19 16.77
CA GLU A 162 30.97 7.65 15.76
C GLU A 162 30.02 6.52 15.27
N ASN A 163 28.76 6.87 15.04
CA ASN A 163 27.89 5.96 14.28
C ASN A 163 28.64 5.60 12.95
N ALA A 164 28.68 4.33 12.62
CA ALA A 164 29.47 3.88 11.48
C ALA A 164 28.89 4.31 10.11
N PHE A 165 27.54 4.40 10.00
CA PHE A 165 26.87 4.67 8.74
C PHE A 165 25.82 5.70 8.96
N ILE A 166 25.37 6.25 7.85
CA ILE A 166 24.15 7.05 7.80
C ILE A 166 22.95 6.10 7.88
N PRO A 167 21.84 6.52 8.53
CA PRO A 167 20.67 5.71 8.42
C PRO A 167 20.24 5.58 6.96
N PHE A 168 19.48 4.54 6.61
CA PHE A 168 18.89 3.62 7.56
C PHE A 168 19.64 2.29 7.45
N ASN A 169 20.08 1.74 8.60
CA ASN A 169 20.91 0.56 8.63
C ASN A 169 20.75 -0.15 9.96
N ARG A 170 20.83 -1.47 9.94
CA ARG A 170 20.56 -2.29 11.10
C ARG A 170 21.44 -3.58 10.94
N ASN A 171 21.47 -4.43 11.96
CA ASN A 171 22.18 -5.72 11.85
C ASN A 171 23.69 -5.53 11.56
N GLY A 172 24.27 -4.56 12.28
CA GLY A 172 25.68 -4.30 12.28
C GLY A 172 26.42 -5.32 13.10
N VAL A 173 27.35 -6.02 12.47
CA VAL A 173 28.06 -7.10 13.15
C VAL A 173 29.57 -7.09 12.76
N LEU A 174 30.43 -6.82 13.72
CA LEU A 174 31.86 -6.68 13.48
C LEU A 174 32.50 -8.05 13.34
N PHE A 175 33.57 -8.11 12.57
CA PHE A 175 34.41 -9.30 12.55
C PHE A 175 35.39 -9.28 13.77
N PRO A 176 35.68 -10.45 14.32
CA PRO A 176 36.45 -10.53 15.55
C PRO A 176 38.01 -10.33 15.42
N ARG A 177 38.51 -9.86 14.28
CA ARG A 177 39.90 -9.47 14.09
C ARG A 177 39.90 -8.50 12.90
N LYS A 178 40.96 -7.78 12.72
CA LYS A 178 41.14 -7.03 11.51
C LYS A 178 41.27 -7.96 10.32
N ILE A 179 40.86 -7.45 9.18
CA ILE A 179 40.97 -8.17 7.91
C ILE A 179 41.94 -7.29 7.12
N ASN A 180 43.13 -7.80 6.86
N ASN A 180 43.11 -7.85 6.84
CA ASN A 180 44.07 -7.10 6.01
CA ASN A 180 44.27 -7.15 6.22
C ASN A 180 44.44 -5.70 6.65
C ASN A 180 44.40 -5.72 6.70
N GLY A 181 44.56 -5.62 7.99
CA GLY A 181 44.87 -4.37 8.66
C GLY A 181 43.73 -3.37 8.84
N ARG A 182 42.47 -3.74 8.51
CA ARG A 182 41.37 -2.90 8.78
C ARG A 182 40.30 -3.56 9.64
N PHE A 183 39.55 -2.74 10.38
CA PHE A 183 38.36 -3.23 11.03
C PHE A 183 37.35 -3.54 9.92
N ALA A 184 36.53 -4.57 10.13
CA ALA A 184 35.45 -4.93 9.21
C ALA A 184 34.11 -5.16 9.88
N MET A 185 33.03 -4.81 9.17
CA MET A 185 31.67 -4.94 9.69
C MET A 185 30.69 -5.30 8.61
N LEU A 186 29.84 -6.25 8.93
CA LEU A 186 28.66 -6.52 8.14
C LEU A 186 27.55 -5.59 8.54
N SER A 187 26.71 -5.17 7.57
CA SER A 187 25.58 -4.33 7.89
C SER A 187 24.38 -4.71 6.99
N ARG A 188 23.33 -3.93 7.05
CA ARG A 188 22.12 -4.27 6.37
C ARG A 188 21.28 -3.04 6.08
N PRO A 189 21.45 -2.44 4.92
CA PRO A 189 20.67 -1.30 4.61
C PRO A 189 19.16 -1.57 4.77
N SER A 190 18.46 -0.60 5.30
CA SER A 190 17.07 -0.75 5.73
C SER A 190 16.29 0.49 5.41
N ASP A 191 15.11 0.60 5.97
CA ASP A 191 14.35 1.84 5.83
C ASP A 191 13.87 2.31 7.20
N ASN A 192 12.93 3.24 7.33
N ASN A 192 12.82 3.15 7.17
CA ASN A 192 12.52 3.63 8.69
CA ASN A 192 12.27 3.82 8.33
C ASN A 192 11.14 3.02 9.00
C ASN A 192 11.18 2.98 9.09
N GLY A 193 10.90 1.78 8.60
CA GLY A 193 9.70 1.05 9.04
C GLY A 193 10.05 -0.41 9.27
N HIS A 194 9.03 -1.28 9.12
CA HIS A 194 9.28 -2.74 9.15
C HIS A 194 9.73 -3.11 7.72
N THR A 195 11.01 -3.13 7.53
CA THR A 195 11.60 -3.04 6.22
C THR A 195 11.24 -4.28 5.40
N PRO A 196 10.69 -4.14 4.22
CA PRO A 196 10.28 -5.32 3.46
C PRO A 196 11.37 -5.85 2.50
N PHE A 197 12.62 -5.56 2.74
CA PHE A 197 13.74 -5.92 1.87
C PHE A 197 14.99 -5.97 2.72
N GLY A 198 16.09 -6.47 2.18
CA GLY A 198 17.32 -6.51 2.91
C GLY A 198 18.46 -7.36 2.40
N ASP A 199 19.52 -6.72 1.94
CA ASP A 199 20.76 -7.36 1.57
C ASP A 199 21.82 -7.11 2.68
N ILE A 200 22.72 -8.05 2.83
CA ILE A 200 23.83 -7.93 3.71
C ILE A 200 25.01 -7.31 2.96
N PHE A 201 25.62 -6.33 3.59
CA PHE A 201 26.76 -5.64 3.03
C PHE A 201 27.95 -5.79 3.97
N TYR A 202 29.09 -5.42 3.42
CA TYR A 202 30.38 -5.48 4.13
C TYR A 202 31.10 -4.15 3.94
N SER A 203 31.68 -3.62 5.01
CA SER A 203 32.50 -2.42 4.92
C SER A 203 33.74 -2.49 5.83
N GLU A 204 34.68 -1.58 5.58
CA GLU A 204 35.95 -1.55 6.35
C GLU A 204 36.23 -0.16 6.86
N SER A 205 37.09 -0.13 7.88
CA SER A 205 37.54 1.12 8.47
C SER A 205 38.99 0.94 8.99
N PRO A 206 39.85 1.90 8.68
CA PRO A 206 41.21 1.85 9.22
C PRO A 206 41.28 2.26 10.68
N ASP A 207 40.25 2.94 11.20
CA ASP A 207 40.34 3.67 12.46
C ASP A 207 39.11 3.64 13.36
N MET A 208 38.11 2.85 13.03
CA MET A 208 36.85 2.90 13.80
C MET A 208 36.14 4.26 13.84
N GLU A 209 36.35 5.03 12.79
CA GLU A 209 35.76 6.36 12.65
C GLU A 209 35.21 6.56 11.21
N PHE A 210 36.04 6.29 10.19
CA PHE A 210 35.65 6.46 8.83
C PHE A 210 35.54 5.06 8.19
N TRP A 211 34.43 4.87 7.50
CA TRP A 211 34.04 3.57 6.91
C TRP A 211 33.91 3.74 5.42
N GLY A 212 34.21 2.67 4.73
CA GLY A 212 34.18 2.67 3.26
C GLY A 212 34.50 1.31 2.67
N ARG A 213 34.76 1.33 1.36
N ARG A 213 34.81 1.29 1.37
CA ARG A 213 35.03 0.12 0.58
CA ARG A 213 35.06 0.06 0.62
C ARG A 213 33.85 -0.87 0.77
C ARG A 213 33.84 -0.89 0.80
N HIS A 214 32.65 -0.33 0.59
CA HIS A 214 31.44 -1.07 0.75
C HIS A 214 31.26 -2.10 -0.35
N ARG A 215 30.93 -3.33 0.07
CA ARG A 215 30.73 -4.45 -0.84
C ARG A 215 29.50 -5.23 -0.48
N HIS A 216 28.69 -5.53 -1.49
CA HIS A 216 27.54 -6.38 -1.37
C HIS A 216 27.95 -7.82 -1.04
N VAL A 217 27.36 -8.42 -0.03
CA VAL A 217 27.68 -9.79 0.34
C VAL A 217 26.59 -10.74 -0.25
N MET A 218 25.36 -10.52 0.12
CA MET A 218 24.30 -11.31 -0.45
C MET A 218 22.93 -10.71 -0.31
N SER A 219 22.06 -11.21 -1.18
CA SER A 219 20.66 -10.77 -1.29
C SER A 219 19.77 -11.92 -0.82
N PRO A 220 18.52 -11.64 -0.44
CA PRO A 220 17.62 -12.75 -0.21
C PRO A 220 17.54 -13.73 -1.42
N ALA A 221 17.35 -15.00 -1.15
CA ALA A 221 17.15 -16.03 -2.18
C ALA A 221 15.82 -15.91 -2.89
N ALA A 222 15.72 -16.48 -4.08
CA ALA A 222 14.44 -16.62 -4.74
C ALA A 222 13.55 -17.56 -3.94
N PHE A 223 12.28 -17.23 -3.91
CA PHE A 223 11.35 -17.99 -3.13
C PHE A 223 11.27 -19.44 -3.57
N GLU A 224 11.42 -19.70 -4.87
CA GLU A 224 11.52 -21.06 -5.43
C GLU A 224 12.71 -21.85 -4.98
N VAL A 225 13.79 -21.18 -4.63
CA VAL A 225 15.01 -21.83 -4.20
C VAL A 225 15.11 -22.08 -2.70
N SER A 226 14.87 -21.04 -1.93
CA SER A 226 14.89 -21.13 -0.48
C SER A 226 13.99 -20.03 0.19
N ALA A 227 12.73 -20.32 0.49
CA ALA A 227 11.80 -19.31 0.85
C ALA A 227 11.95 -18.80 2.30
N TRP A 228 12.65 -19.50 3.19
CA TRP A 228 12.84 -19.01 4.57
C TRP A 228 13.73 -17.78 4.56
N GLN A 229 14.41 -17.51 3.44
CA GLN A 229 15.29 -16.38 3.32
C GLN A 229 15.03 -15.56 2.04
N CYS A 230 13.77 -15.49 1.63
CA CYS A 230 13.42 -14.81 0.40
C CYS A 230 12.89 -13.39 0.53
N THR A 231 12.61 -12.91 1.72
CA THR A 231 12.13 -11.54 1.84
C THR A 231 13.26 -10.60 2.19
N LYS A 232 14.05 -10.99 3.19
CA LYS A 232 15.15 -10.20 3.68
C LYS A 232 16.01 -11.07 4.52
N ILE A 233 17.26 -10.66 4.65
CA ILE A 233 18.23 -11.37 5.46
C ILE A 233 19.09 -10.36 6.27
N GLY A 234 19.77 -10.84 7.27
CA GLY A 234 20.58 -10.02 8.16
C GLY A 234 21.56 -10.90 8.94
N ALA A 235 22.82 -10.43 9.12
CA ALA A 235 23.81 -11.13 9.96
C ALA A 235 23.32 -11.22 11.37
N GLY A 236 23.65 -12.35 12.00
CA GLY A 236 23.33 -12.63 13.36
C GLY A 236 24.49 -12.51 14.28
N PRO A 237 24.98 -13.64 14.81
CA PRO A 237 26.15 -13.60 15.69
C PRO A 237 27.42 -13.12 14.96
N ILE A 238 28.45 -12.86 15.76
CA ILE A 238 29.77 -12.47 15.26
C ILE A 238 30.26 -13.62 14.31
N PRO A 239 30.78 -13.28 13.12
CA PRO A 239 31.40 -14.30 12.23
C PRO A 239 32.43 -15.16 12.97
N VAL A 240 32.44 -16.47 12.65
CA VAL A 240 33.30 -17.43 13.32
C VAL A 240 34.34 -17.92 12.32
N GLU A 241 35.62 -17.72 12.67
CA GLU A 241 36.69 -18.08 11.77
C GLU A 241 36.87 -19.63 11.73
N THR A 242 36.91 -20.18 10.51
CA THR A 242 37.31 -21.58 10.23
C THR A 242 38.45 -21.58 9.26
N PRO A 243 39.11 -22.72 9.11
CA PRO A 243 40.22 -22.83 8.13
C PRO A 243 39.85 -22.44 6.68
N GLU A 244 38.62 -22.61 6.30
CA GLU A 244 38.16 -22.37 4.94
C GLU A 244 37.41 -21.05 4.68
N GLY A 245 37.04 -20.36 5.78
CA GLY A 245 36.46 -19.06 5.66
C GLY A 245 35.66 -18.70 6.92
N TRP A 246 34.82 -17.71 6.77
CA TRP A 246 34.07 -17.26 7.90
C TRP A 246 32.71 -17.94 7.92
N LEU A 247 32.39 -18.61 9.02
CA LEU A 247 31.06 -19.11 9.21
C LEU A 247 30.11 -17.95 9.65
N LEU A 248 29.12 -17.65 8.84
CA LEU A 248 28.14 -16.64 9.12
C LEU A 248 26.84 -17.30 9.41
N ILE A 249 26.32 -17.04 10.61
CA ILE A 249 24.97 -17.41 10.95
CA ILE A 249 24.97 -17.40 11.00
C ILE A 249 24.13 -16.15 10.82
N TYR A 250 23.02 -16.26 10.08
CA TYR A 250 22.23 -15.12 9.66
C TYR A 250 20.75 -15.49 9.68
N HIS A 251 19.90 -14.50 9.93
CA HIS A 251 18.43 -14.66 9.86
C HIS A 251 17.95 -14.41 8.44
N GLY A 252 16.87 -15.10 8.09
CA GLY A 252 16.14 -14.95 6.84
C GLY A 252 14.64 -14.85 7.18
N VAL A 253 13.94 -14.02 6.41
CA VAL A 253 12.52 -13.87 6.57
C VAL A 253 11.73 -14.41 5.39
N LEU A 254 10.63 -15.06 5.74
CA LEU A 254 9.66 -15.55 4.77
C LEU A 254 8.39 -14.71 5.04
N HIS A 255 7.81 -14.09 3.99
CA HIS A 255 6.57 -13.33 4.12
C HIS A 255 5.31 -14.17 3.86
N SER A 256 4.61 -14.60 4.91
CA SER A 256 3.42 -15.43 4.70
C SER A 256 2.25 -14.48 4.63
N CYS A 257 1.05 -15.01 4.41
CA CYS A 257 -0.05 -14.16 4.40
C CYS A 257 -0.29 -13.49 5.77
N ASN A 258 0.12 -14.12 6.86
CA ASN A 258 -0.08 -13.65 8.17
C ASN A 258 1.15 -13.12 8.92
N GLY A 259 2.19 -12.77 8.17
CA GLY A 259 3.32 -12.05 8.74
C GLY A 259 4.66 -12.62 8.32
N TYR A 260 5.66 -12.10 8.94
CA TYR A 260 7.01 -12.53 8.69
C TYR A 260 7.30 -13.71 9.62
N VAL A 261 8.00 -14.70 9.09
CA VAL A 261 8.57 -15.77 9.87
C VAL A 261 10.10 -15.64 9.78
N TYR A 262 10.76 -15.59 10.93
CA TYR A 262 12.21 -15.46 10.98
C TYR A 262 12.81 -16.78 11.34
N SER A 263 13.65 -17.26 10.44
CA SER A 263 14.36 -18.51 10.66
C SER A 263 15.87 -18.15 10.56
N PHE A 264 16.79 -19.06 10.91
CA PHE A 264 18.18 -18.78 10.63
C PHE A 264 18.97 -19.96 10.06
N GLY A 265 20.04 -19.60 9.38
CA GLY A 265 20.85 -20.53 8.64
C GLY A 265 22.29 -20.06 8.57
N SER A 266 23.05 -20.73 7.69
CA SER A 266 24.51 -20.62 7.72
C SER A 266 25.07 -20.41 6.31
N ALA A 267 26.15 -19.67 6.25
CA ALA A 267 26.91 -19.47 5.04
C ALA A 267 28.38 -19.46 5.37
N LEU A 268 29.22 -19.63 4.35
CA LEU A 268 30.68 -19.59 4.49
C LEU A 268 31.22 -18.50 3.58
N LEU A 269 31.93 -17.52 4.17
CA LEU A 269 32.48 -16.40 3.40
C LEU A 269 33.97 -16.62 3.18
N ASP A 270 34.49 -16.08 2.07
CA ASP A 270 35.96 -16.07 1.81
C ASP A 270 36.67 -15.39 2.98
N LEU A 271 37.81 -15.94 3.39
CA LEU A 271 38.57 -15.44 4.56
C LEU A 271 39.13 -14.02 4.41
N ASP A 272 39.65 -13.73 3.22
CA ASP A 272 40.33 -12.47 2.92
C ASP A 272 39.41 -11.39 2.40
N GLU A 273 38.32 -11.77 1.71
CA GLU A 273 37.41 -10.84 1.10
C GLU A 273 36.02 -11.34 1.41
N PRO A 274 35.54 -11.07 2.64
CA PRO A 274 34.33 -11.74 3.16
C PRO A 274 33.01 -11.41 2.49
N TRP A 275 32.99 -10.45 1.59
CA TRP A 275 31.84 -10.27 0.72
C TRP A 275 31.72 -11.38 -0.29
N LYS A 276 32.75 -12.20 -0.49
CA LYS A 276 32.63 -13.28 -1.46
C LYS A 276 32.11 -14.49 -0.75
N VAL A 277 30.90 -14.91 -1.12
CA VAL A 277 30.23 -16.00 -0.44
C VAL A 277 30.67 -17.30 -1.14
N LYS A 278 31.08 -18.27 -0.37
CA LYS A 278 31.45 -19.56 -0.93
C LYS A 278 30.34 -20.62 -0.93
N PHE A 279 29.61 -20.75 0.21
CA PHE A 279 28.51 -21.66 0.33
C PHE A 279 27.40 -20.98 1.15
N ARG A 280 26.17 -21.32 0.86
CA ARG A 280 25.01 -20.75 1.54
C ARG A 280 23.93 -21.83 1.64
N SER A 281 23.46 -22.11 2.84
CA SER A 281 22.56 -23.20 3.10
C SER A 281 21.21 -23.04 2.41
N GLY A 282 20.72 -24.08 1.75
CA GLY A 282 19.38 -24.06 1.25
C GLY A 282 18.35 -24.18 2.39
N PRO A 283 18.51 -25.18 3.22
CA PRO A 283 17.69 -25.36 4.39
C PRO A 283 18.09 -24.37 5.51
N TYR A 284 17.14 -24.07 6.39
CA TYR A 284 17.45 -23.40 7.62
C TYR A 284 18.20 -24.31 8.60
N LEU A 285 18.87 -23.73 9.59
CA LEU A 285 19.33 -24.50 10.76
C LEU A 285 18.25 -24.64 11.84
N LEU A 286 17.42 -23.60 11.95
CA LEU A 286 16.41 -23.48 13.00
C LEU A 286 15.30 -22.60 12.47
N ALA A 287 14.08 -22.94 12.84
CA ALA A 287 12.91 -22.16 12.47
C ALA A 287 11.88 -22.26 13.59
N PRO A 288 10.95 -21.30 13.69
CA PRO A 288 10.03 -21.28 14.86
C PRO A 288 9.15 -22.50 14.89
N ARG A 289 9.20 -23.15 16.05
CA ARG A 289 8.59 -24.41 16.25
C ARG A 289 7.94 -24.54 17.63
N GLU A 290 8.64 -24.22 18.67
CA GLU A 290 8.15 -24.40 20.02
C GLU A 290 7.25 -23.24 20.40
N PRO A 291 6.39 -23.46 21.38
CA PRO A 291 5.49 -22.35 21.80
C PRO A 291 6.21 -21.08 22.20
N TYR A 292 7.40 -21.16 22.80
CA TYR A 292 8.12 -19.94 23.12
C TYR A 292 8.71 -19.16 21.91
N GLU A 293 8.78 -19.81 20.76
CA GLU A 293 9.17 -19.19 19.47
C GLU A 293 7.98 -18.73 18.66
N CYS A 294 6.83 -19.37 18.89
CA CYS A 294 5.65 -19.12 18.07
C CYS A 294 4.64 -18.12 18.71
N MET A 295 4.59 -18.03 20.03
CA MET A 295 3.69 -17.15 20.75
C MET A 295 4.48 -16.15 21.59
N GLY A 296 4.13 -14.85 21.48
CA GLY A 296 4.68 -13.82 22.38
C GLY A 296 4.48 -12.49 21.66
N ASP A 297 5.34 -11.54 21.94
CA ASP A 297 5.16 -10.22 21.46
C ASP A 297 5.18 -10.11 19.89
N VAL A 298 5.99 -10.95 19.27
CA VAL A 298 6.09 -11.01 17.83
C VAL A 298 6.18 -12.50 17.48
N PRO A 299 5.07 -13.05 17.06
CA PRO A 299 5.03 -14.46 16.90
C PRO A 299 5.95 -14.94 15.75
N ASN A 300 6.46 -16.14 15.87
CA ASN A 300 7.19 -16.86 14.79
C ASN A 300 8.57 -16.23 14.50
N VAL A 301 9.37 -16.07 15.53
CA VAL A 301 10.65 -15.40 15.38
C VAL A 301 11.72 -16.22 16.08
N CYS A 302 12.75 -16.64 15.33
CA CYS A 302 14.02 -17.13 15.87
C CYS A 302 15.13 -16.21 15.33
N PHE A 303 15.72 -15.39 16.21
CA PHE A 303 16.63 -14.32 15.80
C PHE A 303 17.96 -14.47 16.53
N PRO A 304 18.96 -15.07 15.88
CA PRO A 304 20.25 -15.23 16.54
C PRO A 304 21.06 -13.95 16.63
N CYS A 305 21.67 -13.72 17.82
CA CYS A 305 22.51 -12.51 18.01
CA CYS A 305 22.34 -12.53 18.28
C CYS A 305 23.84 -12.76 18.67
N ALA A 306 24.13 -14.01 19.11
CA ALA A 306 25.42 -14.31 19.68
C ALA A 306 25.69 -15.76 19.65
N ALA A 307 26.98 -16.09 19.70
CA ALA A 307 27.41 -17.49 19.83
C ALA A 307 28.68 -17.56 20.64
N LEU A 308 28.86 -18.64 21.39
CA LEU A 308 30.09 -18.93 22.05
C LEU A 308 30.63 -20.22 21.34
N HIS A 309 31.94 -20.31 21.09
CA HIS A 309 32.46 -21.53 20.46
C HIS A 309 33.82 -21.93 20.97
N ASP A 310 34.16 -23.18 20.71
CA ASP A 310 35.45 -23.76 21.17
C ASP A 310 36.03 -24.53 20.00
N ASN A 311 37.11 -24.01 19.42
CA ASN A 311 37.69 -24.64 18.25
C ASN A 311 38.29 -26.01 18.53
N GLU A 312 38.65 -26.30 19.76
CA GLU A 312 39.26 -27.59 20.06
C GLU A 312 38.23 -28.68 20.08
N THR A 313 37.02 -28.41 20.54
CA THR A 313 35.96 -29.43 20.49
C THR A 313 35.02 -29.29 19.29
N GLY A 314 35.06 -28.18 18.57
CA GLY A 314 34.02 -27.84 17.56
C GLY A 314 32.66 -27.40 18.13
N ARG A 315 32.49 -27.43 19.45
CA ARG A 315 31.22 -27.00 20.06
C ARG A 315 30.90 -25.52 19.79
N ILE A 316 29.64 -25.29 19.42
CA ILE A 316 29.05 -23.97 19.33
C ILE A 316 27.70 -23.94 20.03
N ALA A 317 27.48 -22.81 20.73
CA ALA A 317 26.24 -22.48 21.40
C ALA A 317 25.71 -21.14 20.92
N ILE A 318 24.47 -21.13 20.40
CA ILE A 318 23.93 -20.00 19.66
C ILE A 318 22.79 -19.47 20.41
N TYR A 319 22.88 -18.19 20.78
CA TYR A 319 21.83 -17.52 21.52
C TYR A 319 20.87 -16.91 20.53
N TYR A 320 19.55 -17.12 20.73
CA TYR A 320 18.59 -16.44 19.83
C TYR A 320 17.38 -15.94 20.55
N GLY A 321 16.86 -14.80 20.08
CA GLY A 321 15.56 -14.30 20.50
C GLY A 321 14.43 -15.17 20.03
N CYS A 322 13.46 -15.34 20.89
CA CYS A 322 12.32 -16.14 20.67
C CYS A 322 11.07 -15.29 20.77
N ALA A 323 10.36 -15.15 19.66
CA ALA A 323 9.17 -14.38 19.58
C ALA A 323 9.31 -12.95 20.12
N ASP A 324 10.50 -12.43 19.96
CA ASP A 324 10.83 -11.14 20.58
C ASP A 324 10.39 -11.05 22.04
N THR A 325 10.51 -12.12 22.78
CA THR A 325 10.01 -12.20 24.11
C THR A 325 11.04 -12.70 25.13
N VAL A 326 11.68 -13.79 24.78
CA VAL A 326 12.62 -14.44 25.62
C VAL A 326 13.84 -14.87 24.82
N THR A 327 14.86 -15.42 25.49
CA THR A 327 16.08 -15.82 24.83
C THR A 327 16.27 -17.31 24.99
N GLY A 328 16.64 -17.95 23.90
CA GLY A 328 16.90 -19.38 23.95
C GLY A 328 18.35 -19.68 23.51
N LEU A 329 18.73 -20.94 23.67
CA LEU A 329 20.01 -21.47 23.26
C LEU A 329 19.82 -22.68 22.35
N ALA A 330 20.72 -22.85 21.36
CA ALA A 330 20.72 -24.05 20.48
C ALA A 330 22.19 -24.42 20.32
N PHE A 331 22.45 -25.69 20.18
CA PHE A 331 23.82 -26.22 20.20
C PHE A 331 24.12 -26.97 18.89
N GLY A 332 25.41 -27.05 18.55
CA GLY A 332 25.86 -27.91 17.48
C GLY A 332 27.37 -27.94 17.36
N TYR A 333 27.85 -28.59 16.31
CA TYR A 333 29.27 -28.67 16.04
C TYR A 333 29.64 -27.89 14.82
N ILE A 334 30.68 -27.07 14.90
CA ILE A 334 31.07 -26.29 13.76
C ILE A 334 31.38 -27.12 12.50
N PRO A 335 32.09 -28.27 12.64
CA PRO A 335 32.41 -29.02 11.41
C PRO A 335 31.16 -29.62 10.74
N GLU A 336 30.20 -30.01 11.55
CA GLU A 336 28.91 -30.51 10.98
C GLU A 336 28.12 -29.37 10.30
N ILE A 337 28.10 -28.19 10.92
CA ILE A 337 27.42 -27.05 10.33
C ILE A 337 28.12 -26.71 9.00
N ILE A 338 29.45 -26.72 8.96
CA ILE A 338 30.15 -26.43 7.73
C ILE A 338 29.84 -27.48 6.69
N GLU A 339 29.78 -28.74 7.06
CA GLU A 339 29.54 -29.82 6.11
C GLU A 339 28.12 -29.66 5.52
N PHE A 340 27.17 -29.32 6.38
CA PHE A 340 25.79 -29.12 5.96
C PHE A 340 25.69 -27.94 5.02
N THR A 341 26.35 -26.85 5.38
CA THR A 341 26.25 -25.64 4.59
C THR A 341 26.76 -25.93 3.18
N LYS A 342 27.81 -26.75 3.06
CA LYS A 342 28.35 -27.03 1.75
C LYS A 342 27.48 -27.98 0.97
N ARG A 343 27.09 -29.06 1.61
N ARG A 343 27.11 -29.08 1.61
CA ARG A 343 26.30 -30.09 0.97
CA ARG A 343 26.28 -30.10 0.97
C ARG A 343 24.90 -29.65 0.54
C ARG A 343 24.97 -29.53 0.45
N THR A 344 24.32 -28.64 1.22
CA THR A 344 23.05 -28.12 0.83
C THR A 344 23.12 -26.76 0.12
N SER A 345 24.32 -26.38 -0.29
CA SER A 345 24.54 -25.02 -0.75
C SER A 345 23.65 -24.71 -1.93
N ILE A 346 23.14 -23.49 -1.95
CA ILE A 346 22.37 -22.99 -3.11
C ILE A 346 23.23 -22.15 -4.02
N ILE A 347 24.44 -22.16 -3.72
CA ILE A 347 25.37 -21.58 -4.68
C ILE A 347 26.52 -22.55 -4.84
N VAL B 27 -14.45 -50.34 -0.16
CA VAL B 27 -13.82 -49.13 0.50
C VAL B 27 -14.39 -48.95 1.94
N ILE B 28 -13.56 -49.14 2.96
CA ILE B 28 -13.97 -48.74 4.30
C ILE B 28 -13.27 -47.41 4.68
N ILE B 29 -14.06 -46.37 4.81
CA ILE B 29 -13.54 -45.08 5.15
C ILE B 29 -13.38 -44.88 6.64
N PRO B 30 -12.46 -43.97 7.02
CA PRO B 30 -12.28 -43.68 8.45
C PRO B 30 -13.49 -43.05 9.05
N TRP B 31 -13.76 -43.39 10.33
CA TRP B 31 -14.92 -42.86 10.99
C TRP B 31 -14.74 -42.81 12.49
N GLU B 32 -15.26 -41.73 13.08
CA GLU B 32 -15.49 -41.64 14.51
C GLU B 32 -16.85 -41.08 14.75
N GLU B 33 -17.58 -41.73 15.65
CA GLU B 33 -18.96 -41.34 15.88
C GLU B 33 -18.98 -39.97 16.57
N ARG B 34 -20.02 -39.20 16.33
CA ARG B 34 -20.09 -37.92 16.97
C ARG B 34 -20.13 -38.12 18.46
N PRO B 35 -19.38 -37.31 19.17
CA PRO B 35 -19.40 -37.35 20.62
C PRO B 35 -20.77 -37.15 21.26
N ALA B 36 -20.91 -37.71 22.46
CA ALA B 36 -22.10 -37.53 23.28
C ALA B 36 -22.46 -36.06 23.40
N GLY B 37 -23.71 -35.77 23.05
CA GLY B 37 -24.25 -34.41 22.97
C GLY B 37 -23.43 -33.36 22.21
N CYS B 38 -22.62 -33.75 21.24
CA CYS B 38 -22.05 -32.76 20.34
C CYS B 38 -23.17 -32.50 19.36
N LYS B 39 -23.52 -31.24 19.20
CA LYS B 39 -24.49 -30.87 18.24
C LYS B 39 -23.91 -30.33 16.95
N ASP B 40 -22.62 -30.42 16.71
CA ASP B 40 -22.07 -29.76 15.53
C ASP B 40 -22.27 -30.67 14.31
N VAL B 41 -22.31 -30.08 13.14
CA VAL B 41 -22.45 -30.82 11.94
C VAL B 41 -21.20 -31.63 11.58
N LEU B 42 -20.00 -31.08 11.84
CA LEU B 42 -18.73 -31.79 11.70
C LEU B 42 -18.04 -31.83 13.04
N TRP B 43 -17.26 -32.86 13.23
CA TRP B 43 -16.51 -32.96 14.43
C TRP B 43 -15.11 -33.49 14.13
N ARG B 44 -14.11 -33.00 14.85
CA ARG B 44 -12.72 -33.36 14.62
C ARG B 44 -12.39 -34.75 15.13
N SER B 45 -11.45 -35.38 14.45
CA SER B 45 -10.89 -36.62 14.94
C SER B 45 -10.18 -36.37 16.25
N VAL B 46 -10.41 -37.29 17.19
CA VAL B 46 -9.66 -37.23 18.41
C VAL B 46 -8.18 -37.54 18.18
N ALA B 47 -7.82 -38.12 17.04
CA ALA B 47 -6.39 -38.40 16.74
C ALA B 47 -5.69 -37.23 16.00
N ASN B 48 -6.34 -36.07 15.90
CA ASN B 48 -5.70 -34.97 15.20
C ASN B 48 -4.45 -34.45 15.91
N PRO B 49 -3.40 -34.05 15.21
CA PRO B 49 -3.23 -34.19 13.74
C PRO B 49 -2.91 -35.62 13.37
N ILE B 50 -3.50 -36.10 12.26
CA ILE B 50 -3.24 -37.43 11.78
C ILE B 50 -1.94 -37.54 11.03
N ILE B 51 -1.42 -36.44 10.51
CA ILE B 51 -0.12 -36.48 9.83
C ILE B 51 0.75 -35.39 10.45
N PRO B 52 1.90 -35.78 11.01
CA PRO B 52 2.76 -34.79 11.62
C PRO B 52 3.66 -34.05 10.64
N ARG B 53 4.24 -32.96 11.09
CA ARG B 53 5.05 -32.09 10.20
C ARG B 53 6.38 -32.73 9.80
N ASP B 54 6.88 -33.60 10.64
CA ASP B 54 8.21 -34.17 10.50
C ASP B 54 8.22 -35.66 10.13
N LEU B 55 7.20 -36.02 9.37
CA LEU B 55 7.14 -37.38 8.89
C LEU B 55 8.31 -37.75 8.01
N LEU B 56 8.79 -36.85 7.17
CA LEU B 56 9.92 -37.19 6.31
C LEU B 56 11.17 -36.57 6.86
N PRO B 57 12.32 -37.09 6.44
CA PRO B 57 13.55 -36.55 7.03
C PRO B 57 13.77 -35.07 6.80
N THR B 58 13.29 -34.54 5.67
CA THR B 58 13.48 -33.10 5.40
C THR B 58 12.16 -32.28 5.35
N SER B 59 11.07 -32.85 5.86
CA SER B 59 9.80 -32.10 5.88
C SER B 59 9.75 -31.09 6.97
N ASN B 60 9.29 -29.91 6.60
CA ASN B 60 8.97 -28.81 7.50
C ASN B 60 7.49 -28.85 7.86
N SER B 61 6.67 -29.21 6.88
CA SER B 61 5.22 -29.21 7.12
C SER B 61 4.55 -30.09 6.10
N ILE B 62 3.41 -30.67 6.46
CA ILE B 62 2.65 -31.54 5.52
C ILE B 62 1.17 -31.25 5.77
N PHE B 63 0.52 -30.71 4.76
N PHE B 63 0.53 -30.58 4.86
CA PHE B 63 -0.80 -30.13 4.87
CA PHE B 63 -0.72 -29.97 5.23
C PHE B 63 -1.40 -29.96 3.48
C PHE B 63 -1.73 -29.88 4.13
N ASN B 64 -2.65 -29.54 3.42
N ASN B 64 -1.46 -30.51 2.99
CA ASN B 64 -3.28 -29.17 2.15
CA ASN B 64 -2.49 -30.79 2.03
C ASN B 64 -3.12 -30.24 1.12
C ASN B 64 -2.40 -32.27 1.74
N SER B 65 -3.50 -31.48 1.47
N SER B 65 -3.52 -32.97 1.80
CA SER B 65 -3.18 -32.71 0.68
CA SER B 65 -3.59 -34.41 1.64
C SER B 65 -4.39 -33.50 0.18
C SER B 65 -4.65 -34.72 0.59
N ALA B 66 -4.18 -34.33 -0.85
N ALA B 66 -4.23 -34.97 -0.64
CA ALA B 66 -5.27 -35.02 -1.58
CA ALA B 66 -5.15 -35.18 -1.73
C ALA B 66 -5.24 -36.53 -1.37
C ALA B 66 -5.40 -36.68 -1.86
N VAL B 67 -6.39 -37.15 -1.12
CA VAL B 67 -6.52 -38.58 -0.79
C VAL B 67 -7.67 -39.22 -1.56
N VAL B 68 -7.49 -40.48 -1.95
CA VAL B 68 -8.51 -41.23 -2.73
C VAL B 68 -8.44 -42.74 -2.42
N PRO B 69 -9.56 -43.49 -2.60
CA PRO B 69 -9.47 -44.95 -2.53
C PRO B 69 -8.54 -45.40 -3.68
N PHE B 70 -7.72 -46.39 -3.43
CA PHE B 70 -6.87 -46.99 -4.42
C PHE B 70 -6.57 -48.47 -4.07
N GLY B 71 -6.85 -49.36 -5.02
CA GLY B 71 -6.63 -50.81 -4.80
C GLY B 71 -7.48 -51.18 -3.58
N ASP B 72 -6.88 -51.77 -2.58
CA ASP B 72 -7.63 -52.18 -1.37
C ASP B 72 -7.28 -51.29 -0.16
N GLY B 73 -6.78 -50.08 -0.41
CA GLY B 73 -6.48 -49.12 0.64
C GLY B 73 -6.59 -47.76 -0.01
N PHE B 74 -5.63 -46.88 0.23
CA PHE B 74 -5.78 -45.49 -0.18
C PHE B 74 -4.47 -44.96 -0.71
N ALA B 75 -4.54 -43.97 -1.60
CA ALA B 75 -3.39 -43.29 -2.10
C ALA B 75 -3.63 -41.77 -1.99
N GLY B 76 -2.52 -41.04 -2.05
CA GLY B 76 -2.63 -39.57 -2.13
C GLY B 76 -1.45 -38.87 -2.67
N VAL B 77 -1.65 -37.59 -2.93
CA VAL B 77 -0.59 -36.69 -3.32
C VAL B 77 -0.62 -35.59 -2.21
N PHE B 78 0.53 -35.39 -1.61
CA PHE B 78 0.68 -34.58 -0.41
C PHE B 78 1.58 -33.40 -0.69
N ARG B 79 1.20 -32.23 -0.20
CA ARG B 79 2.08 -31.10 -0.25
C ARG B 79 2.95 -31.20 0.99
N CYS B 80 4.24 -31.38 0.79
CA CYS B 80 5.22 -31.48 1.84
C CYS B 80 6.20 -30.35 1.61
N ASP B 81 6.19 -29.35 2.47
CA ASP B 81 7.12 -28.27 2.23
C ASP B 81 8.39 -28.69 2.99
N ASP B 82 9.56 -28.50 2.40
CA ASP B 82 10.79 -28.97 3.07
C ASP B 82 11.45 -27.95 3.96
N THR B 83 12.62 -28.28 4.49
CA THR B 83 13.34 -27.37 5.35
C THR B 83 14.02 -26.19 4.59
N SER B 84 13.97 -26.16 3.25
CA SER B 84 14.34 -24.97 2.48
C SER B 84 13.09 -24.14 2.18
N ARG B 85 11.97 -24.60 2.74
CA ARG B 85 10.62 -24.07 2.47
C ARG B 85 10.28 -24.07 0.98
N ARG B 86 10.79 -25.09 0.28
CA ARG B 86 10.33 -25.37 -1.08
C ARG B 86 9.03 -26.19 -1.00
N MET B 87 8.14 -25.93 -1.94
CA MET B 87 6.83 -26.63 -2.07
C MET B 87 6.97 -27.78 -3.02
N ARG B 88 6.90 -28.99 -2.50
CA ARG B 88 6.91 -30.17 -3.37
C ARG B 88 5.70 -31.10 -3.11
N LEU B 89 5.43 -31.94 -4.11
CA LEU B 89 4.40 -32.99 -4.01
C LEU B 89 4.98 -34.37 -3.79
N HIS B 90 4.47 -35.11 -2.82
CA HIS B 90 4.92 -36.47 -2.64
C HIS B 90 3.69 -37.44 -2.65
N VAL B 91 3.91 -38.63 -3.15
CA VAL B 91 2.93 -39.66 -3.16
C VAL B 91 2.94 -40.34 -1.79
N GLY B 92 1.76 -40.67 -1.33
CA GLY B 92 1.65 -41.58 -0.15
C GLY B 92 0.64 -42.67 -0.32
N PHE B 93 0.74 -43.67 0.57
CA PHE B 93 -0.16 -44.82 0.62
C PHE B 93 -0.54 -45.15 2.04
N SER B 94 -1.68 -45.77 2.20
CA SER B 94 -2.23 -46.07 3.52
C SER B 94 -3.27 -47.19 3.34
N LYS B 95 -3.32 -48.09 4.29
CA LYS B 95 -4.35 -49.14 4.29
C LYS B 95 -5.64 -48.59 4.93
N ASP B 96 -5.53 -47.63 5.82
CA ASP B 96 -6.73 -47.13 6.55
C ASP B 96 -7.05 -45.63 6.34
N ALA B 97 -6.25 -44.92 5.56
CA ALA B 97 -6.42 -43.47 5.32
C ALA B 97 -6.12 -42.53 6.52
N ILE B 98 -5.57 -43.11 7.60
N ILE B 98 -5.53 -43.11 7.56
CA ILE B 98 -5.17 -42.42 8.81
CA ILE B 98 -5.20 -42.44 8.81
C ILE B 98 -3.67 -42.48 9.01
C ILE B 98 -3.70 -42.50 9.07
N ASN B 99 -3.08 -43.67 8.88
CA ASN B 99 -1.64 -43.86 9.08
C ASN B 99 -1.01 -43.92 7.68
N TRP B 100 -0.25 -42.89 7.33
CA TRP B 100 0.27 -42.70 5.99
C TRP B 100 1.78 -42.99 5.84
N ASN B 101 2.14 -43.67 4.76
CA ASN B 101 3.53 -43.82 4.37
C ASN B 101 3.76 -42.99 3.16
N ILE B 102 4.47 -41.90 3.35
CA ILE B 102 4.68 -40.95 2.28
C ILE B 102 6.09 -41.12 1.75
N LYS B 103 6.26 -41.09 0.44
CA LYS B 103 7.52 -41.28 -0.15
C LYS B 103 8.46 -40.12 0.16
N GLU B 104 9.70 -40.46 0.47
CA GLU B 104 10.67 -39.43 0.80
C GLU B 104 11.02 -38.55 -0.35
N GLU B 105 11.08 -39.08 -1.56
CA GLU B 105 11.46 -38.32 -2.71
C GLU B 105 10.24 -37.63 -3.35
N PRO B 106 10.35 -36.36 -3.73
CA PRO B 106 9.26 -35.71 -4.43
C PRO B 106 8.92 -36.45 -5.74
N LEU B 107 7.69 -36.52 -6.04
CA LEU B 107 7.08 -36.97 -7.25
C LEU B 107 7.71 -36.28 -8.43
N LYS B 108 7.91 -36.78 -9.47
CA LYS B 108 8.28 -36.10 -10.69
C LYS B 108 7.30 -36.38 -11.79
N PHE B 109 6.98 -35.39 -12.61
CA PHE B 109 6.02 -35.66 -13.69
C PHE B 109 6.76 -35.94 -14.97
N GLN B 110 6.24 -36.86 -15.78
CA GLN B 110 6.78 -37.08 -17.13
C GLN B 110 5.97 -36.16 -18.01
N CYS B 111 6.62 -35.53 -18.94
CA CYS B 111 5.90 -34.64 -19.81
C CYS B 111 6.42 -34.65 -21.27
N ASP B 112 5.49 -34.66 -22.19
CA ASP B 112 5.81 -34.68 -23.60
C ASP B 112 6.61 -33.44 -23.97
N ASP B 113 6.28 -32.31 -23.34
CA ASP B 113 6.72 -31.01 -23.81
C ASP B 113 7.65 -30.44 -22.76
N GLU B 114 8.87 -30.13 -23.12
CA GLU B 114 9.85 -29.80 -22.12
C GLU B 114 9.59 -28.46 -21.45
N GLU B 115 8.98 -27.52 -22.16
CA GLU B 115 8.59 -26.27 -21.57
C GLU B 115 7.56 -26.45 -20.45
N ILE B 116 6.46 -27.14 -20.72
CA ILE B 116 5.42 -27.33 -19.75
C ILE B 116 5.93 -28.22 -18.65
N GLY B 117 6.81 -29.17 -18.99
CA GLY B 117 7.34 -30.12 -18.02
C GLY B 117 8.46 -29.59 -17.12
N THR B 118 8.82 -28.32 -17.24
CA THR B 118 9.75 -27.69 -16.32
C THR B 118 9.13 -27.41 -14.92
N TRP B 119 9.77 -27.92 -13.90
CA TRP B 119 9.28 -27.81 -12.54
C TRP B 119 9.78 -26.51 -11.92
N VAL B 120 8.89 -25.64 -11.46
CA VAL B 120 9.30 -24.47 -10.66
C VAL B 120 8.87 -24.65 -9.21
N TYR B 121 7.57 -24.89 -9.00
CA TYR B 121 7.04 -25.28 -7.67
C TYR B 121 5.67 -25.89 -7.80
N GLY B 122 5.20 -26.54 -6.74
CA GLY B 122 3.81 -27.06 -6.77
C GLY B 122 3.20 -27.23 -5.42
N TYR B 123 1.95 -26.83 -5.31
CA TYR B 123 1.26 -26.96 -4.04
C TYR B 123 -0.20 -27.18 -4.30
N ASP B 124 -0.83 -27.55 -3.22
N ASP B 124 -0.94 -27.34 -3.25
CA ASP B 124 -2.27 -27.59 -3.04
CA ASP B 124 -2.40 -27.31 -3.35
C ASP B 124 -2.92 -28.54 -4.11
C ASP B 124 -2.97 -28.52 -4.21
N PRO B 125 -2.44 -29.77 -4.13
CA PRO B 125 -2.96 -30.88 -4.92
C PRO B 125 -4.43 -31.26 -4.59
N ARG B 126 -5.15 -31.68 -5.62
CA ARG B 126 -6.43 -32.36 -5.55
C ARG B 126 -6.38 -33.57 -6.50
N VAL B 127 -6.97 -34.67 -6.08
CA VAL B 127 -7.00 -35.90 -6.87
C VAL B 127 -8.42 -36.50 -6.94
N CYS B 128 -8.75 -36.98 -8.11
CA CYS B 128 -9.94 -37.77 -8.29
C CYS B 128 -9.81 -38.72 -9.47
N PHE B 129 -10.63 -39.75 -9.44
CA PHE B 129 -10.78 -40.69 -10.53
C PHE B 129 -11.84 -40.17 -11.50
N ILE B 130 -11.50 -40.07 -12.77
CA ILE B 130 -12.45 -39.80 -13.80
C ILE B 130 -12.43 -40.85 -14.94
N GLU B 131 -13.45 -41.69 -14.93
CA GLU B 131 -13.70 -42.71 -15.95
C GLU B 131 -12.74 -43.89 -15.99
N ASP B 132 -11.47 -43.63 -16.22
CA ASP B 132 -10.47 -44.67 -16.40
C ASP B 132 -9.09 -44.43 -15.80
N ARG B 133 -8.95 -43.37 -15.02
CA ARG B 133 -7.68 -43.06 -14.45
C ARG B 133 -7.82 -42.00 -13.36
N TYR B 134 -6.73 -41.80 -12.63
CA TYR B 134 -6.69 -40.72 -11.63
C TYR B 134 -6.13 -39.45 -12.22
N TYR B 135 -6.80 -38.33 -11.96
CA TYR B 135 -6.25 -37.06 -12.34
C TYR B 135 -5.79 -36.31 -11.09
N VAL B 136 -4.68 -35.59 -11.27
N VAL B 136 -4.66 -35.62 -11.21
CA VAL B 136 -4.08 -34.71 -10.26
CA VAL B 136 -4.20 -34.69 -10.15
C VAL B 136 -4.11 -33.30 -10.82
C VAL B 136 -4.04 -33.32 -10.75
N THR B 137 -4.60 -32.35 -10.02
CA THR B 137 -4.39 -30.90 -10.29
C THR B 137 -3.61 -30.34 -9.14
N TRP B 138 -2.86 -29.28 -9.44
CA TRP B 138 -2.14 -28.57 -8.43
C TRP B 138 -1.89 -27.13 -8.86
N CYS B 139 -1.44 -26.31 -7.90
CA CYS B 139 -1.00 -24.99 -8.23
C CYS B 139 0.42 -25.13 -8.66
N ASN B 140 0.60 -24.92 -9.95
CA ASN B 140 1.85 -25.20 -10.67
C ASN B 140 2.45 -23.91 -11.11
N GLY B 141 3.71 -23.70 -10.80
CA GLY B 141 4.43 -22.54 -11.33
C GLY B 141 4.77 -22.53 -12.84
N TYR B 142 4.17 -21.60 -13.57
CA TYR B 142 4.51 -21.37 -14.97
C TYR B 142 4.35 -19.88 -15.22
N HIS B 143 5.44 -19.14 -14.95
CA HIS B 143 5.40 -17.66 -14.97
C HIS B 143 4.30 -17.15 -14.07
N GLY B 144 4.20 -17.76 -12.89
CA GLY B 144 3.16 -17.49 -11.90
C GLY B 144 2.30 -18.69 -11.60
N PRO B 145 1.45 -18.58 -10.57
CA PRO B 145 0.63 -19.69 -10.26
C PRO B 145 -0.47 -19.94 -11.32
N THR B 146 -0.60 -21.20 -11.71
CA THR B 146 -1.65 -21.68 -12.53
C THR B 146 -2.02 -23.07 -12.10
N ILE B 147 -2.84 -23.76 -12.88
N ILE B 147 -2.92 -23.73 -12.84
CA ILE B 147 -3.34 -25.07 -12.48
CA ILE B 147 -3.36 -25.09 -12.51
C ILE B 147 -2.73 -26.11 -13.40
C ILE B 147 -2.66 -26.07 -13.44
N GLY B 148 -1.81 -26.87 -12.82
CA GLY B 148 -1.21 -28.00 -13.48
C GLY B 148 -2.20 -29.15 -13.47
N VAL B 149 -2.09 -29.99 -14.50
CA VAL B 149 -2.91 -31.18 -14.63
C VAL B 149 -2.04 -32.42 -14.98
N ALA B 150 -2.28 -33.58 -14.38
CA ALA B 150 -1.56 -34.78 -14.78
C ALA B 150 -2.48 -35.95 -14.56
N TYR B 151 -2.12 -37.10 -15.12
CA TYR B 151 -2.85 -38.33 -14.81
C TYR B 151 -1.93 -39.47 -14.39
N THR B 152 -2.51 -40.42 -13.66
CA THR B 152 -1.79 -41.66 -13.30
C THR B 152 -2.76 -42.81 -13.26
N PHE B 153 -2.26 -44.03 -13.60
CA PHE B 153 -2.99 -45.28 -13.31
C PHE B 153 -2.52 -45.96 -12.07
N ASP B 154 -1.36 -45.59 -11.57
CA ASP B 154 -0.76 -46.37 -10.51
C ASP B 154 -0.16 -45.60 -9.33
N PHE B 155 -0.22 -44.28 -9.36
CA PHE B 155 0.43 -43.43 -8.35
C PHE B 155 1.94 -43.65 -8.25
N GLU B 156 2.53 -44.06 -9.36
CA GLU B 156 4.00 -44.21 -9.48
C GLU B 156 4.46 -43.36 -10.64
N THR B 157 3.89 -43.57 -11.85
CA THR B 157 4.16 -42.69 -12.97
C THR B 157 3.02 -41.74 -13.25
N PHE B 158 3.38 -40.45 -13.35
CA PHE B 158 2.45 -39.40 -13.61
C PHE B 158 2.75 -38.69 -14.90
N HIS B 159 1.71 -38.54 -15.73
CA HIS B 159 1.89 -37.89 -17.01
C HIS B 159 1.25 -36.54 -16.99
N GLN B 160 2.04 -35.52 -17.27
CA GLN B 160 1.61 -34.15 -17.10
C GLN B 160 1.01 -33.71 -18.41
N LEU B 161 -0.07 -32.97 -18.31
CA LEU B 161 -0.78 -32.48 -19.42
C LEU B 161 -0.57 -30.99 -19.47
N GLU B 162 -1.18 -30.33 -20.45
CA GLU B 162 -1.19 -28.87 -20.46
C GLU B 162 -1.76 -28.23 -19.19
N ASN B 163 -1.14 -27.14 -18.73
CA ASN B 163 -1.71 -26.40 -17.67
C ASN B 163 -3.05 -25.94 -18.18
N ALA B 164 -4.06 -25.97 -17.32
CA ALA B 164 -5.41 -25.74 -17.81
C ALA B 164 -5.72 -24.32 -18.16
N PHE B 165 -5.10 -23.39 -17.44
CA PHE B 165 -5.39 -21.97 -17.62
C PHE B 165 -4.09 -21.18 -17.68
N ILE B 166 -4.26 -19.93 -18.06
CA ILE B 166 -3.19 -18.94 -18.00
C ILE B 166 -3.10 -18.52 -16.54
N PRO B 167 -1.90 -18.18 -16.07
CA PRO B 167 -1.86 -17.56 -14.72
C PRO B 167 -2.70 -16.29 -14.64
N PHE B 168 -3.17 -15.84 -13.46
CA PHE B 168 -2.93 -16.39 -12.15
C PHE B 168 -4.18 -17.07 -11.62
N ASN B 169 -3.99 -18.31 -11.23
CA ASN B 169 -5.09 -19.18 -10.88
C ASN B 169 -4.63 -20.28 -9.86
N ARG B 170 -5.52 -20.72 -9.03
CA ARG B 170 -5.18 -21.74 -8.01
C ARG B 170 -6.53 -22.31 -7.52
N ASN B 171 -6.50 -23.26 -6.61
CA ASN B 171 -7.70 -23.97 -6.15
C ASN B 171 -8.54 -24.61 -7.30
N GLY B 172 -7.79 -25.23 -8.23
CA GLY B 172 -8.33 -26.05 -9.22
C GLY B 172 -8.75 -27.39 -8.72
N VAL B 173 -10.03 -27.70 -8.96
CA VAL B 173 -10.64 -28.90 -8.44
C VAL B 173 -11.58 -29.50 -9.49
N LEU B 174 -11.20 -30.66 -10.03
CA LEU B 174 -11.96 -31.39 -10.97
C LEU B 174 -13.28 -31.99 -10.38
N PHE B 175 -14.32 -32.09 -11.24
CA PHE B 175 -15.45 -32.91 -10.93
C PHE B 175 -15.10 -34.39 -11.19
N PRO B 176 -15.67 -35.32 -10.39
CA PRO B 176 -15.29 -36.74 -10.45
C PRO B 176 -15.95 -37.54 -11.62
N ARG B 177 -16.63 -36.87 -12.54
CA ARG B 177 -17.15 -37.46 -13.75
C ARG B 177 -17.30 -36.35 -14.75
N LYS B 178 -17.55 -36.68 -16.00
CA LYS B 178 -17.88 -35.66 -16.98
C LYS B 178 -19.27 -35.12 -16.72
N ILE B 179 -19.47 -33.87 -17.13
CA ILE B 179 -20.73 -33.17 -17.00
C ILE B 179 -21.19 -32.97 -18.44
N ASN B 180 -22.23 -33.70 -18.80
CA ASN B 180 -22.78 -33.64 -20.18
C ASN B 180 -21.69 -33.88 -21.20
N GLY B 181 -20.85 -34.85 -20.93
CA GLY B 181 -19.84 -35.22 -21.88
C GLY B 181 -18.57 -34.38 -21.92
N ARG B 182 -18.37 -33.46 -21.00
CA ARG B 182 -17.09 -32.76 -20.95
C ARG B 182 -16.50 -32.84 -19.57
N PHE B 183 -15.19 -32.79 -19.50
CA PHE B 183 -14.53 -32.63 -18.19
C PHE B 183 -14.97 -31.29 -17.58
N ALA B 184 -14.94 -31.20 -16.27
CA ALA B 184 -15.27 -29.93 -15.63
C ALA B 184 -14.38 -29.66 -14.42
N MET B 185 -14.01 -28.39 -14.30
CA MET B 185 -13.11 -27.93 -13.24
C MET B 185 -13.52 -26.63 -12.56
N LEU B 186 -13.51 -26.61 -11.21
CA LEU B 186 -13.64 -25.32 -10.47
C LEU B 186 -12.24 -24.70 -10.40
N SER B 187 -12.14 -23.36 -10.44
CA SER B 187 -10.86 -22.74 -10.24
C SER B 187 -11.08 -21.40 -9.53
N ARG B 188 -10.05 -20.55 -9.50
CA ARG B 188 -10.06 -19.41 -8.59
C ARG B 188 -9.05 -18.37 -9.05
N PRO B 189 -9.51 -17.46 -9.89
CA PRO B 189 -8.57 -16.53 -10.40
C PRO B 189 -7.93 -15.73 -9.28
N SER B 190 -6.65 -15.49 -9.46
CA SER B 190 -5.79 -15.02 -8.35
C SER B 190 -4.88 -13.91 -8.86
N ASP B 191 -3.86 -13.55 -8.07
CA ASP B 191 -2.80 -12.63 -8.51
C ASP B 191 -1.49 -13.31 -8.22
N ASN B 192 -0.39 -12.58 -8.30
CA ASN B 192 0.89 -13.21 -8.02
C ASN B 192 1.38 -12.99 -6.59
N GLY B 193 0.51 -12.78 -5.63
CA GLY B 193 0.99 -12.63 -4.25
C GLY B 193 -0.02 -13.24 -3.30
N HIS B 194 -0.15 -12.59 -2.14
CA HIS B 194 -1.10 -13.04 -1.15
C HIS B 194 -2.45 -12.43 -1.57
N THR B 195 -3.18 -13.19 -2.34
CA THR B 195 -4.30 -12.63 -3.07
C THR B 195 -5.38 -12.08 -2.13
N PRO B 196 -5.78 -10.82 -2.24
CA PRO B 196 -6.75 -10.24 -1.31
C PRO B 196 -8.22 -10.31 -1.81
N PHE B 197 -8.47 -11.14 -2.80
CA PHE B 197 -9.78 -11.26 -3.42
C PHE B 197 -9.90 -12.72 -3.89
N GLY B 198 -11.10 -13.16 -4.27
CA GLY B 198 -11.22 -14.44 -4.91
C GLY B 198 -12.62 -15.01 -5.09
N ASP B 199 -13.07 -15.12 -6.30
CA ASP B 199 -14.28 -15.81 -6.70
C ASP B 199 -13.95 -17.23 -7.23
N ILE B 200 -14.86 -18.17 -7.02
CA ILE B 200 -14.83 -19.47 -7.64
C ILE B 200 -15.49 -19.42 -9.03
N PHE B 201 -14.79 -19.99 -9.99
CA PHE B 201 -15.21 -20.14 -11.35
C PHE B 201 -15.32 -21.64 -11.68
N TYR B 202 -15.95 -21.89 -12.83
CA TYR B 202 -16.24 -23.19 -13.37
C TYR B 202 -15.86 -23.17 -14.85
N SER B 203 -15.17 -24.20 -15.32
CA SER B 203 -14.77 -24.34 -16.73
C SER B 203 -14.90 -25.75 -17.23
N GLU B 204 -15.03 -25.90 -18.56
CA GLU B 204 -15.16 -27.20 -19.18
C GLU B 204 -14.14 -27.45 -20.27
N SER B 205 -13.91 -28.74 -20.53
CA SER B 205 -13.04 -29.15 -21.59
C SER B 205 -13.54 -30.44 -22.23
N PRO B 206 -13.50 -30.49 -23.56
CA PRO B 206 -13.83 -31.75 -24.19
C PRO B 206 -12.71 -32.74 -24.13
N ASP B 207 -11.48 -32.34 -23.81
CA ASP B 207 -10.32 -33.23 -24.13
C ASP B 207 -9.20 -33.17 -23.13
N MET B 208 -9.40 -32.43 -22.02
CA MET B 208 -8.32 -32.28 -21.04
C MET B 208 -7.12 -31.49 -21.62
N GLU B 209 -7.38 -30.64 -22.60
CA GLU B 209 -6.34 -29.86 -23.22
C GLU B 209 -6.81 -28.45 -23.41
N PHE B 210 -7.98 -28.27 -24.03
CA PHE B 210 -8.53 -26.97 -24.28
C PHE B 210 -9.73 -26.75 -23.35
N TRP B 211 -9.73 -25.58 -22.68
CA TRP B 211 -10.70 -25.29 -21.63
C TRP B 211 -11.50 -24.02 -22.03
N GLY B 212 -12.73 -23.95 -21.62
CA GLY B 212 -13.62 -22.86 -22.02
C GLY B 212 -14.99 -22.99 -21.38
N ARG B 213 -15.92 -22.17 -21.87
N ARG B 213 -15.95 -22.20 -21.87
CA ARG B 213 -17.26 -22.00 -21.32
CA ARG B 213 -17.28 -22.10 -21.29
C ARG B 213 -17.17 -21.69 -19.84
C ARG B 213 -17.17 -21.71 -19.81
N HIS B 214 -16.37 -20.68 -19.55
CA HIS B 214 -16.07 -20.28 -18.19
C HIS B 214 -17.32 -19.61 -17.61
N ARG B 215 -17.64 -19.95 -16.38
CA ARG B 215 -18.81 -19.40 -15.67
C ARG B 215 -18.43 -19.07 -14.21
N HIS B 216 -18.90 -17.91 -13.74
CA HIS B 216 -18.70 -17.46 -12.40
C HIS B 216 -19.58 -18.33 -11.56
N VAL B 217 -19.05 -18.90 -10.48
CA VAL B 217 -19.85 -19.68 -9.55
C VAL B 217 -20.31 -18.85 -8.31
N MET B 218 -19.36 -18.33 -7.55
CA MET B 218 -19.68 -17.45 -6.49
C MET B 218 -18.54 -16.57 -6.09
N SER B 219 -18.94 -15.48 -5.42
CA SER B 219 -18.09 -14.43 -4.92
C SER B 219 -18.08 -14.51 -3.40
N PRO B 220 -17.05 -13.95 -2.78
CA PRO B 220 -17.09 -13.77 -1.31
C PRO B 220 -18.40 -13.15 -0.87
N ALA B 221 -18.88 -13.56 0.30
CA ALA B 221 -20.06 -12.91 0.90
C ALA B 221 -19.79 -11.48 1.43
N ALA B 222 -20.84 -10.69 1.56
CA ALA B 222 -20.71 -9.44 2.20
C ALA B 222 -20.35 -9.73 3.68
N PHE B 223 -19.55 -8.87 4.27
CA PHE B 223 -19.13 -9.14 5.61
C PHE B 223 -20.23 -9.09 6.64
N GLU B 224 -21.21 -8.27 6.41
CA GLU B 224 -22.36 -8.19 7.30
C GLU B 224 -23.28 -9.44 7.27
N VAL B 225 -23.12 -10.23 6.22
CA VAL B 225 -23.90 -11.45 6.06
C VAL B 225 -23.16 -12.70 6.56
N SER B 226 -21.89 -12.85 6.19
CA SER B 226 -21.10 -14.06 6.47
C SER B 226 -19.65 -13.77 6.35
N ALA B 227 -19.07 -13.30 7.46
CA ALA B 227 -17.77 -12.69 7.41
C ALA B 227 -16.63 -13.71 7.34
N TRP B 228 -16.86 -14.97 7.73
CA TRP B 228 -15.81 -16.02 7.53
C TRP B 228 -15.42 -16.26 6.07
N GLN B 229 -16.21 -15.73 5.15
CA GLN B 229 -16.05 -15.94 3.71
C GLN B 229 -16.19 -14.64 2.96
N CYS B 230 -15.82 -13.52 3.60
CA CYS B 230 -16.02 -12.25 2.99
C CYS B 230 -14.82 -11.64 2.20
N THR B 231 -13.61 -12.13 2.41
CA THR B 231 -12.43 -11.62 1.70
C THR B 231 -12.18 -12.38 0.41
N LYS B 232 -12.15 -13.71 0.49
CA LYS B 232 -11.99 -14.62 -0.67
C LYS B 232 -12.44 -16.03 -0.32
N ILE B 233 -12.71 -16.81 -1.35
CA ILE B 233 -13.16 -18.16 -1.25
C ILE B 233 -12.38 -19.03 -2.27
N GLY B 234 -12.29 -20.32 -1.97
CA GLY B 234 -11.81 -21.33 -2.94
C GLY B 234 -12.35 -22.70 -2.69
N ALA B 235 -12.52 -23.47 -3.76
CA ALA B 235 -12.86 -24.83 -3.64
C ALA B 235 -11.82 -25.63 -2.89
N GLY B 236 -12.34 -26.60 -2.14
CA GLY B 236 -11.59 -27.54 -1.32
C GLY B 236 -11.59 -28.95 -1.91
N PRO B 237 -12.19 -29.91 -1.23
CA PRO B 237 -12.23 -31.27 -1.78
C PRO B 237 -12.98 -31.38 -3.07
N ILE B 238 -12.81 -32.52 -3.71
CA ILE B 238 -13.53 -32.84 -4.97
C ILE B 238 -15.04 -32.78 -4.67
N PRO B 239 -15.83 -32.17 -5.57
CA PRO B 239 -17.25 -32.06 -5.35
C PRO B 239 -17.87 -33.44 -5.11
N VAL B 240 -18.90 -33.55 -4.26
CA VAL B 240 -19.49 -34.83 -3.87
C VAL B 240 -20.90 -34.85 -4.42
N GLU B 241 -21.19 -35.85 -5.33
CA GLU B 241 -22.51 -35.90 -5.93
C GLU B 241 -23.59 -36.35 -4.94
N THR B 242 -24.65 -35.56 -4.83
CA THR B 242 -25.81 -35.91 -3.99
C THR B 242 -27.06 -35.78 -4.84
N PRO B 243 -28.20 -36.37 -4.39
CA PRO B 243 -29.44 -36.18 -5.16
C PRO B 243 -29.90 -34.73 -5.12
N GLU B 244 -29.46 -33.95 -4.10
CA GLU B 244 -29.79 -32.55 -3.99
C GLU B 244 -28.78 -31.57 -4.62
N GLY B 245 -27.82 -32.09 -5.36
CA GLY B 245 -26.78 -31.30 -6.00
C GLY B 245 -25.40 -31.77 -5.69
N TRP B 246 -24.42 -31.11 -6.32
CA TRP B 246 -23.05 -31.22 -5.90
C TRP B 246 -22.79 -30.54 -4.56
N LEU B 247 -22.30 -31.31 -3.60
CA LEU B 247 -21.89 -30.78 -2.31
C LEU B 247 -20.48 -30.25 -2.48
N LEU B 248 -20.32 -28.93 -2.40
CA LEU B 248 -19.02 -28.28 -2.47
C LEU B 248 -18.62 -27.86 -1.06
N ILE B 249 -17.46 -28.37 -0.61
CA ILE B 249 -16.83 -27.95 0.59
C ILE B 249 -15.70 -26.97 0.16
N TYR B 250 -15.68 -25.77 0.73
CA TYR B 250 -14.86 -24.69 0.22
C TYR B 250 -14.38 -23.86 1.43
N HIS B 251 -13.20 -23.26 1.29
CA HIS B 251 -12.63 -22.31 2.25
C HIS B 251 -13.06 -20.89 2.02
N GLY B 252 -13.11 -20.17 3.13
CA GLY B 252 -13.36 -18.77 3.14
C GLY B 252 -12.38 -18.09 4.05
N VAL B 253 -12.05 -16.86 3.67
CA VAL B 253 -11.15 -16.04 4.46
C VAL B 253 -11.82 -14.79 5.01
N LEU B 254 -11.53 -14.51 6.26
CA LEU B 254 -11.85 -13.27 6.94
C LEU B 254 -10.54 -12.55 7.26
N HIS B 255 -10.46 -11.29 6.93
CA HIS B 255 -9.28 -10.43 7.21
C HIS B 255 -9.40 -9.61 8.47
N SER B 256 -8.66 -9.99 9.49
CA SER B 256 -8.62 -9.25 10.76
C SER B 256 -7.44 -8.30 10.71
N CYS B 257 -7.23 -7.47 11.76
CA CYS B 257 -6.10 -6.56 11.74
C CYS B 257 -4.80 -7.37 11.76
N ASN B 258 -4.80 -8.61 12.27
CA ASN B 258 -3.61 -9.35 12.44
C ASN B 258 -3.42 -10.49 11.48
N GLY B 259 -4.20 -10.53 10.40
CA GLY B 259 -4.03 -11.62 9.41
C GLY B 259 -5.32 -12.22 8.89
N TYR B 260 -5.16 -13.27 8.10
CA TYR B 260 -6.28 -13.94 7.51
C TYR B 260 -6.63 -15.17 8.40
N VAL B 261 -7.91 -15.44 8.56
CA VAL B 261 -8.38 -16.66 9.23
C VAL B 261 -9.11 -17.45 8.16
N TYR B 262 -8.69 -18.70 7.97
CA TYR B 262 -9.34 -19.55 7.03
C TYR B 262 -10.27 -20.56 7.71
N SER B 263 -11.53 -20.53 7.31
CA SER B 263 -12.53 -21.45 7.80
C SER B 263 -13.06 -22.12 6.54
N PHE B 264 -13.93 -23.11 6.75
CA PHE B 264 -14.55 -23.73 5.64
C PHE B 264 -16.01 -24.06 5.91
N GLY B 265 -16.73 -24.15 4.81
CA GLY B 265 -18.15 -24.37 4.77
C GLY B 265 -18.65 -25.17 3.58
N SER B 266 -19.97 -25.07 3.31
CA SER B 266 -20.61 -25.93 2.30
C SER B 266 -21.59 -25.17 1.44
N ALA B 267 -21.61 -25.58 0.17
CA ALA B 267 -22.59 -25.13 -0.77
C ALA B 267 -23.16 -26.33 -1.57
N LEU B 268 -24.35 -26.13 -2.14
CA LEU B 268 -24.90 -27.10 -3.08
C LEU B 268 -25.02 -26.47 -4.47
N LEU B 269 -24.46 -27.13 -5.46
CA LEU B 269 -24.48 -26.67 -6.83
C LEU B 269 -25.43 -27.52 -7.67
N ASP B 270 -26.09 -26.88 -8.62
CA ASP B 270 -26.94 -27.62 -9.57
C ASP B 270 -26.20 -28.80 -10.25
N LEU B 271 -26.87 -29.96 -10.31
CA LEU B 271 -26.26 -31.12 -10.89
C LEU B 271 -25.82 -30.97 -12.33
N ASP B 272 -26.71 -30.39 -13.12
CA ASP B 272 -26.51 -30.28 -14.57
C ASP B 272 -25.70 -29.05 -14.96
N GLU B 273 -25.81 -27.97 -14.20
CA GLU B 273 -25.10 -26.74 -14.48
C GLU B 273 -24.42 -26.26 -13.20
N PRO B 274 -23.21 -26.81 -12.90
CA PRO B 274 -22.72 -26.66 -11.50
C PRO B 274 -22.21 -25.29 -11.13
N TRP B 275 -22.20 -24.35 -12.07
CA TRP B 275 -21.93 -22.97 -11.77
C TRP B 275 -23.15 -22.32 -11.17
N LYS B 276 -24.31 -22.95 -11.20
CA LYS B 276 -25.48 -22.35 -10.53
C LYS B 276 -25.56 -22.84 -9.10
N VAL B 277 -25.46 -21.91 -8.14
CA VAL B 277 -25.42 -22.28 -6.74
C VAL B 277 -26.81 -22.30 -6.25
N LYS B 278 -27.22 -23.39 -5.66
CA LYS B 278 -28.57 -23.44 -5.15
C LYS B 278 -28.70 -23.02 -3.71
N PHE B 279 -27.77 -23.45 -2.88
CA PHE B 279 -27.74 -23.06 -1.43
C PHE B 279 -26.29 -22.88 -1.01
N ARG B 280 -26.08 -22.00 -0.03
CA ARG B 280 -24.73 -21.66 0.38
C ARG B 280 -24.74 -21.38 1.87
N SER B 281 -23.89 -22.02 2.70
CA SER B 281 -24.05 -21.87 4.15
C SER B 281 -23.70 -20.50 4.66
N GLY B 282 -24.47 -20.07 5.66
CA GLY B 282 -24.15 -18.84 6.41
C GLY B 282 -23.04 -19.06 7.41
N PRO B 283 -23.21 -20.05 8.31
CA PRO B 283 -22.15 -20.41 9.22
C PRO B 283 -21.08 -21.25 8.54
N TYR B 284 -19.88 -21.26 9.12
CA TYR B 284 -18.85 -22.18 8.75
C TYR B 284 -19.22 -23.58 9.29
N LEU B 285 -18.60 -24.62 8.70
CA LEU B 285 -18.57 -25.97 9.24
C LEU B 285 -17.49 -26.11 10.26
N LEU B 286 -16.37 -25.42 10.02
CA LEU B 286 -15.19 -25.62 10.86
C LEU B 286 -14.30 -24.40 10.75
N ALA B 287 -13.74 -24.01 11.90
CA ALA B 287 -12.92 -22.81 12.00
C ALA B 287 -11.81 -23.03 13.00
N PRO B 288 -10.70 -22.30 12.85
CA PRO B 288 -9.53 -22.63 13.71
C PRO B 288 -9.82 -22.42 15.17
N ARG B 289 -9.60 -23.46 15.95
CA ARG B 289 -10.04 -23.53 17.33
C ARG B 289 -8.90 -24.22 18.13
N GLU B 290 -8.40 -25.36 17.69
CA GLU B 290 -7.40 -26.12 18.45
C GLU B 290 -6.00 -25.60 18.25
N PRO B 291 -5.12 -25.95 19.21
CA PRO B 291 -3.77 -25.41 19.14
C PRO B 291 -3.06 -25.74 17.87
N TYR B 292 -3.32 -26.90 17.30
CA TYR B 292 -2.70 -27.27 16.03
C TYR B 292 -3.25 -26.51 14.78
N GLU B 293 -4.38 -25.85 14.94
CA GLU B 293 -4.95 -25.00 13.90
C GLU B 293 -4.60 -23.54 14.14
N CYS B 294 -4.30 -23.18 15.38
CA CYS B 294 -4.09 -21.79 15.74
C CYS B 294 -2.61 -21.43 16.00
N MET B 295 -1.71 -22.41 16.01
CA MET B 295 -0.30 -22.10 16.09
C MET B 295 0.47 -22.91 15.07
N GLY B 296 1.43 -22.28 14.38
CA GLY B 296 2.30 -22.99 13.46
C GLY B 296 2.79 -22.06 12.38
N ASP B 297 3.16 -22.59 11.25
CA ASP B 297 3.78 -21.77 10.24
C ASP B 297 2.90 -20.59 9.72
N VAL B 298 1.58 -20.86 9.65
CA VAL B 298 0.57 -19.85 9.35
C VAL B 298 -0.63 -20.06 10.28
N PRO B 299 -0.64 -19.35 11.41
CA PRO B 299 -1.68 -19.50 12.38
C PRO B 299 -3.06 -19.24 11.85
N ASN B 300 -4.02 -19.95 12.45
CA ASN B 300 -5.44 -19.74 12.16
C ASN B 300 -5.86 -20.13 10.76
N VAL B 301 -5.50 -21.36 10.36
CA VAL B 301 -5.90 -21.83 9.06
C VAL B 301 -6.53 -23.23 9.18
N CYS B 302 -7.75 -23.38 8.72
CA CYS B 302 -8.27 -24.74 8.42
C CYS B 302 -8.55 -24.85 6.90
N PHE B 303 -7.80 -25.64 6.16
CA PHE B 303 -7.81 -25.59 4.70
C PHE B 303 -8.18 -27.00 4.15
N PRO B 304 -9.43 -27.19 3.72
CA PRO B 304 -9.83 -28.58 3.30
C PRO B 304 -9.36 -28.91 1.91
N CYS B 305 -8.83 -30.10 1.71
CA CYS B 305 -8.12 -30.53 0.50
CA CYS B 305 -8.25 -30.46 0.39
C CYS B 305 -8.74 -31.81 -0.14
N ALA B 306 -9.38 -32.63 0.67
CA ALA B 306 -9.90 -33.89 0.18
C ALA B 306 -10.96 -34.38 1.11
N ALA B 307 -11.80 -35.24 0.58
CA ALA B 307 -12.76 -35.99 1.39
C ALA B 307 -12.91 -37.41 0.88
N LEU B 308 -13.22 -38.30 1.81
CA LEU B 308 -13.64 -39.67 1.46
C LEU B 308 -15.09 -39.79 1.87
N HIS B 309 -15.96 -40.49 1.12
CA HIS B 309 -17.33 -40.60 1.55
C HIS B 309 -17.91 -41.93 1.19
N ASP B 310 -18.99 -42.28 1.85
CA ASP B 310 -19.74 -43.56 1.61
C ASP B 310 -21.22 -43.19 1.52
N ASN B 311 -21.78 -43.25 0.33
CA ASN B 311 -23.18 -42.94 0.15
C ASN B 311 -24.19 -43.82 0.82
N GLU B 312 -23.85 -45.06 1.13
CA GLU B 312 -24.76 -45.94 1.82
C GLU B 312 -24.98 -45.51 3.27
N THR B 313 -23.94 -45.03 3.93
CA THR B 313 -24.05 -44.68 5.30
C THR B 313 -24.19 -43.17 5.46
N GLY B 314 -23.85 -42.39 4.43
CA GLY B 314 -23.90 -40.96 4.49
C GLY B 314 -22.67 -40.42 5.20
N ARG B 315 -21.71 -41.28 5.51
CA ARG B 315 -20.48 -40.83 6.16
C ARG B 315 -19.53 -40.08 5.22
N ILE B 316 -18.96 -38.99 5.73
CA ILE B 316 -17.92 -38.30 5.05
C ILE B 316 -16.80 -37.96 5.98
N ALA B 317 -15.57 -38.15 5.50
CA ALA B 317 -14.36 -37.80 6.22
C ALA B 317 -13.59 -36.71 5.46
N ILE B 318 -13.38 -35.53 6.04
CA ILE B 318 -12.77 -34.40 5.32
C ILE B 318 -11.39 -34.13 5.91
N TYR B 319 -10.40 -34.11 5.04
CA TYR B 319 -8.98 -33.84 5.36
C TYR B 319 -8.69 -32.36 5.16
N TYR B 320 -7.98 -31.76 6.09
CA TYR B 320 -7.73 -30.31 6.07
C TYR B 320 -6.38 -29.98 6.66
N GLY B 321 -5.71 -29.03 6.05
CA GLY B 321 -4.46 -28.54 6.56
C GLY B 321 -4.74 -27.65 7.76
N CYS B 322 -3.89 -27.76 8.78
CA CYS B 322 -4.02 -27.03 10.01
C CYS B 322 -2.80 -26.14 10.18
N ALA B 323 -3.03 -24.83 10.26
CA ALA B 323 -2.01 -23.83 10.39
C ALA B 323 -0.85 -23.95 9.38
N ASP B 324 -1.15 -24.51 8.19
CA ASP B 324 -0.13 -24.81 7.20
C ASP B 324 1.01 -25.62 7.76
N THR B 325 0.73 -26.51 8.71
CA THR B 325 1.81 -27.22 9.39
C THR B 325 1.54 -28.72 9.38
N VAL B 326 0.30 -29.14 9.70
CA VAL B 326 -0.02 -30.57 9.85
C VAL B 326 -1.35 -30.86 9.19
N THR B 327 -1.79 -32.12 9.16
CA THR B 327 -3.06 -32.46 8.53
C THR B 327 -3.98 -33.03 9.59
N GLY B 328 -5.25 -32.63 9.49
CA GLY B 328 -6.24 -33.10 10.43
C GLY B 328 -7.41 -33.70 9.64
N LEU B 329 -8.30 -34.34 10.39
CA LEU B 329 -9.46 -34.96 9.87
C LEU B 329 -10.72 -34.55 10.64
N ALA B 330 -11.86 -34.48 9.97
CA ALA B 330 -13.12 -34.16 10.61
C ALA B 330 -14.19 -35.01 9.92
N PHE B 331 -15.21 -35.36 10.68
CA PHE B 331 -16.25 -36.21 10.22
C PHE B 331 -17.60 -35.55 10.26
N GLY B 332 -18.49 -35.99 9.35
CA GLY B 332 -19.90 -35.70 9.45
C GLY B 332 -20.73 -36.63 8.58
N TYR B 333 -22.03 -36.30 8.54
CA TYR B 333 -22.96 -36.97 7.65
C TYR B 333 -23.43 -36.08 6.49
N ILE B 334 -23.27 -36.61 5.29
CA ILE B 334 -23.78 -35.89 4.10
C ILE B 334 -25.21 -35.33 4.22
N PRO B 335 -26.17 -36.15 4.66
CA PRO B 335 -27.54 -35.53 4.80
C PRO B 335 -27.62 -34.44 5.87
N GLU B 336 -26.85 -34.53 6.94
CA GLU B 336 -26.85 -33.42 7.90
C GLU B 336 -26.20 -32.13 7.32
N ILE B 337 -25.19 -32.29 6.50
CA ILE B 337 -24.53 -31.15 5.87
C ILE B 337 -25.46 -30.49 4.85
N ILE B 338 -26.15 -31.33 4.04
CA ILE B 338 -27.17 -30.84 3.11
C ILE B 338 -28.22 -30.02 3.87
N GLU B 339 -28.73 -30.55 4.96
CA GLU B 339 -29.74 -29.87 5.75
C GLU B 339 -29.20 -28.55 6.32
N PHE B 340 -27.99 -28.61 6.84
CA PHE B 340 -27.35 -27.39 7.41
C PHE B 340 -27.23 -26.35 6.30
N THR B 341 -26.85 -26.76 5.11
CA THR B 341 -26.56 -25.85 4.02
C THR B 341 -27.85 -25.14 3.60
N LYS B 342 -28.97 -25.91 3.57
CA LYS B 342 -30.20 -25.37 3.14
C LYS B 342 -30.83 -24.50 4.23
N ARG B 343 -30.82 -24.99 5.44
CA ARG B 343 -31.39 -24.30 6.58
C ARG B 343 -30.77 -22.93 6.81
N THR B 344 -29.42 -22.84 6.67
CA THR B 344 -28.74 -21.59 6.91
C THR B 344 -28.41 -20.82 5.61
N SER B 345 -29.00 -21.20 4.49
CA SER B 345 -28.55 -20.66 3.22
C SER B 345 -28.67 -19.13 3.18
N ILE B 346 -27.64 -18.52 2.64
CA ILE B 346 -27.64 -17.12 2.40
C ILE B 346 -27.99 -16.78 0.96
N ILE B 347 -28.34 -17.80 0.20
CA ILE B 347 -29.01 -17.69 -1.10
C ILE B 347 -30.46 -18.13 -0.93
N ILE C 28 -21.87 -6.13 45.61
CA ILE C 28 -20.44 -6.39 45.91
C ILE C 28 -19.68 -6.91 44.69
N ILE C 29 -18.56 -6.31 44.40
CA ILE C 29 -17.93 -6.55 43.13
C ILE C 29 -17.04 -7.81 43.18
N PRO C 30 -16.86 -8.48 42.05
CA PRO C 30 -16.02 -9.67 42.13
C PRO C 30 -14.61 -9.25 42.48
N TRP C 31 -13.94 -10.15 43.17
CA TRP C 31 -12.62 -9.85 43.73
C TRP C 31 -11.82 -11.08 44.02
N GLU C 32 -10.53 -11.03 43.69
CA GLU C 32 -9.51 -11.96 44.16
C GLU C 32 -8.32 -11.18 44.72
N GLU C 33 -7.81 -11.58 45.89
CA GLU C 33 -6.69 -10.92 46.50
C GLU C 33 -5.47 -11.00 45.61
N ARG C 34 -4.65 -9.98 45.66
CA ARG C 34 -3.45 -9.95 44.89
C ARG C 34 -2.54 -11.09 45.29
N PRO C 35 -1.98 -11.81 44.33
CA PRO C 35 -1.18 -12.98 44.74
C PRO C 35 0.04 -12.62 45.58
N ALA C 36 0.48 -13.53 46.43
CA ALA C 36 1.67 -13.22 47.24
C ALA C 36 2.92 -13.03 46.37
N GLY C 37 3.72 -12.06 46.74
CA GLY C 37 4.87 -11.65 45.96
C GLY C 37 4.58 -10.73 44.78
N CYS C 38 3.30 -10.60 44.38
CA CYS C 38 2.95 -9.89 43.14
C CYS C 38 3.09 -8.40 43.39
N LYS C 39 3.85 -7.80 42.49
CA LYS C 39 4.22 -6.43 42.55
C LYS C 39 3.36 -5.61 41.61
N ASP C 40 2.47 -6.22 40.83
CA ASP C 40 1.82 -5.49 39.75
C ASP C 40 0.62 -4.73 40.29
N VAL C 41 0.29 -3.63 39.61
CA VAL C 41 -0.86 -2.84 39.97
C VAL C 41 -2.18 -3.57 39.64
N LEU C 42 -2.20 -4.31 38.52
CA LEU C 42 -3.34 -5.15 38.19
C LEU C 42 -2.92 -6.58 38.14
N TRP C 43 -3.82 -7.45 38.54
CA TRP C 43 -3.55 -8.88 38.47
C TRP C 43 -4.76 -9.63 37.88
N ARG C 44 -4.48 -10.57 37.01
CA ARG C 44 -5.49 -11.39 36.38
C ARG C 44 -6.19 -12.36 37.34
N SER C 45 -7.46 -12.58 37.10
CA SER C 45 -8.20 -13.61 37.80
C SER C 45 -7.59 -14.98 37.52
N VAL C 46 -7.46 -15.80 38.55
CA VAL C 46 -7.04 -17.21 38.30
C VAL C 46 -8.14 -18.01 37.62
N ALA C 47 -9.36 -17.48 37.55
CA ALA C 47 -10.41 -18.17 36.83
C ALA C 47 -10.48 -17.79 35.34
N ASN C 48 -9.57 -16.95 34.82
CA ASN C 48 -9.68 -16.59 33.40
C ASN C 48 -9.56 -17.80 32.45
N PRO C 49 -10.31 -17.79 31.36
CA PRO C 49 -11.23 -16.72 31.00
C PRO C 49 -12.53 -16.93 31.69
N ILE C 50 -13.24 -15.86 32.07
CA ILE C 50 -14.48 -16.05 32.81
C ILE C 50 -15.66 -16.30 31.91
N ILE C 51 -15.57 -15.92 30.64
CA ILE C 51 -16.66 -16.27 29.73
C ILE C 51 -16.06 -16.99 28.54
N PRO C 52 -16.50 -18.22 28.26
CA PRO C 52 -15.89 -19.01 27.19
C PRO C 52 -16.51 -18.69 25.85
N ARG C 53 -15.84 -19.03 24.79
CA ARG C 53 -16.23 -18.60 23.44
C ARG C 53 -17.55 -19.23 22.97
N ASP C 54 -17.96 -20.30 23.63
CA ASP C 54 -19.03 -21.17 23.12
C ASP C 54 -20.14 -21.28 24.12
N LEU C 55 -20.32 -20.23 24.87
CA LEU C 55 -21.39 -20.16 25.80
C LEU C 55 -22.77 -20.30 25.16
N LEU C 56 -23.01 -19.76 23.96
CA LEU C 56 -24.28 -19.86 23.27
C LEU C 56 -24.23 -20.96 22.22
N PRO C 57 -25.39 -21.46 21.78
CA PRO C 57 -25.30 -22.56 20.76
C PRO C 57 -24.64 -22.15 19.45
N THR C 58 -24.70 -20.86 19.08
CA THR C 58 -24.14 -20.40 17.85
C THR C 58 -22.99 -19.40 18.07
N SER C 59 -22.44 -19.27 19.29
CA SER C 59 -21.36 -18.27 19.54
C SER C 59 -20.03 -18.79 19.02
N ASN C 60 -19.34 -17.94 18.27
CA ASN C 60 -17.96 -18.16 17.88
C ASN C 60 -16.99 -17.59 18.94
N SER C 61 -17.44 -16.49 19.55
CA SER C 61 -16.60 -15.71 20.43
C SER C 61 -17.43 -14.71 21.19
N ILE C 62 -16.99 -14.41 22.44
CA ILE C 62 -17.70 -13.47 23.32
C ILE C 62 -16.65 -12.67 24.09
N PHE C 63 -16.60 -11.38 23.80
N PHE C 63 -16.48 -11.39 23.76
CA PHE C 63 -15.51 -10.51 24.20
CA PHE C 63 -15.24 -10.71 24.15
C PHE C 63 -16.01 -9.07 24.12
C PHE C 63 -15.36 -9.20 24.38
N ASN C 64 -15.14 -8.13 24.49
N ASN C 64 -16.58 -8.70 24.35
CA ASN C 64 -15.35 -6.71 24.34
CA ASN C 64 -16.84 -7.44 24.97
C ASN C 64 -16.75 -6.33 24.82
C ASN C 64 -17.96 -7.74 25.95
N SER C 65 -17.08 -6.67 26.05
N SER C 65 -17.75 -7.34 27.19
CA SER C 65 -18.49 -6.60 26.54
CA SER C 65 -18.74 -7.49 28.21
C SER C 65 -18.69 -5.58 27.64
C SER C 65 -18.96 -6.15 28.80
N ALA C 66 -19.95 -5.27 27.95
N ALA C 66 -20.05 -5.50 28.42
CA ALA C 66 -20.28 -4.30 28.97
CA ALA C 66 -20.33 -4.21 28.97
C ALA C 66 -20.95 -4.94 30.16
C ALA C 66 -21.23 -4.45 30.16
N VAL C 67 -20.62 -4.46 31.36
CA VAL C 67 -21.24 -4.95 32.57
C VAL C 67 -21.55 -3.77 33.57
N VAL C 68 -22.72 -3.83 34.21
CA VAL C 68 -23.17 -2.87 35.24
C VAL C 68 -23.83 -3.60 36.42
N PRO C 69 -23.80 -3.01 37.63
CA PRO C 69 -24.73 -3.51 38.69
C PRO C 69 -26.17 -3.27 38.26
N PHE C 70 -27.05 -4.17 38.63
CA PHE C 70 -28.49 -4.08 38.33
C PHE C 70 -29.31 -4.95 39.29
N GLY C 71 -30.32 -4.40 39.89
CA GLY C 71 -31.17 -5.22 40.84
C GLY C 71 -30.27 -5.70 41.97
N ASP C 72 -30.39 -6.96 42.37
CA ASP C 72 -29.45 -7.55 43.37
C ASP C 72 -28.31 -8.35 42.68
N GLY C 73 -28.00 -8.04 41.42
CA GLY C 73 -26.82 -8.61 40.79
C GLY C 73 -26.26 -7.67 39.73
N PHE C 74 -26.12 -8.21 38.53
CA PHE C 74 -25.40 -7.55 37.47
C PHE C 74 -26.13 -7.79 36.17
N ALA C 75 -26.03 -6.82 35.29
CA ALA C 75 -26.47 -6.99 33.96
C ALA C 75 -25.39 -6.60 32.96
N GLY C 76 -25.58 -6.98 31.71
CA GLY C 76 -24.61 -6.60 30.71
C GLY C 76 -25.14 -6.70 29.29
N VAL C 77 -24.44 -6.00 28.39
CA VAL C 77 -24.58 -6.15 26.99
C VAL C 77 -23.28 -6.72 26.44
N PHE C 78 -23.39 -7.86 25.78
CA PHE C 78 -22.25 -8.67 25.33
C PHE C 78 -22.06 -8.69 23.84
N ARG C 79 -20.83 -8.45 23.39
CA ARG C 79 -20.54 -8.71 22.01
C ARG C 79 -20.36 -10.22 21.83
N CYS C 80 -21.28 -10.84 21.10
CA CYS C 80 -21.17 -12.28 20.77
C CYS C 80 -21.13 -12.42 19.27
N ASP C 81 -19.99 -12.79 18.69
CA ASP C 81 -19.91 -12.99 17.25
C ASP C 81 -20.32 -14.44 17.03
N ASP C 82 -21.17 -14.67 16.05
CA ASP C 82 -21.67 -16.00 15.83
C ASP C 82 -20.81 -16.80 14.85
N THR C 83 -21.25 -18.00 14.56
CA THR C 83 -20.54 -18.93 13.65
C THR C 83 -20.65 -18.55 12.17
N SER C 84 -21.43 -17.50 11.87
CA SER C 84 -21.37 -16.80 10.59
C SER C 84 -20.40 -15.63 10.61
N ARG C 85 -19.77 -15.42 11.74
CA ARG C 85 -18.86 -14.29 12.00
C ARG C 85 -19.60 -12.93 11.92
N ARG C 86 -20.93 -12.93 12.19
CA ARG C 86 -21.67 -11.72 12.33
C ARG C 86 -21.54 -11.20 13.76
N MET C 87 -21.57 -9.90 13.87
CA MET C 87 -21.36 -9.23 15.16
C MET C 87 -22.71 -8.78 15.70
N ARG C 88 -23.10 -9.41 16.81
CA ARG C 88 -24.34 -9.07 17.49
C ARG C 88 -24.18 -8.75 18.94
N LEU C 89 -25.15 -8.03 19.48
CA LEU C 89 -25.21 -7.75 20.91
C LEU C 89 -26.26 -8.61 21.59
N HIS C 90 -25.92 -9.12 22.79
CA HIS C 90 -26.81 -9.97 23.58
C HIS C 90 -26.84 -9.46 25.00
N VAL C 91 -28.03 -9.45 25.61
CA VAL C 91 -28.17 -9.11 27.05
C VAL C 91 -27.81 -10.29 27.90
N GLY C 92 -27.17 -10.05 29.04
CA GLY C 92 -26.79 -11.12 29.97
C GLY C 92 -27.07 -10.68 31.41
N PHE C 93 -27.31 -11.64 32.29
CA PHE C 93 -27.50 -11.35 33.71
C PHE C 93 -26.63 -12.28 34.58
N SER C 94 -26.26 -11.81 35.76
CA SER C 94 -25.37 -12.58 36.60
C SER C 94 -25.57 -12.18 38.05
N LYS C 95 -25.46 -13.15 38.94
CA LYS C 95 -25.58 -12.85 40.35
C LYS C 95 -24.23 -12.42 40.94
N ASP C 96 -23.17 -13.03 40.46
CA ASP C 96 -21.84 -12.80 40.99
C ASP C 96 -20.89 -11.98 40.04
N ALA C 97 -21.35 -11.61 38.86
CA ALA C 97 -20.57 -10.85 37.84
C ALA C 97 -19.45 -11.65 37.17
N ILE C 98 -19.45 -12.95 37.43
CA ILE C 98 -18.42 -13.87 36.89
C ILE C 98 -19.07 -14.96 36.02
N ASN C 99 -20.14 -15.60 36.50
CA ASN C 99 -20.86 -16.65 35.76
C ASN C 99 -22.09 -16.03 35.15
N TRP C 100 -22.11 -15.95 33.83
CA TRP C 100 -23.06 -15.12 33.10
C TRP C 100 -24.13 -15.97 32.40
N ASN C 101 -25.35 -15.55 32.53
CA ASN C 101 -26.41 -16.10 31.70
C ASN C 101 -26.72 -15.15 30.58
N ILE C 102 -26.28 -15.49 29.38
CA ILE C 102 -26.48 -14.62 28.24
C ILE C 102 -27.65 -15.12 27.42
N LYS C 103 -28.55 -14.22 27.05
CA LYS C 103 -29.65 -14.57 26.16
C LYS C 103 -29.14 -15.13 24.81
N GLU C 104 -29.77 -16.19 24.31
CA GLU C 104 -29.37 -16.78 23.04
C GLU C 104 -29.71 -15.93 21.83
N GLU C 105 -30.80 -15.21 21.96
CA GLU C 105 -31.32 -14.36 20.90
C GLU C 105 -30.67 -12.98 20.97
N PRO C 106 -30.27 -12.44 19.83
CA PRO C 106 -29.67 -11.11 19.88
C PRO C 106 -30.67 -10.07 20.33
N LEU C 107 -30.16 -9.04 20.97
CA LEU C 107 -30.92 -7.88 21.38
C LEU C 107 -31.33 -7.13 20.13
N LYS C 108 -32.60 -6.75 20.10
CA LYS C 108 -33.18 -5.88 19.11
C LYS C 108 -33.61 -4.56 19.76
N PHE C 109 -33.43 -3.48 19.05
CA PHE C 109 -33.67 -2.13 19.53
C PHE C 109 -34.97 -1.64 18.92
N GLN C 110 -35.76 -0.98 19.71
CA GLN C 110 -36.99 -0.36 19.32
C GLN C 110 -36.60 1.03 18.81
N CYS C 111 -37.07 1.44 17.66
CA CYS C 111 -36.78 2.78 17.21
C CYS C 111 -37.98 3.27 16.40
N ASP C 112 -38.44 4.50 16.60
CA ASP C 112 -39.49 5.00 15.70
C ASP C 112 -38.97 5.38 14.31
N ASP C 113 -37.73 5.84 14.21
CA ASP C 113 -37.17 6.16 12.88
C ASP C 113 -36.66 4.87 12.20
N GLU C 114 -37.30 4.51 11.13
CA GLU C 114 -36.99 3.33 10.42
C GLU C 114 -35.57 3.32 9.85
N GLU C 115 -35.07 4.48 9.49
CA GLU C 115 -33.76 4.55 8.88
C GLU C 115 -32.65 4.32 9.93
N ILE C 116 -32.75 4.97 11.07
CA ILE C 116 -31.75 4.79 12.13
C ILE C 116 -31.93 3.42 12.81
N GLY C 117 -33.19 2.94 12.88
CA GLY C 117 -33.55 1.60 13.37
C GLY C 117 -33.08 0.42 12.56
N THR C 118 -32.41 0.63 11.43
CA THR C 118 -32.02 -0.47 10.59
C THR C 118 -30.72 -1.07 11.14
N TRP C 119 -30.76 -2.34 11.54
CA TRP C 119 -29.61 -3.05 12.00
C TRP C 119 -28.78 -3.53 10.83
N VAL C 120 -27.50 -3.18 10.81
CA VAL C 120 -26.54 -3.68 9.87
C VAL C 120 -25.47 -4.58 10.62
N TYR C 121 -24.89 -4.03 11.69
CA TYR C 121 -24.01 -4.75 12.59
C TYR C 121 -23.82 -3.93 13.83
N GLY C 122 -23.26 -4.57 14.86
CA GLY C 122 -22.90 -3.89 16.06
C GLY C 122 -21.90 -4.61 16.92
N TYR C 123 -20.98 -3.86 17.46
CA TYR C 123 -19.92 -4.37 18.32
C TYR C 123 -19.46 -3.35 19.39
N ASP C 124 -18.77 -3.96 20.37
N ASP C 124 -18.48 -3.60 20.22
CA ASP C 124 -17.94 -3.32 21.43
CA ASP C 124 -17.95 -2.47 21.00
C ASP C 124 -18.74 -2.29 22.20
C ASP C 124 -19.03 -1.91 22.00
N PRO C 125 -19.86 -2.73 22.68
CA PRO C 125 -20.72 -2.06 23.66
C PRO C 125 -20.03 -1.56 24.91
N ARG C 126 -20.51 -0.42 25.38
CA ARG C 126 -20.28 0.12 26.70
C ARG C 126 -21.66 0.54 27.32
N VAL C 127 -21.81 0.34 28.60
CA VAL C 127 -23.04 0.63 29.32
C VAL C 127 -22.83 1.37 30.63
N CYS C 128 -23.66 2.36 30.90
CA CYS C 128 -23.63 3.03 32.17
C CYS C 128 -24.97 3.69 32.51
N PHE C 129 -25.20 3.83 33.78
CA PHE C 129 -26.36 4.54 34.30
C PHE C 129 -26.09 6.03 34.36
N ILE C 130 -26.94 6.84 33.76
CA ILE C 130 -26.85 8.30 33.88
C ILE C 130 -28.21 8.79 34.39
N GLU C 131 -28.23 9.17 35.68
CA GLU C 131 -29.34 9.82 36.31
C GLU C 131 -30.58 8.97 36.46
N ASP C 132 -31.18 8.53 35.38
CA ASP C 132 -32.53 7.88 35.48
C ASP C 132 -32.69 6.62 34.66
N ARG C 133 -31.65 6.16 33.99
CA ARG C 133 -31.77 5.00 33.18
C ARG C 133 -30.38 4.55 32.77
N TYR C 134 -30.32 3.37 32.14
CA TYR C 134 -29.05 2.83 31.58
C TYR C 134 -28.94 3.24 30.14
N TYR C 135 -27.78 3.76 29.76
CA TYR C 135 -27.44 3.98 28.35
C TYR C 135 -26.45 2.94 27.84
N VAL C 136 -26.67 2.53 26.59
CA VAL C 136 -25.70 1.73 25.86
C VAL C 136 -25.24 2.46 24.58
N THR C 137 -23.92 2.40 24.40
CA THR C 137 -23.24 2.86 23.15
C THR C 137 -22.59 1.65 22.53
N TRP C 138 -22.50 1.67 21.24
CA TRP C 138 -21.81 0.63 20.56
C TRP C 138 -21.33 1.11 19.24
N CYS C 139 -20.43 0.34 18.62
CA CYS C 139 -20.05 0.65 17.25
C CYS C 139 -21.12 0.12 16.33
N ASN C 140 -21.92 1.01 15.78
CA ASN C 140 -23.07 0.70 14.97
C ASN C 140 -22.89 1.02 13.52
N GLY C 141 -23.26 0.09 12.67
CA GLY C 141 -23.12 0.28 11.27
C GLY C 141 -24.21 1.16 10.65
N TYR C 142 -23.80 2.32 10.17
CA TYR C 142 -24.72 3.24 9.49
C TYR C 142 -23.89 3.87 8.38
N HIS C 143 -23.78 3.17 7.28
CA HIS C 143 -22.89 3.57 6.17
C HIS C 143 -21.45 3.65 6.61
N GLY C 144 -21.08 2.69 7.40
CA GLY C 144 -19.75 2.64 8.09
C GLY C 144 -19.90 2.73 9.60
N PRO C 145 -18.82 2.51 10.33
CA PRO C 145 -18.90 2.50 11.78
C PRO C 145 -19.17 3.88 12.35
N THR C 146 -20.20 3.96 13.21
CA THR C 146 -20.38 5.12 13.99
C THR C 146 -20.78 4.72 15.41
N ILE C 147 -21.18 5.69 16.26
CA ILE C 147 -21.59 5.37 17.62
CA ILE C 147 -21.59 5.36 17.61
C ILE C 147 -23.13 5.36 17.74
N GLY C 148 -23.65 4.19 17.99
CA GLY C 148 -25.07 3.91 18.21
C GLY C 148 -25.36 4.25 19.64
N VAL C 149 -26.58 4.72 19.93
CA VAL C 149 -26.93 5.10 21.27
C VAL C 149 -28.33 4.55 21.53
N ALA C 150 -28.53 4.02 22.74
CA ALA C 150 -29.86 3.56 23.16
C ALA C 150 -29.99 3.60 24.66
N TYR C 151 -31.19 3.48 25.18
CA TYR C 151 -31.40 3.37 26.65
C TYR C 151 -32.30 2.26 27.04
N THR C 152 -32.24 1.88 28.32
CA THR C 152 -33.17 0.93 28.88
C THR C 152 -33.36 1.27 30.34
N PHE C 153 -34.60 1.09 30.81
CA PHE C 153 -34.95 1.13 32.22
C PHE C 153 -34.84 -0.28 32.86
N ASP C 154 -34.90 -1.35 32.10
CA ASP C 154 -35.07 -2.68 32.71
C ASP C 154 -34.23 -3.80 32.11
N PHE C 155 -33.38 -3.52 31.10
CA PHE C 155 -32.62 -4.55 30.43
C PHE C 155 -33.46 -5.61 29.69
N GLU C 156 -34.72 -5.24 29.38
CA GLU C 156 -35.57 -6.05 28.55
C GLU C 156 -35.84 -5.34 27.23
N THR C 157 -36.29 -4.12 27.28
CA THR C 157 -36.57 -3.31 26.11
C THR C 157 -35.55 -2.19 26.05
N PHE C 158 -34.93 -2.07 24.88
CA PHE C 158 -33.96 -1.08 24.57
C PHE C 158 -34.51 -0.15 23.51
N HIS C 159 -34.38 1.14 23.76
CA HIS C 159 -34.89 2.12 22.88
C HIS C 159 -33.74 2.89 22.25
N GLN C 160 -33.71 2.95 20.93
CA GLN C 160 -32.58 3.43 20.17
C GLN C 160 -32.75 4.89 19.95
N LEU C 161 -31.68 5.66 20.17
CA LEU C 161 -31.65 7.08 19.89
C LEU C 161 -30.85 7.34 18.60
N GLU C 162 -30.63 8.60 18.27
CA GLU C 162 -29.91 8.96 17.08
C GLU C 162 -28.46 8.51 17.28
N ASN C 163 -27.83 8.03 16.20
CA ASN C 163 -26.38 7.85 16.20
C ASN C 163 -25.77 9.20 16.58
N ALA C 164 -24.81 9.17 17.48
CA ALA C 164 -24.25 10.40 18.05
C ALA C 164 -23.42 11.21 17.03
N PHE C 165 -22.79 10.54 16.08
CA PHE C 165 -21.81 11.18 15.19
C PHE C 165 -21.99 10.61 13.76
N ILE C 166 -21.36 11.28 12.82
CA ILE C 166 -21.22 10.79 11.49
C ILE C 166 -20.10 9.77 11.50
N PRO C 167 -20.17 8.76 10.64
CA PRO C 167 -19.00 7.90 10.47
C PRO C 167 -17.76 8.71 10.06
N PHE C 168 -16.54 8.27 10.37
CA PHE C 168 -16.20 6.96 10.91
C PHE C 168 -15.73 7.15 12.33
N ASN C 169 -16.31 6.41 13.26
CA ASN C 169 -16.04 6.61 14.65
C ASN C 169 -16.35 5.32 15.42
N ARG C 170 -15.62 5.11 16.51
CA ARG C 170 -15.70 3.87 17.30
C ARG C 170 -15.20 4.23 18.74
N ASN C 171 -15.32 3.28 19.65
CA ASN C 171 -14.89 3.47 21.04
C ASN C 171 -15.58 4.63 21.73
N GLY C 172 -16.90 4.73 21.48
CA GLY C 172 -17.80 5.63 22.14
C GLY C 172 -18.07 5.19 23.58
N VAL C 173 -17.79 6.07 24.53
CA VAL C 173 -17.88 5.73 25.93
C VAL C 173 -18.42 6.94 26.69
N LEU C 174 -19.58 6.78 27.33
CA LEU C 174 -20.25 7.88 28.04
C LEU C 174 -19.64 8.05 29.39
N PHE C 175 -19.68 9.28 29.90
CA PHE C 175 -19.47 9.58 31.34
C PHE C 175 -20.73 9.21 32.13
N PRO C 176 -20.56 8.67 33.35
CA PRO C 176 -21.62 8.15 34.17
C PRO C 176 -22.40 9.21 34.95
N ARG C 177 -22.18 10.48 34.66
CA ARG C 177 -23.04 11.56 35.13
C ARG C 177 -22.86 12.67 34.12
N LYS C 178 -23.72 13.67 34.20
CA LYS C 178 -23.59 14.84 33.35
C LYS C 178 -22.40 15.67 33.84
N ILE C 179 -21.78 16.42 32.93
CA ILE C 179 -20.64 17.23 33.21
C ILE C 179 -21.17 18.63 32.95
N ASN C 180 -21.22 19.47 34.00
CA ASN C 180 -21.81 20.84 33.95
C ASN C 180 -23.18 20.84 33.24
N GLY C 181 -23.96 19.82 33.54
CA GLY C 181 -25.30 19.74 33.00
C GLY C 181 -25.50 19.21 31.60
N ARG C 182 -24.45 18.67 30.99
CA ARG C 182 -24.58 18.05 29.70
C ARG C 182 -24.15 16.60 29.75
N PHE C 183 -24.71 15.80 28.86
CA PHE C 183 -24.19 14.46 28.62
C PHE C 183 -22.83 14.67 27.99
N ALA C 184 -21.92 13.77 28.32
CA ALA C 184 -20.59 13.73 27.66
C ALA C 184 -20.13 12.35 27.23
N MET C 185 -19.37 12.31 26.14
CA MET C 185 -18.93 11.06 25.61
C MET C 185 -17.53 11.17 25.01
N LEU C 186 -16.71 10.19 25.32
CA LEU C 186 -15.48 10.04 24.62
C LEU C 186 -15.68 9.26 23.32
N SER C 187 -14.88 9.53 22.31
CA SER C 187 -14.96 8.79 21.05
C SER C 187 -13.62 8.76 20.35
N ARG C 188 -13.62 8.32 19.09
CA ARG C 188 -12.34 7.98 18.45
C ARG C 188 -12.49 7.96 16.98
N PRO C 189 -12.24 9.10 16.36
CA PRO C 189 -12.37 9.14 14.89
C PRO C 189 -11.54 8.04 14.27
N SER C 190 -12.09 7.40 13.26
CA SER C 190 -11.50 6.24 12.69
C SER C 190 -11.56 6.33 11.13
N ASP C 191 -11.48 5.16 10.45
CA ASP C 191 -11.71 5.08 9.02
C ASP C 191 -12.58 3.89 8.73
N ASN C 192 -12.66 3.46 7.47
CA ASN C 192 -13.54 2.29 7.14
C ASN C 192 -12.83 0.97 7.06
N GLY C 193 -11.67 0.84 7.71
CA GLY C 193 -10.98 -0.44 7.78
C GLY C 193 -10.29 -0.73 9.10
N HIS C 194 -9.17 -1.41 9.05
CA HIS C 194 -8.38 -1.69 10.29
C HIS C 194 -7.56 -0.41 10.56
N THR C 195 -8.12 0.49 11.30
CA THR C 195 -7.62 1.88 11.28
C THR C 195 -6.21 2.00 11.78
N PRO C 196 -5.31 2.64 11.05
CA PRO C 196 -3.90 2.68 11.48
C PRO C 196 -3.46 3.94 12.29
N PHE C 197 -4.43 4.62 12.88
CA PHE C 197 -4.25 5.82 13.67
C PHE C 197 -5.44 5.91 14.65
N GLY C 198 -5.39 6.82 15.61
CA GLY C 198 -6.47 6.98 16.55
C GLY C 198 -6.19 7.87 17.72
N ASP C 199 -6.90 9.00 17.77
CA ASP C 199 -6.86 9.96 18.86
C ASP C 199 -8.19 9.86 19.62
N ILE C 200 -8.14 10.08 20.91
CA ILE C 200 -9.34 10.10 21.69
C ILE C 200 -9.88 11.55 21.75
N PHE C 201 -11.16 11.70 21.45
CA PHE C 201 -11.95 12.92 21.52
C PHE C 201 -13.03 12.87 22.59
N TYR C 202 -13.59 14.07 22.84
CA TYR C 202 -14.60 14.32 23.86
C TYR C 202 -15.66 15.20 23.24
N SER C 203 -16.93 14.87 23.51
CA SER C 203 -18.06 15.66 23.00
C SER C 203 -19.16 15.77 24.04
N GLU C 204 -20.06 16.72 23.87
CA GLU C 204 -21.13 16.94 24.84
C GLU C 204 -22.47 17.06 24.11
N SER C 205 -23.57 16.86 24.85
CA SER C 205 -24.89 16.95 24.31
C SER C 205 -25.82 17.42 25.39
N PRO C 206 -26.66 18.42 25.07
CA PRO C 206 -27.67 18.74 26.09
C PRO C 206 -28.79 17.76 26.14
N ASP C 207 -28.97 16.92 25.14
CA ASP C 207 -30.21 16.17 25.04
C ASP C 207 -30.14 14.77 24.50
N MET C 208 -28.95 14.23 24.37
CA MET C 208 -28.79 12.88 23.81
C MET C 208 -29.28 12.79 22.37
N GLU C 209 -29.29 13.90 21.66
CA GLU C 209 -29.61 13.89 20.23
C GLU C 209 -28.61 14.73 19.41
N PHE C 210 -28.33 15.95 19.85
CA PHE C 210 -27.41 16.83 19.17
C PHE C 210 -26.13 16.97 20.01
N TRP C 211 -25.01 16.78 19.34
CA TRP C 211 -23.64 16.64 19.95
C TRP C 211 -22.72 17.75 19.41
N GLY C 212 -21.82 18.22 20.25
CA GLY C 212 -20.85 19.23 19.87
C GLY C 212 -19.87 19.55 20.99
N ARG C 213 -19.19 20.69 20.84
CA ARG C 213 -18.13 21.12 21.69
C ARG C 213 -17.07 20.06 21.71
N HIS C 214 -16.67 19.64 20.49
CA HIS C 214 -15.76 18.53 20.35
C HIS C 214 -14.37 19.02 20.79
N ARG C 215 -13.68 18.20 21.59
CA ARG C 215 -12.35 18.55 22.04
C ARG C 215 -11.42 17.32 21.95
N HIS C 216 -10.21 17.57 21.48
CA HIS C 216 -9.17 16.57 21.50
C HIS C 216 -8.74 16.24 22.92
N VAL C 217 -8.65 14.96 23.28
CA VAL C 217 -8.25 14.56 24.61
C VAL C 217 -6.80 14.10 24.58
N MET C 218 -6.52 13.05 23.81
CA MET C 218 -5.10 12.74 23.60
C MET C 218 -4.84 11.95 22.35
N SER C 219 -3.56 11.95 22.01
CA SER C 219 -3.05 11.26 20.83
C SER C 219 -2.13 10.09 21.25
N PRO C 220 -1.86 9.16 20.34
CA PRO C 220 -0.83 8.19 20.57
C PRO C 220 0.48 8.81 21.04
N ALA C 221 1.16 8.14 21.94
CA ALA C 221 2.48 8.60 22.37
C ALA C 221 3.56 8.37 21.27
N ALA C 222 4.66 9.08 21.36
CA ALA C 222 5.82 8.85 20.51
C ALA C 222 6.38 7.46 20.81
N PHE C 223 6.75 6.68 19.80
CA PHE C 223 7.24 5.34 20.12
C PHE C 223 8.47 5.33 21.01
N GLU C 224 9.28 6.39 20.96
N GLU C 224 9.28 6.38 20.98
CA GLU C 224 10.47 6.48 21.79
CA GLU C 224 10.48 6.36 21.82
C GLU C 224 10.14 6.57 23.26
C GLU C 224 10.16 6.60 23.28
N VAL C 225 8.92 7.02 23.55
CA VAL C 225 8.51 7.33 24.89
C VAL C 225 7.66 6.22 25.44
N SER C 226 6.61 5.77 24.70
CA SER C 226 5.75 4.72 25.21
C SER C 226 5.13 3.96 24.05
N ALA C 227 5.80 2.91 23.58
CA ALA C 227 5.42 2.31 22.33
C ALA C 227 4.20 1.41 22.40
N TRP C 228 3.72 1.07 23.60
CA TRP C 228 2.48 0.22 23.70
C TRP C 228 1.23 1.03 23.23
N GLN C 229 1.36 2.34 23.19
CA GLN C 229 0.30 3.26 22.86
C GLN C 229 0.71 4.24 21.73
N CYS C 230 1.56 3.79 20.80
CA CYS C 230 2.08 4.70 19.78
C CYS C 230 1.43 4.66 18.41
N THR C 231 0.60 3.67 18.13
CA THR C 231 -0.12 3.62 16.84
C THR C 231 -1.48 4.23 16.93
N LYS C 232 -2.24 3.80 17.92
CA LYS C 232 -3.61 4.33 18.12
C LYS C 232 -4.02 4.00 19.56
N ILE C 233 -4.96 4.80 20.08
CA ILE C 233 -5.56 4.60 21.39
C ILE C 233 -7.09 4.68 21.33
N GLY C 234 -7.77 4.16 22.32
CA GLY C 234 -9.22 4.28 22.46
C GLY C 234 -9.70 4.10 23.84
N ALA C 235 -10.80 4.79 24.21
CA ALA C 235 -11.33 4.64 25.55
C ALA C 235 -11.83 3.21 25.76
N GLY C 236 -11.69 2.66 26.96
CA GLY C 236 -12.16 1.34 27.25
C GLY C 236 -13.42 1.35 28.11
N PRO C 237 -13.32 1.04 29.42
CA PRO C 237 -14.44 1.14 30.36
C PRO C 237 -14.96 2.53 30.57
N ILE C 238 -16.16 2.60 31.11
CA ILE C 238 -16.77 3.89 31.51
C ILE C 238 -15.75 4.60 32.42
N PRO C 239 -15.51 5.88 32.19
CA PRO C 239 -14.68 6.60 33.17
C PRO C 239 -15.15 6.45 34.64
N VAL C 240 -14.17 6.35 35.54
CA VAL C 240 -14.41 6.14 36.96
C VAL C 240 -14.08 7.42 37.72
N GLU C 241 -15.07 8.03 38.32
CA GLU C 241 -14.84 9.27 39.10
C GLU C 241 -14.01 9.04 40.33
N THR C 242 -12.95 9.83 40.48
CA THR C 242 -12.15 9.85 41.72
C THR C 242 -11.97 11.33 42.15
N PRO C 243 -11.58 11.55 43.44
CA PRO C 243 -11.26 12.88 43.92
C PRO C 243 -10.16 13.53 43.14
N GLU C 244 -9.33 12.75 42.47
CA GLU C 244 -8.20 13.34 41.74
C GLU C 244 -8.43 13.33 40.25
N GLY C 245 -9.68 13.14 39.80
CA GLY C 245 -9.95 13.16 38.39
C GLY C 245 -10.69 11.93 37.90
N TRP C 246 -11.04 11.99 36.63
CA TRP C 246 -11.64 10.86 35.97
C TRP C 246 -10.55 9.88 35.66
N LEU C 247 -10.70 8.69 36.17
CA LEU C 247 -9.80 7.63 35.89
C LEU C 247 -10.27 6.93 34.59
N LEU C 248 -9.43 7.04 33.56
CA LEU C 248 -9.71 6.50 32.24
C LEU C 248 -8.83 5.35 32.02
N ILE C 249 -9.43 4.18 31.79
CA ILE C 249 -8.70 3.00 31.37
CA ILE C 249 -8.70 2.99 31.38
C ILE C 249 -8.87 2.92 29.86
N TYR C 250 -7.77 2.88 29.11
CA TYR C 250 -7.82 2.96 27.67
C TYR C 250 -6.88 1.97 27.03
N HIS C 251 -7.22 1.49 25.83
CA HIS C 251 -6.30 0.62 25.11
C HIS C 251 -5.34 1.42 24.28
N GLY C 252 -4.17 0.83 24.05
CA GLY C 252 -3.18 1.30 23.15
C GLY C 252 -2.62 0.18 22.30
N VAL C 253 -2.28 0.58 21.07
CA VAL C 253 -1.73 -0.30 20.08
C VAL C 253 -0.28 -0.02 19.74
N LEU C 254 0.47 -1.11 19.62
CA LEU C 254 1.82 -1.09 19.05
C LEU C 254 1.74 -1.94 17.72
N HIS C 255 2.32 -1.38 16.66
CA HIS C 255 2.40 -2.01 15.34
C HIS C 255 3.71 -2.75 15.16
N SER C 256 3.69 -4.06 15.27
CA SER C 256 4.92 -4.82 15.04
C SER C 256 4.95 -5.25 13.56
N CYS C 257 6.03 -5.98 13.13
CA CYS C 257 5.98 -6.47 11.74
C CYS C 257 4.83 -7.42 11.48
N ASN C 258 4.41 -8.16 12.50
CA ASN C 258 3.36 -9.15 12.44
C ASN C 258 1.94 -8.75 12.89
N GLY C 259 1.74 -7.46 13.15
CA GLY C 259 0.43 -6.96 13.40
C GLY C 259 0.39 -6.02 14.60
N TYR C 260 -0.82 -5.89 15.12
CA TYR C 260 -1.07 -5.08 16.25
C TYR C 260 -1.05 -5.87 17.56
N VAL C 261 -0.54 -5.22 18.58
CA VAL C 261 -0.56 -5.70 19.94
C VAL C 261 -1.39 -4.65 20.71
N TYR C 262 -2.51 -5.10 21.31
CA TYR C 262 -3.37 -4.27 22.21
C TYR C 262 -3.03 -4.52 23.66
N SER C 263 -2.51 -3.50 24.30
CA SER C 263 -2.36 -3.43 25.74
C SER C 263 -3.27 -2.35 26.31
N PHE C 264 -3.30 -2.18 27.61
CA PHE C 264 -4.15 -1.11 28.19
C PHE C 264 -3.51 -0.49 29.42
N GLY C 265 -3.84 0.77 29.65
CA GLY C 265 -3.18 1.58 30.69
C GLY C 265 -4.19 2.57 31.23
N SER C 266 -3.65 3.59 31.91
CA SER C 266 -4.49 4.55 32.68
C SER C 266 -4.07 5.96 32.48
N ALA C 267 -5.07 6.84 32.52
CA ALA C 267 -4.86 8.27 32.60
C ALA C 267 -5.86 8.93 33.55
N LEU C 268 -5.56 10.15 33.96
CA LEU C 268 -6.49 10.92 34.80
C LEU C 268 -6.86 12.17 34.04
N LEU C 269 -8.16 12.41 33.94
CA LEU C 269 -8.71 13.54 33.22
C LEU C 269 -9.24 14.58 34.21
N ASP C 270 -9.19 15.84 33.84
CA ASP C 270 -9.75 16.89 34.75
C ASP C 270 -11.26 16.62 34.98
N LEU C 271 -11.71 16.76 36.23
CA LEU C 271 -13.16 16.57 36.62
C LEU C 271 -14.16 17.40 35.89
N ASP C 272 -13.84 18.67 35.75
CA ASP C 272 -14.73 19.65 35.18
C ASP C 272 -14.57 19.83 33.69
N GLU C 273 -13.38 19.59 33.15
CA GLU C 273 -13.12 19.69 31.71
C GLU C 273 -12.33 18.44 31.30
N PRO C 274 -13.04 17.31 31.07
CA PRO C 274 -12.35 16.02 30.98
C PRO C 274 -11.60 15.82 29.73
N TRP C 275 -11.63 16.76 28.80
CA TRP C 275 -10.75 16.72 27.69
C TRP C 275 -9.32 17.12 28.10
N LYS C 276 -9.12 17.68 29.30
CA LYS C 276 -7.81 18.04 29.77
C LYS C 276 -7.17 16.86 30.54
N VAL C 277 -6.06 16.36 30.06
CA VAL C 277 -5.42 15.18 30.62
C VAL C 277 -4.44 15.67 31.67
N LYS C 278 -4.51 15.15 32.85
CA LYS C 278 -3.61 15.66 33.90
C LYS C 278 -2.46 14.73 34.10
N PHE C 279 -2.70 13.43 34.01
CA PHE C 279 -1.61 12.46 34.05
C PHE C 279 -1.92 11.31 33.08
N ARG C 280 -0.85 10.67 32.60
CA ARG C 280 -0.98 9.58 31.64
C ARG C 280 0.14 8.59 31.82
N SER C 281 -0.18 7.32 31.98
CA SER C 281 0.82 6.33 32.34
C SER C 281 1.80 6.04 31.20
N GLY C 282 3.09 5.95 31.53
CA GLY C 282 4.09 5.46 30.63
C GLY C 282 3.97 3.98 30.41
N PRO C 283 4.11 3.18 31.48
CA PRO C 283 3.96 1.75 31.31
C PRO C 283 2.48 1.37 31.12
N TYR C 284 2.22 0.20 30.53
CA TYR C 284 0.94 -0.35 30.51
C TYR C 284 0.54 -0.87 31.90
N LEU C 285 -0.78 -1.08 32.13
CA LEU C 285 -1.30 -1.90 33.22
C LEU C 285 -1.36 -3.37 32.89
N LEU C 286 -1.65 -3.71 31.62
CA LEU C 286 -1.81 -5.08 31.24
C LEU C 286 -1.50 -5.21 29.77
N ALA C 287 -0.83 -6.28 29.41
CA ALA C 287 -0.46 -6.56 28.04
C ALA C 287 -0.56 -8.06 27.78
N PRO C 288 -0.69 -8.48 26.48
CA PRO C 288 -1.04 -9.89 26.19
C PRO C 288 0.09 -10.79 26.57
N ARG C 289 -0.18 -11.74 27.46
CA ARG C 289 0.85 -12.60 28.04
C ARG C 289 0.31 -14.03 28.06
N GLU C 290 -0.90 -14.22 28.52
CA GLU C 290 -1.39 -15.58 28.71
C GLU C 290 -1.83 -16.21 27.42
N PRO C 291 -1.87 -17.54 27.40
CA PRO C 291 -2.27 -18.21 26.14
C PRO C 291 -3.62 -17.74 25.58
N TYR C 292 -4.59 -17.46 26.45
CA TYR C 292 -5.91 -17.04 26.03
C TYR C 292 -5.93 -15.57 25.57
N GLU C 293 -4.88 -14.80 25.87
CA GLU C 293 -4.67 -13.45 25.29
C GLU C 293 -3.84 -13.44 23.98
N CYS C 294 -2.94 -14.41 23.82
CA CYS C 294 -2.04 -14.52 22.70
C CYS C 294 -2.54 -15.37 21.55
N MET C 295 -3.42 -16.35 21.77
CA MET C 295 -3.90 -17.18 20.68
C MET C 295 -5.41 -17.13 20.67
N GLY C 296 -5.98 -16.98 19.49
CA GLY C 296 -7.42 -16.95 19.26
C GLY C 296 -7.68 -16.24 17.92
N ASP C 297 -8.92 -15.81 17.69
CA ASP C 297 -9.32 -15.21 16.42
C ASP C 297 -8.48 -14.00 16.00
N VAL C 298 -8.02 -13.25 17.00
CA VAL C 298 -7.06 -12.15 16.77
C VAL C 298 -6.01 -12.22 17.90
N PRO C 299 -4.82 -12.75 17.60
CA PRO C 299 -3.82 -12.88 18.63
C PRO C 299 -3.33 -11.55 19.17
N ASN C 300 -2.91 -11.61 20.41
CA ASN C 300 -2.21 -10.51 21.09
C ASN C 300 -3.10 -9.27 21.36
N VAL C 301 -4.26 -9.57 21.94
CA VAL C 301 -5.25 -8.54 22.25
C VAL C 301 -5.75 -8.65 23.69
N CYS C 302 -5.56 -7.57 24.43
CA CYS C 302 -6.28 -7.27 25.69
C CYS C 302 -7.07 -5.97 25.52
N PHE C 303 -8.40 -6.07 25.53
CA PHE C 303 -9.23 -4.93 25.15
C PHE C 303 -10.31 -4.67 26.22
N PRO C 304 -10.09 -3.67 27.07
CA PRO C 304 -10.98 -3.45 28.23
C PRO C 304 -12.21 -2.69 27.80
N CYS C 305 -13.37 -3.22 28.23
CA CYS C 305 -14.71 -2.87 27.85
CA CYS C 305 -14.65 -2.58 27.87
C CYS C 305 -15.58 -2.37 29.05
N ALA C 306 -15.19 -2.77 30.28
CA ALA C 306 -16.01 -2.47 31.43
C ALA C 306 -15.27 -2.70 32.70
N ALA C 307 -15.72 -2.01 33.76
CA ALA C 307 -15.19 -2.17 35.08
C ALA C 307 -16.33 -2.07 36.09
N LEU C 308 -16.18 -2.76 37.20
CA LEU C 308 -17.05 -2.58 38.40
C LEU C 308 -16.10 -2.08 39.50
N HIS C 309 -16.55 -1.16 40.30
CA HIS C 309 -15.69 -0.65 41.36
C HIS C 309 -16.51 -0.31 42.59
N ASP C 310 -15.80 -0.19 43.70
CA ASP C 310 -16.39 0.13 45.04
C ASP C 310 -15.47 1.13 45.70
N ASN C 311 -15.90 2.37 45.74
CA ASN C 311 -15.11 3.41 46.38
C ASN C 311 -14.84 3.22 47.85
N GLU C 312 -15.72 2.58 48.61
CA GLU C 312 -15.45 2.27 50.05
C GLU C 312 -14.14 1.48 50.25
N THR C 313 -13.96 0.43 49.48
CA THR C 313 -12.81 -0.45 49.64
C THR C 313 -11.73 -0.15 48.64
N GLY C 314 -11.99 0.71 47.66
CA GLY C 314 -11.08 0.99 46.56
C GLY C 314 -10.93 -0.09 45.49
N ARG C 315 -11.70 -1.17 45.55
CA ARG C 315 -11.51 -2.31 44.67
C ARG C 315 -12.08 -2.00 43.26
N ILE C 316 -11.41 -2.51 42.23
CA ILE C 316 -11.92 -2.38 40.88
C ILE C 316 -11.64 -3.67 40.16
N ALA C 317 -12.63 -4.06 39.39
CA ALA C 317 -12.57 -5.28 38.59
C ALA C 317 -12.81 -4.88 37.15
N ILE C 318 -11.85 -5.21 36.29
CA ILE C 318 -11.80 -4.76 34.89
C ILE C 318 -11.99 -5.97 33.96
N TYR C 319 -13.04 -5.91 33.15
CA TYR C 319 -13.36 -6.92 32.13
C TYR C 319 -12.67 -6.57 30.83
N TYR C 320 -12.04 -7.54 30.19
CA TYR C 320 -11.41 -7.27 28.94
C TYR C 320 -11.51 -8.44 27.98
N GLY C 321 -11.66 -8.12 26.68
CA GLY C 321 -11.59 -9.07 25.62
C GLY C 321 -10.17 -9.61 25.51
N CYS C 322 -10.05 -10.91 25.37
CA CYS C 322 -8.81 -11.62 25.16
C CYS C 322 -8.76 -12.31 23.78
N ALA C 323 -7.81 -11.89 22.95
CA ALA C 323 -7.64 -12.40 21.62
C ALA C 323 -8.91 -12.40 20.76
N ASP C 324 -9.77 -11.43 21.03
CA ASP C 324 -11.09 -11.31 20.37
C ASP C 324 -11.79 -12.67 20.42
N THR C 325 -11.66 -13.41 21.52
CA THR C 325 -12.20 -14.78 21.61
C THR C 325 -13.03 -15.03 22.86
N VAL C 326 -12.49 -14.62 24.02
CA VAL C 326 -13.11 -14.83 25.31
C VAL C 326 -12.99 -13.58 26.16
N THR C 327 -13.57 -13.64 27.34
CA THR C 327 -13.57 -12.50 28.27
C THR C 327 -12.84 -12.86 29.53
N GLY C 328 -11.97 -11.95 29.97
CA GLY C 328 -11.16 -12.09 31.13
C GLY C 328 -11.50 -10.99 32.16
N LEU C 329 -11.01 -11.18 33.37
CA LEU C 329 -11.07 -10.18 34.46
C LEU C 329 -9.71 -9.95 35.02
N ALA C 330 -9.51 -8.75 35.50
CA ALA C 330 -8.33 -8.33 36.24
C ALA C 330 -8.74 -7.40 37.37
N PHE C 331 -7.96 -7.35 38.43
CA PHE C 331 -8.33 -6.68 39.66
C PHE C 331 -7.28 -5.70 40.02
N GLY C 332 -7.69 -4.65 40.69
CA GLY C 332 -6.74 -3.72 41.29
C GLY C 332 -7.39 -2.82 42.30
N TYR C 333 -6.63 -1.90 42.87
CA TYR C 333 -7.12 -0.90 43.82
C TYR C 333 -7.04 0.46 43.18
N ILE C 334 -8.15 1.18 43.18
CA ILE C 334 -8.18 2.52 42.59
C ILE C 334 -7.05 3.48 43.09
N PRO C 335 -6.83 3.58 44.44
CA PRO C 335 -5.76 4.46 44.95
C PRO C 335 -4.43 4.05 44.39
N GLU C 336 -4.22 2.74 44.22
CA GLU C 336 -2.91 2.30 43.65
C GLU C 336 -2.76 2.64 42.16
N ILE C 337 -3.86 2.54 41.42
CA ILE C 337 -3.86 2.84 39.99
C ILE C 337 -3.62 4.37 39.83
N ILE C 338 -4.24 5.17 40.69
CA ILE C 338 -4.04 6.62 40.67
C ILE C 338 -2.55 6.92 40.88
N GLU C 339 -1.97 6.33 41.91
CA GLU C 339 -0.61 6.57 42.32
C GLU C 339 0.33 6.16 41.16
N PHE C 340 0.01 5.01 40.57
CA PHE C 340 0.79 4.50 39.43
C PHE C 340 0.74 5.47 38.27
N THR C 341 -0.47 5.96 37.97
CA THR C 341 -0.64 6.87 36.81
C THR C 341 0.17 8.17 37.00
N LYS C 342 0.12 8.70 38.21
CA LYS C 342 0.81 9.93 38.47
C LYS C 342 2.31 9.74 38.55
N ARG C 343 2.76 8.74 39.26
CA ARG C 343 4.19 8.52 39.43
C ARG C 343 4.90 8.17 38.09
N THR C 344 4.22 7.51 37.19
CA THR C 344 4.80 7.15 35.88
C THR C 344 4.39 8.06 34.72
N SER C 345 3.79 9.22 35.02
CA SER C 345 3.12 9.98 34.04
C SER C 345 4.10 10.47 32.97
N ILE C 346 3.67 10.40 31.72
CA ILE C 346 4.53 10.92 30.65
C ILE C 346 4.18 12.35 30.29
N ILE C 347 3.24 12.95 31.01
CA ILE C 347 3.02 14.35 30.93
C ILE C 347 3.12 14.97 32.33
N ILE D 28 -6.00 0.84 -50.52
CA ILE D 28 -4.99 1.94 -50.50
C ILE D 28 -4.89 2.58 -49.09
N ILE D 29 -3.87 2.19 -48.36
CA ILE D 29 -3.72 2.62 -46.98
C ILE D 29 -3.24 4.08 -46.87
N PRO D 30 -3.61 4.76 -45.76
CA PRO D 30 -3.18 6.12 -45.61
C PRO D 30 -1.65 6.20 -45.45
N TRP D 31 -1.09 7.31 -45.88
CA TRP D 31 0.35 7.44 -45.93
C TRP D 31 0.78 8.87 -45.99
N GLU D 32 1.89 9.15 -45.31
CA GLU D 32 2.47 10.42 -45.33
C GLU D 32 3.93 10.08 -45.36
N GLU D 33 4.64 10.66 -46.32
CA GLU D 33 6.09 10.42 -46.50
C GLU D 33 6.89 10.89 -45.30
N ARG D 34 7.92 10.14 -44.92
N ARG D 34 7.90 10.12 -44.94
CA ARG D 34 8.86 10.61 -43.86
CA ARG D 34 8.97 10.55 -43.99
C ARG D 34 9.46 11.93 -44.25
C ARG D 34 9.49 11.96 -44.30
N PRO D 35 9.39 12.92 -43.33
CA PRO D 35 9.93 14.26 -43.59
C PRO D 35 11.41 14.24 -43.93
N ALA D 36 11.84 15.06 -44.90
CA ALA D 36 13.27 15.09 -45.26
C ALA D 36 14.11 15.36 -44.00
N GLY D 37 15.24 14.70 -43.95
CA GLY D 37 16.09 14.81 -42.77
C GLY D 37 15.69 13.97 -41.58
N CYS D 38 14.40 13.60 -41.47
CA CYS D 38 13.91 12.82 -40.30
C CYS D 38 14.57 11.46 -40.23
N LYS D 39 15.17 11.18 -39.11
CA LYS D 39 15.89 9.93 -38.91
C LYS D 39 15.09 8.88 -38.17
N ASP D 40 13.81 9.15 -37.85
CA ASP D 40 13.04 8.21 -37.00
C ASP D 40 12.46 7.05 -37.81
N VAL D 41 12.37 5.89 -37.18
CA VAL D 41 11.73 4.73 -37.78
C VAL D 41 10.21 4.96 -37.95
N LEU D 42 9.54 5.58 -36.99
CA LEU D 42 8.11 5.96 -37.14
C LEU D 42 7.95 7.47 -37.03
N TRP D 43 7.03 8.07 -37.78
CA TRP D 43 6.77 9.51 -37.65
C TRP D 43 5.23 9.78 -37.58
N ARG D 44 4.86 10.78 -36.78
CA ARG D 44 3.48 11.08 -36.54
C ARG D 44 2.82 11.72 -37.73
N SER D 45 1.59 11.35 -38.01
CA SER D 45 0.82 12.14 -38.97
C SER D 45 0.75 13.62 -38.62
N VAL D 46 0.96 14.48 -39.60
N VAL D 46 0.96 14.45 -39.63
CA VAL D 46 0.81 15.90 -39.37
CA VAL D 46 0.76 15.89 -39.51
C VAL D 46 -0.66 16.28 -39.13
C VAL D 46 -0.64 16.21 -39.04
N ALA D 47 -1.62 15.39 -39.43
CA ALA D 47 -3.02 15.65 -39.09
C ALA D 47 -3.46 15.13 -37.71
N ASN D 48 -2.55 14.79 -36.81
CA ASN D 48 -2.99 14.26 -35.53
C ASN D 48 -3.58 15.37 -34.66
N PRO D 49 -4.58 15.09 -33.83
CA PRO D 49 -5.27 13.79 -33.82
C PRO D 49 -6.22 13.57 -35.00
N ILE D 50 -6.33 12.36 -35.46
CA ILE D 50 -7.23 12.14 -36.55
C ILE D 50 -8.67 11.87 -36.12
N ILE D 51 -8.90 11.55 -34.85
CA ILE D 51 -10.24 11.44 -34.34
C ILE D 51 -10.32 12.30 -33.09
N PRO D 52 -11.21 13.29 -33.11
CA PRO D 52 -11.36 14.17 -31.96
C PRO D 52 -12.20 13.52 -30.83
N ARG D 53 -12.00 13.96 -29.61
CA ARG D 53 -12.69 13.37 -28.46
C ARG D 53 -14.25 13.56 -28.56
N ASP D 54 -14.68 14.56 -29.31
CA ASP D 54 -16.08 14.99 -29.24
C ASP D 54 -16.84 14.76 -30.53
N LEU D 55 -16.43 13.73 -31.25
CA LEU D 55 -17.02 13.41 -32.53
C LEU D 55 -18.48 13.00 -32.38
N LEU D 56 -18.87 12.39 -31.24
CA LEU D 56 -20.26 11.95 -31.08
C LEU D 56 -20.95 12.89 -30.10
N PRO D 57 -22.26 12.95 -30.16
CA PRO D 57 -22.89 13.89 -29.22
C PRO D 57 -22.58 13.65 -27.71
N THR D 58 -22.34 12.42 -27.28
CA THR D 58 -22.07 12.12 -25.90
C THR D 58 -20.68 11.61 -25.63
N SER D 59 -19.76 11.70 -26.59
CA SER D 59 -18.41 11.18 -26.39
C SER D 59 -17.56 12.11 -25.53
N ASN D 60 -16.87 11.53 -24.58
CA ASN D 60 -15.84 12.21 -23.78
C ASN D 60 -14.45 11.99 -24.37
N SER D 61 -14.29 10.85 -25.02
CA SER D 61 -12.99 10.44 -25.58
C SER D 61 -13.15 9.31 -26.52
N ILE D 62 -12.23 9.22 -27.51
CA ILE D 62 -12.24 8.17 -28.52
C ILE D 62 -10.77 7.83 -28.78
N PHE D 63 -10.38 6.61 -28.40
N PHE D 63 -10.29 6.68 -28.29
CA PHE D 63 -9.02 6.19 -28.42
CA PHE D 63 -8.85 6.49 -28.24
C PHE D 63 -8.99 4.67 -28.44
C PHE D 63 -8.34 5.08 -28.51
N ASN D 64 -7.79 4.10 -28.41
N ASN D 64 -9.24 4.17 -28.88
CA ASN D 64 -7.56 2.67 -28.33
CA ASN D 64 -8.85 2.91 -29.48
C ASN D 64 -8.50 1.85 -29.22
C ASN D 64 -9.61 2.76 -30.78
N SER D 65 -8.51 2.20 -30.50
N SER D 65 -8.90 2.46 -31.87
CA SER D 65 -9.40 1.67 -31.52
CA SER D 65 -9.49 2.31 -33.19
C SER D 65 -8.91 0.82 -32.77
C SER D 65 -9.03 1.03 -33.82
N ALA D 66 -9.79 -0.03 -33.33
N ALA D 66 -9.86 0.00 -33.74
CA ALA D 66 -9.43 -1.13 -34.22
CA ALA D 66 -9.57 -1.32 -34.27
C ALA D 66 -9.93 -0.88 -35.65
C ALA D 66 -10.00 -1.33 -35.74
N VAL D 67 -9.05 -1.07 -36.62
CA VAL D 67 -9.32 -0.67 -37.98
C VAL D 67 -8.88 -1.77 -38.95
N VAL D 68 -9.69 -2.00 -39.98
CA VAL D 68 -9.39 -3.01 -40.99
C VAL D 68 -9.87 -2.50 -42.32
N PRO D 69 -9.28 -3.03 -43.41
CA PRO D 69 -9.90 -2.83 -44.71
C PRO D 69 -11.26 -3.51 -44.79
N PHE D 70 -12.22 -2.89 -45.48
CA PHE D 70 -13.58 -3.43 -45.65
C PHE D 70 -14.21 -2.87 -46.93
N GLY D 71 -14.53 -3.75 -47.86
CA GLY D 71 -15.13 -3.37 -49.14
C GLY D 71 -14.18 -2.41 -49.81
N ASP D 72 -14.72 -1.27 -50.20
CA ASP D 72 -13.94 -0.25 -50.96
C ASP D 72 -13.16 0.67 -49.98
N GLY D 73 -13.50 0.61 -48.69
CA GLY D 73 -12.85 1.48 -47.76
C GLY D 73 -12.46 0.70 -46.51
N PHE D 74 -12.89 1.21 -45.37
CA PHE D 74 -12.33 0.76 -44.10
C PHE D 74 -13.47 0.69 -43.10
N ALA D 75 -13.32 -0.23 -42.14
CA ALA D 75 -14.26 -0.34 -41.07
C ALA D 75 -13.48 -0.38 -39.76
N GLY D 76 -14.21 -0.13 -38.67
CA GLY D 76 -13.61 -0.24 -37.37
C GLY D 76 -14.53 -0.44 -36.20
N VAL D 77 -13.92 -0.82 -35.06
CA VAL D 77 -14.57 -0.84 -33.81
C VAL D 77 -13.86 0.08 -32.87
N PHE D 78 -14.57 1.04 -32.33
CA PHE D 78 -13.96 2.17 -31.62
C PHE D 78 -14.32 2.17 -30.16
N ARG D 79 -13.32 2.36 -29.30
CA ARG D 79 -13.59 2.68 -27.92
C ARG D 79 -13.96 4.16 -27.78
N CYS D 80 -15.20 4.40 -27.45
CA CYS D 80 -15.74 5.72 -27.15
C CYS D 80 -16.30 5.74 -25.74
N ASP D 81 -15.61 6.40 -24.85
CA ASP D 81 -16.09 6.60 -23.50
C ASP D 81 -17.02 7.82 -23.48
N ASP D 82 -18.17 7.69 -22.84
CA ASP D 82 -19.17 8.71 -22.90
C ASP D 82 -19.01 9.72 -21.75
N THR D 83 -19.87 10.73 -21.73
CA THR D 83 -19.85 11.72 -20.73
C THR D 83 -20.27 11.19 -19.34
N SER D 84 -20.67 9.91 -19.23
CA SER D 84 -20.84 9.25 -17.94
C SER D 84 -19.58 8.50 -17.57
N ARG D 85 -18.58 8.56 -18.45
CA ARG D 85 -17.36 7.79 -18.34
C ARG D 85 -17.63 6.30 -18.37
N ARG D 86 -18.68 5.89 -19.08
CA ARG D 86 -18.84 4.48 -19.38
C ARG D 86 -18.04 4.13 -20.64
N MET D 87 -17.58 2.91 -20.66
CA MET D 87 -16.78 2.40 -21.77
C MET D 87 -17.58 1.53 -22.73
N ARG D 88 -17.69 1.98 -23.97
CA ARG D 88 -18.50 1.31 -24.96
C ARG D 88 -17.75 1.22 -26.25
N LEU D 89 -18.12 0.24 -27.07
CA LEU D 89 -17.63 0.11 -28.40
C LEU D 89 -18.61 0.67 -29.43
N HIS D 90 -18.12 1.31 -30.47
CA HIS D 90 -18.98 1.75 -31.58
C HIS D 90 -18.38 1.36 -32.89
N VAL D 91 -19.24 1.07 -33.89
CA VAL D 91 -18.77 0.73 -35.22
C VAL D 91 -18.55 1.99 -36.00
N GLY D 92 -17.52 2.00 -36.83
CA GLY D 92 -17.24 3.16 -37.69
C GLY D 92 -16.81 2.72 -39.11
N PHE D 93 -16.96 3.67 -40.06
CA PHE D 93 -16.53 3.46 -41.44
C PHE D 93 -15.87 4.71 -41.96
N SER D 94 -14.98 4.47 -42.92
CA SER D 94 -14.22 5.51 -43.54
C SER D 94 -13.78 5.15 -44.97
N LYS D 95 -13.83 6.13 -45.86
CA LYS D 95 -13.29 6.04 -47.21
C LYS D 95 -11.76 5.91 -47.26
N ASP D 96 -11.13 6.66 -46.39
CA ASP D 96 -9.69 6.78 -46.42
C ASP D 96 -8.91 6.28 -45.18
N ALA D 97 -9.63 5.90 -44.15
CA ALA D 97 -9.04 5.43 -42.87
C ALA D 97 -8.54 6.57 -41.97
N ILE D 98 -8.86 7.81 -42.36
CA ILE D 98 -8.40 9.02 -41.62
C ILE D 98 -9.60 9.78 -41.04
N ASN D 99 -10.59 10.02 -41.89
CA ASN D 99 -11.82 10.68 -41.49
C ASN D 99 -12.87 9.63 -41.24
N TRP D 100 -13.34 9.51 -39.98
CA TRP D 100 -14.26 8.43 -39.63
C TRP D 100 -15.71 8.82 -39.41
N ASN D 101 -16.62 8.01 -39.91
CA ASN D 101 -18.02 8.18 -39.53
C ASN D 101 -18.33 7.10 -38.52
N ILE D 102 -18.42 7.51 -37.28
CA ILE D 102 -18.66 6.56 -36.20
C ILE D 102 -20.11 6.62 -35.78
N LYS D 103 -20.76 5.49 -35.69
CA LYS D 103 -22.17 5.42 -35.25
C LYS D 103 -22.34 5.97 -33.87
N GLU D 104 -23.39 6.74 -33.65
CA GLU D 104 -23.60 7.45 -32.39
C GLU D 104 -23.98 6.49 -31.29
N GLU D 105 -24.67 5.44 -31.64
CA GLU D 105 -25.10 4.49 -30.64
C GLU D 105 -24.12 3.32 -30.49
N PRO D 106 -23.84 2.91 -29.23
CA PRO D 106 -22.96 1.77 -29.00
C PRO D 106 -23.41 0.50 -29.71
N LEU D 107 -22.39 -0.27 -30.05
CA LEU D 107 -22.49 -1.56 -30.65
C LEU D 107 -23.10 -2.48 -29.62
N LYS D 108 -24.03 -3.31 -30.11
CA LYS D 108 -24.72 -4.29 -29.25
C LYS D 108 -24.56 -5.66 -29.88
N PHE D 109 -24.28 -6.66 -29.09
CA PHE D 109 -24.02 -7.98 -29.65
C PHE D 109 -25.22 -8.87 -29.59
N GLN D 110 -25.37 -9.72 -30.60
CA GLN D 110 -26.28 -10.84 -30.52
C GLN D 110 -25.55 -12.00 -29.81
N CYS D 111 -26.23 -12.71 -28.94
CA CYS D 111 -25.62 -13.85 -28.25
C CYS D 111 -26.64 -14.88 -27.84
N ASP D 112 -26.40 -16.16 -28.13
CA ASP D 112 -27.38 -17.21 -27.76
C ASP D 112 -27.38 -17.48 -26.26
N ASP D 113 -26.32 -17.11 -25.54
CA ASP D 113 -26.29 -17.36 -24.09
C ASP D 113 -26.48 -16.06 -23.33
N GLU D 114 -27.51 -16.00 -22.55
CA GLU D 114 -27.82 -14.84 -21.77
C GLU D 114 -26.78 -14.47 -20.74
N GLU D 115 -26.12 -15.46 -20.15
CA GLU D 115 -25.04 -15.16 -19.19
C GLU D 115 -23.84 -14.49 -19.85
N ILE D 116 -23.36 -15.02 -20.94
CA ILE D 116 -22.30 -14.37 -21.66
C ILE D 116 -22.74 -13.06 -22.34
N GLY D 117 -23.95 -13.05 -22.85
CA GLY D 117 -24.49 -11.91 -23.59
C GLY D 117 -24.79 -10.69 -22.72
N THR D 118 -24.61 -10.78 -21.43
CA THR D 118 -24.89 -9.59 -20.58
C THR D 118 -23.75 -8.56 -20.72
N TRP D 119 -24.06 -7.33 -21.05
CA TRP D 119 -23.10 -6.27 -21.22
C TRP D 119 -22.87 -5.58 -19.88
N VAL D 120 -21.62 -5.52 -19.45
CA VAL D 120 -21.25 -4.77 -18.28
C VAL D 120 -20.41 -3.56 -18.71
N TYR D 121 -19.33 -3.83 -19.44
CA TYR D 121 -18.52 -2.79 -20.04
C TYR D 121 -17.60 -3.41 -21.12
N GLY D 122 -17.03 -2.56 -21.95
CA GLY D 122 -16.05 -3.05 -22.89
C GLY D 122 -15.12 -2.03 -23.42
N TYR D 123 -13.84 -2.38 -23.50
CA TYR D 123 -12.84 -1.46 -24.05
C TYR D 123 -11.74 -2.18 -24.80
N ASP D 124 -10.93 -1.34 -25.46
N ASP D 124 -10.71 -1.53 -25.32
CA ASP D 124 -9.68 -1.73 -26.16
CA ASP D 124 -9.58 -2.34 -25.85
C ASP D 124 -9.84 -2.92 -27.11
C ASP D 124 -9.91 -3.23 -27.10
N PRO D 125 -10.70 -2.75 -28.10
CA PRO D 125 -10.96 -3.74 -29.14
C PRO D 125 -9.79 -3.91 -30.09
N ARG D 126 -9.75 -5.11 -30.65
CA ARG D 126 -8.90 -5.46 -31.79
C ARG D 126 -9.71 -6.23 -32.80
N VAL D 127 -9.50 -5.96 -34.08
CA VAL D 127 -10.31 -6.58 -35.11
C VAL D 127 -9.38 -7.14 -36.20
N CYS D 128 -9.60 -8.39 -36.58
CA CYS D 128 -8.99 -8.89 -37.84
C CYS D 128 -9.83 -9.94 -38.56
N PHE D 129 -9.55 -10.13 -39.83
CA PHE D 129 -10.22 -11.14 -40.65
C PHE D 129 -9.48 -12.44 -40.55
N ILE D 130 -10.19 -13.51 -40.23
CA ILE D 130 -9.64 -14.82 -40.26
C ILE D 130 -10.53 -15.75 -41.09
N GLU D 131 -9.98 -16.13 -42.23
CA GLU D 131 -10.50 -17.14 -43.14
C GLU D 131 -11.77 -16.74 -43.83
N ASP D 132 -12.82 -16.56 -43.06
CA ASP D 132 -14.10 -16.24 -43.64
C ASP D 132 -14.87 -15.09 -43.07
N ARG D 133 -14.36 -14.44 -42.04
CA ARG D 133 -15.13 -13.43 -41.36
C ARG D 133 -14.23 -12.58 -40.51
N TYR D 134 -14.74 -11.49 -40.01
CA TYR D 134 -14.04 -10.62 -39.09
C TYR D 134 -14.27 -11.04 -37.66
N TYR D 135 -13.20 -11.10 -36.88
CA TYR D 135 -13.29 -11.35 -35.46
C TYR D 135 -12.93 -10.09 -34.69
N VAL D 136 -13.66 -9.90 -33.61
N VAL D 136 -13.71 -9.77 -33.66
CA VAL D 136 -13.50 -8.82 -32.64
CA VAL D 136 -13.36 -8.74 -32.69
C VAL D 136 -13.16 -9.38 -31.25
C VAL D 136 -13.18 -9.30 -31.28
N THR D 137 -12.07 -8.89 -30.64
CA THR D 137 -11.76 -9.15 -29.23
C THR D 137 -11.79 -7.84 -28.53
N TRP D 138 -12.14 -7.86 -27.26
CA TRP D 138 -12.10 -6.65 -26.50
C TRP D 138 -11.97 -7.00 -25.07
N CYS D 139 -11.69 -6.02 -24.22
CA CYS D 139 -11.68 -6.31 -22.80
C CYS D 139 -13.12 -6.17 -22.31
N ASN D 140 -13.74 -7.29 -21.93
CA ASN D 140 -15.15 -7.44 -21.61
C ASN D 140 -15.30 -7.72 -20.15
N GLY D 141 -16.20 -7.02 -19.51
CA GLY D 141 -16.44 -7.29 -18.11
C GLY D 141 -17.30 -8.53 -17.92
N TYR D 142 -16.73 -9.53 -17.26
CA TYR D 142 -17.47 -10.68 -16.84
C TYR D 142 -16.91 -11.07 -15.47
N HIS D 143 -17.44 -10.47 -14.41
CA HIS D 143 -16.91 -10.62 -13.05
C HIS D 143 -15.41 -10.24 -13.07
N GLY D 144 -15.15 -9.18 -13.79
CA GLY D 144 -13.88 -8.62 -13.98
C GLY D 144 -13.42 -8.62 -15.44
N PRO D 145 -12.25 -8.00 -15.71
CA PRO D 145 -11.85 -7.96 -17.09
C PRO D 145 -11.40 -9.33 -17.64
N THR D 146 -11.94 -9.66 -18.80
CA THR D 146 -11.47 -10.79 -19.55
C THR D 146 -11.54 -10.48 -21.03
N ILE D 147 -11.31 -11.50 -21.86
N ILE D 147 -11.34 -11.49 -21.87
CA ILE D 147 -11.28 -11.24 -23.26
CA ILE D 147 -11.29 -11.19 -23.26
C ILE D 147 -12.57 -11.72 -23.89
C ILE D 147 -12.51 -11.70 -23.98
N GLY D 148 -13.38 -10.77 -24.35
CA GLY D 148 -14.59 -11.05 -25.05
C GLY D 148 -14.26 -11.33 -26.51
N VAL D 149 -15.08 -12.17 -27.15
CA VAL D 149 -14.90 -12.54 -28.56
C VAL D 149 -16.25 -12.45 -29.30
N ALA D 150 -16.18 -11.96 -30.52
CA ALA D 150 -17.32 -11.93 -31.41
C ALA D 150 -16.90 -11.99 -32.87
N TYR D 151 -17.82 -12.32 -33.76
CA TYR D 151 -17.50 -12.20 -35.19
C TYR D 151 -18.55 -11.36 -35.93
N THR D 152 -18.16 -10.89 -37.10
CA THR D 152 -19.10 -10.25 -38.03
C THR D 152 -18.68 -10.52 -39.46
N PHE D 153 -19.68 -10.73 -40.32
CA PHE D 153 -19.49 -10.79 -41.75
C PHE D 153 -19.62 -9.40 -42.38
N ASP D 154 -20.34 -8.47 -41.76
CA ASP D 154 -20.69 -7.23 -42.47
C ASP D 154 -20.54 -5.94 -41.69
N PHE D 155 -20.16 -5.99 -40.42
CA PHE D 155 -20.03 -4.81 -39.61
C PHE D 155 -21.34 -4.16 -39.30
N GLU D 156 -22.41 -4.93 -39.42
CA GLU D 156 -23.72 -4.50 -39.03
C GLU D 156 -24.24 -5.38 -37.91
N THR D 157 -24.21 -6.69 -38.13
CA THR D 157 -24.56 -7.65 -37.10
C THR D 157 -23.29 -8.29 -36.55
N PHE D 158 -23.19 -8.34 -35.22
CA PHE D 158 -22.07 -8.97 -34.49
C PHE D 158 -22.55 -10.07 -33.57
N HIS D 159 -21.90 -11.22 -33.69
CA HIS D 159 -22.33 -12.42 -32.96
C HIS D 159 -21.28 -12.69 -31.87
N GLN D 160 -21.70 -12.62 -30.63
CA GLN D 160 -20.80 -12.84 -29.51
C GLN D 160 -20.57 -14.31 -29.26
N LEU D 161 -19.30 -14.63 -29.01
CA LEU D 161 -18.88 -15.98 -28.66
C LEU D 161 -18.46 -16.04 -27.21
N GLU D 162 -17.99 -17.21 -26.79
CA GLU D 162 -17.59 -17.34 -25.42
C GLU D 162 -16.41 -16.40 -25.13
N ASN D 163 -16.39 -15.85 -23.91
CA ASN D 163 -15.18 -15.23 -23.44
C ASN D 163 -14.01 -16.24 -23.51
N ALA D 164 -12.86 -15.84 -24.03
CA ALA D 164 -11.77 -16.79 -24.29
C ALA D 164 -11.13 -17.35 -23.01
N PHE D 165 -11.12 -16.55 -21.97
CA PHE D 165 -10.36 -16.85 -20.78
C PHE D 165 -11.15 -16.47 -19.54
N ILE D 166 -10.71 -17.00 -18.43
CA ILE D 166 -11.20 -16.60 -17.15
C ILE D 166 -10.56 -15.23 -16.86
N PRO D 167 -11.28 -14.34 -16.18
CA PRO D 167 -10.56 -13.17 -15.68
C PRO D 167 -9.35 -13.52 -14.78
N PHE D 168 -8.33 -12.68 -14.64
CA PHE D 168 -8.28 -11.35 -15.20
C PHE D 168 -7.30 -11.31 -16.35
N ASN D 169 -7.74 -10.73 -17.45
CA ASN D 169 -6.99 -10.74 -18.68
C ASN D 169 -7.46 -9.56 -19.57
N ARG D 170 -6.54 -9.04 -20.35
CA ARG D 170 -6.72 -7.83 -21.18
C ARG D 170 -5.70 -7.98 -22.32
N ASN D 171 -5.74 -7.04 -23.23
CA ASN D 171 -4.86 -7.00 -24.37
C ASN D 171 -4.88 -8.30 -25.16
N GLY D 172 -6.09 -8.76 -25.43
CA GLY D 172 -6.28 -9.93 -26.29
C GLY D 172 -6.21 -9.52 -27.75
N VAL D 173 -5.35 -10.20 -28.48
CA VAL D 173 -5.05 -9.90 -29.86
C VAL D 173 -4.90 -11.19 -30.69
N LEU D 174 -5.85 -11.44 -31.61
CA LEU D 174 -5.78 -12.61 -32.53
C LEU D 174 -4.68 -12.48 -33.59
N PHE D 175 -4.19 -13.62 -34.02
CA PHE D 175 -3.42 -13.73 -35.23
C PHE D 175 -4.41 -13.77 -36.40
N PRO D 176 -4.00 -13.19 -37.54
CA PRO D 176 -4.84 -12.99 -38.72
C PRO D 176 -4.99 -14.22 -39.62
N ARG D 177 -4.46 -15.36 -39.18
CA ARG D 177 -4.71 -16.64 -39.81
C ARG D 177 -4.47 -17.69 -38.76
N LYS D 178 -4.90 -18.92 -39.04
CA LYS D 178 -4.60 -20.00 -38.14
C LYS D 178 -3.14 -20.29 -38.16
N ILE D 179 -2.63 -20.79 -37.06
CA ILE D 179 -1.26 -21.22 -36.91
C ILE D 179 -1.35 -22.72 -36.76
N ASN D 180 -0.94 -23.43 -37.80
CA ASN D 180 -0.92 -24.87 -37.72
C ASN D 180 -2.29 -25.48 -37.49
N GLY D 181 -3.33 -24.86 -38.05
CA GLY D 181 -4.68 -25.42 -37.99
C GLY D 181 -5.45 -25.00 -36.76
N ARG D 182 -4.91 -24.07 -35.97
CA ARG D 182 -5.60 -23.54 -34.82
C ARG D 182 -5.63 -22.03 -34.83
N PHE D 183 -6.70 -21.46 -34.33
CA PHE D 183 -6.81 -20.06 -34.05
C PHE D 183 -5.77 -19.80 -32.94
N ALA D 184 -5.20 -18.59 -32.96
CA ALA D 184 -4.18 -18.22 -31.97
C ALA D 184 -4.37 -16.79 -31.44
N MET D 185 -4.09 -16.58 -30.15
CA MET D 185 -4.36 -15.29 -29.57
C MET D 185 -3.29 -14.95 -28.57
N LEU D 186 -2.79 -13.72 -28.67
CA LEU D 186 -1.97 -13.15 -27.62
C LEU D 186 -2.90 -12.61 -26.53
N SER D 187 -2.44 -12.70 -25.29
CA SER D 187 -3.21 -12.07 -24.20
C SER D 187 -2.31 -11.54 -23.11
N ARG D 188 -2.85 -11.18 -21.98
CA ARG D 188 -2.05 -10.45 -20.99
C ARG D 188 -2.66 -10.58 -19.62
N PRO D 189 -2.24 -11.56 -18.82
CA PRO D 189 -2.81 -11.74 -17.53
C PRO D 189 -2.64 -10.49 -16.67
N SER D 190 -3.69 -10.17 -15.92
CA SER D 190 -3.85 -8.89 -15.24
C SER D 190 -4.45 -9.09 -13.82
N ASP D 191 -4.96 -8.03 -13.19
CA ASP D 191 -5.67 -8.13 -11.91
C ASP D 191 -6.87 -7.30 -12.07
N ASN D 192 -7.55 -6.93 -10.99
CA ASN D 192 -8.81 -6.21 -11.15
C ASN D 192 -8.63 -4.75 -10.78
N GLY D 193 -7.43 -4.18 -11.01
CA GLY D 193 -7.22 -2.77 -10.75
C GLY D 193 -6.37 -2.19 -11.85
N HIS D 194 -5.63 -1.14 -11.49
CA HIS D 194 -4.57 -0.59 -12.33
C HIS D 194 -3.36 -1.52 -12.24
N THR D 195 -3.21 -2.41 -13.20
CA THR D 195 -2.38 -3.62 -12.98
C THR D 195 -0.88 -3.25 -12.95
N PRO D 196 -0.12 -3.58 -11.91
CA PRO D 196 1.26 -3.13 -11.80
C PRO D 196 2.24 -4.14 -12.31
N PHE D 197 1.83 -5.02 -13.16
CA PHE D 197 2.67 -6.05 -13.75
C PHE D 197 2.05 -6.46 -15.09
N GLY D 198 2.77 -7.23 -15.90
CA GLY D 198 2.18 -7.74 -17.11
C GLY D 198 3.08 -8.42 -18.09
N ASP D 199 2.91 -9.72 -18.28
CA ASP D 199 3.60 -10.56 -19.26
C ASP D 199 2.68 -10.82 -20.46
N ILE D 200 3.23 -10.95 -21.64
CA ILE D 200 2.46 -11.35 -22.78
C ILE D 200 2.44 -12.88 -22.91
N PHE D 201 1.25 -13.42 -23.12
CA PHE D 201 1.04 -14.84 -23.32
C PHE D 201 0.41 -15.16 -24.73
N TYR D 202 0.45 -16.41 -25.10
CA TYR D 202 0.00 -16.93 -26.41
C TYR D 202 -0.84 -18.15 -26.09
N SER D 203 -1.98 -18.32 -26.77
CA SER D 203 -2.86 -19.42 -26.55
C SER D 203 -3.48 -19.81 -27.92
N GLU D 204 -3.98 -21.04 -28.01
CA GLU D 204 -4.60 -21.55 -29.22
C GLU D 204 -5.92 -22.18 -28.97
N SER D 205 -6.69 -22.37 -30.05
CA SER D 205 -8.03 -22.91 -29.98
C SER D 205 -8.33 -23.60 -31.29
N PRO D 206 -8.83 -24.84 -31.20
CA PRO D 206 -9.31 -25.52 -32.44
C PRO D 206 -10.62 -24.96 -33.03
N ASP D 207 -11.42 -24.28 -32.20
CA ASP D 207 -12.82 -23.96 -32.53
C ASP D 207 -13.35 -22.58 -32.10
N MET D 208 -12.49 -21.68 -31.61
CA MET D 208 -12.97 -20.38 -31.13
C MET D 208 -13.91 -20.55 -29.93
N GLU D 209 -13.79 -21.66 -29.22
CA GLU D 209 -14.60 -21.90 -28.01
C GLU D 209 -13.71 -22.32 -26.87
N PHE D 210 -12.88 -23.35 -27.06
CA PHE D 210 -11.98 -23.82 -25.99
C PHE D 210 -10.57 -23.43 -26.28
N TRP D 211 -9.92 -22.87 -25.28
CA TRP D 211 -8.55 -22.29 -25.46
C TRP D 211 -7.55 -23.06 -24.63
N GLY D 212 -6.30 -23.07 -25.05
CA GLY D 212 -5.29 -23.84 -24.36
C GLY D 212 -3.92 -23.77 -24.97
N ARG D 213 -3.03 -24.67 -24.59
N ARG D 213 -3.03 -24.67 -24.58
CA ARG D 213 -1.66 -24.65 -25.01
CA ARG D 213 -1.66 -24.66 -24.99
C ARG D 213 -0.92 -23.33 -24.65
C ARG D 213 -0.93 -23.33 -24.65
N HIS D 214 -1.20 -22.84 -23.45
CA HIS D 214 -0.78 -21.49 -23.07
C HIS D 214 0.75 -21.40 -23.01
N ARG D 215 1.32 -20.36 -23.58
CA ARG D 215 2.77 -20.24 -23.58
C ARG D 215 3.13 -18.84 -23.25
N HIS D 216 4.12 -18.69 -22.37
CA HIS D 216 4.66 -17.37 -22.07
C HIS D 216 5.42 -16.80 -23.33
N VAL D 217 5.17 -15.56 -23.70
CA VAL D 217 5.89 -14.91 -24.80
C VAL D 217 7.07 -14.03 -24.27
N MET D 218 6.77 -13.01 -23.50
CA MET D 218 7.81 -12.21 -22.89
C MET D 218 7.24 -11.45 -21.71
N SER D 219 8.20 -10.99 -20.93
CA SER D 219 8.00 -10.34 -19.64
C SER D 219 8.57 -8.95 -19.83
N PRO D 220 8.17 -8.03 -18.96
CA PRO D 220 8.82 -6.76 -19.01
C PRO D 220 10.36 -6.91 -18.90
N ALA D 221 11.08 -5.97 -19.47
CA ALA D 221 12.53 -5.96 -19.39
C ALA D 221 12.97 -5.41 -18.05
N ALA D 222 14.21 -5.65 -17.69
CA ALA D 222 14.78 -5.05 -16.48
C ALA D 222 14.93 -3.54 -16.69
N PHE D 223 14.76 -2.77 -15.66
CA PHE D 223 14.73 -1.33 -15.95
C PHE D 223 16.11 -0.80 -16.37
N GLU D 224 17.19 -1.50 -15.99
N GLU D 224 17.20 -1.48 -16.01
CA GLU D 224 18.55 -1.13 -16.35
CA GLU D 224 18.53 -1.00 -16.38
C GLU D 224 18.75 -1.25 -17.84
C GLU D 224 18.86 -1.37 -17.80
N VAL D 225 17.98 -2.15 -18.45
CA VAL D 225 18.11 -2.49 -19.85
C VAL D 225 17.19 -1.70 -20.77
N SER D 226 15.92 -1.63 -20.44
CA SER D 226 14.97 -0.97 -21.31
C SER D 226 13.78 -0.50 -20.46
N ALA D 227 13.88 0.71 -19.92
CA ALA D 227 12.91 1.10 -18.93
C ALA D 227 11.55 1.47 -19.45
N TRP D 228 11.40 1.84 -20.70
CA TRP D 228 10.05 2.12 -21.20
C TRP D 228 9.13 0.87 -21.15
N GLN D 229 9.66 -0.32 -20.88
CA GLN D 229 8.90 -1.55 -20.89
C GLN D 229 9.26 -2.43 -19.68
N CYS D 230 9.59 -1.78 -18.58
CA CYS D 230 9.99 -2.48 -17.38
C CYS D 230 8.89 -2.74 -16.35
N THR D 231 7.74 -2.06 -16.43
CA THR D 231 6.66 -2.31 -15.47
C THR D 231 5.70 -3.41 -15.93
N LYS D 232 5.26 -3.27 -17.19
CA LYS D 232 4.35 -4.16 -17.80
C LYS D 232 4.33 -3.90 -19.33
N ILE D 233 3.91 -4.92 -20.09
CA ILE D 233 3.74 -4.82 -21.52
C ILE D 233 2.44 -5.47 -21.94
N GLY D 234 2.01 -5.14 -23.15
CA GLY D 234 0.83 -5.81 -23.72
C GLY D 234 0.83 -5.66 -25.23
N ALA D 235 0.23 -6.62 -25.92
CA ALA D 235 0.21 -6.57 -27.37
C ALA D 235 -0.71 -5.48 -27.84
N GLY D 236 -0.40 -4.94 -29.02
CA GLY D 236 -1.13 -3.79 -29.59
C GLY D 236 -1.94 -4.17 -30.81
N PRO D 237 -1.50 -3.74 -31.98
CA PRO D 237 -2.23 -4.13 -33.18
C PRO D 237 -2.11 -5.66 -33.47
N ILE D 238 -2.95 -6.13 -34.38
CA ILE D 238 -2.89 -7.49 -34.90
C ILE D 238 -1.47 -7.78 -35.40
N PRO D 239 -0.94 -8.95 -35.03
CA PRO D 239 0.40 -9.19 -35.53
C PRO D 239 0.51 -9.13 -37.06
N VAL D 240 1.64 -8.69 -37.58
CA VAL D 240 1.86 -8.56 -39.06
C VAL D 240 2.84 -9.59 -39.56
N GLU D 241 2.36 -10.44 -40.45
CA GLU D 241 3.21 -11.50 -41.02
C GLU D 241 4.30 -10.94 -41.94
N THR D 242 5.53 -11.36 -41.69
CA THR D 242 6.64 -11.08 -42.58
C THR D 242 7.38 -12.41 -42.83
N PRO D 243 8.29 -12.40 -43.83
CA PRO D 243 9.19 -13.51 -44.07
C PRO D 243 10.03 -13.91 -42.84
N GLU D 244 10.39 -12.94 -42.04
CA GLU D 244 11.28 -13.18 -40.92
C GLU D 244 10.56 -13.49 -39.61
N GLY D 245 9.23 -13.51 -39.60
CA GLY D 245 8.48 -13.70 -38.37
C GLY D 245 7.26 -12.80 -38.28
N TRP D 246 6.51 -12.95 -37.19
CA TRP D 246 5.46 -12.01 -36.89
C TRP D 246 6.03 -10.72 -36.32
N LEU D 247 5.72 -9.59 -36.95
CA LEU D 247 6.02 -8.29 -36.39
C LEU D 247 4.90 -7.95 -35.39
N LEU D 248 5.31 -7.85 -34.13
CA LEU D 248 4.47 -7.45 -33.01
C LEU D 248 4.83 -6.03 -32.57
N ILE D 249 3.82 -5.18 -32.58
CA ILE D 249 3.92 -3.89 -31.99
C ILE D 249 3.21 -3.95 -30.66
N TYR D 250 3.88 -3.49 -29.62
CA TYR D 250 3.38 -3.69 -28.32
C TYR D 250 3.68 -2.45 -27.45
N HIS D 251 2.84 -2.25 -26.46
CA HIS D 251 3.06 -1.14 -25.51
C HIS D 251 3.92 -1.62 -24.33
N GLY D 252 4.58 -0.65 -23.70
CA GLY D 252 5.49 -0.88 -22.54
C GLY D 252 5.22 0.27 -21.59
N VAL D 253 5.17 -0.03 -20.29
CA VAL D 253 4.99 0.96 -19.29
C VAL D 253 6.25 1.15 -18.46
N LEU D 254 6.57 2.42 -18.20
CA LEU D 254 7.52 2.88 -17.17
C LEU D 254 6.70 3.58 -16.06
N HIS D 255 7.03 3.26 -14.82
CA HIS D 255 6.41 3.80 -13.60
C HIS D 255 7.28 4.89 -13.06
N SER D 256 6.87 6.14 -13.24
CA SER D 256 7.60 7.27 -12.63
C SER D 256 6.99 7.61 -11.26
N CYS D 257 7.54 8.60 -10.53
CA CYS D 257 6.93 8.95 -9.26
C CYS D 257 5.56 9.54 -9.49
N ASN D 258 5.31 10.06 -10.66
CA ASN D 258 3.99 10.65 -10.98
C ASN D 258 3.09 9.88 -11.92
N GLY D 259 3.31 8.57 -12.08
CA GLY D 259 2.41 7.77 -12.85
C GLY D 259 3.09 6.89 -13.89
N TYR D 260 2.27 6.34 -14.78
CA TYR D 260 2.72 5.46 -15.77
C TYR D 260 2.95 6.28 -17.04
N VAL D 261 3.96 5.89 -17.80
CA VAL D 261 4.18 6.45 -19.11
C VAL D 261 4.04 5.23 -20.08
N TYR D 262 3.17 5.34 -21.07
CA TYR D 262 3.03 4.29 -22.05
C TYR D 262 3.73 4.68 -23.35
N SER D 263 4.70 3.86 -23.74
CA SER D 263 5.36 3.97 -25.03
C SER D 263 5.08 2.69 -25.80
N PHE D 264 5.55 2.66 -27.04
CA PHE D 264 5.45 1.43 -27.81
C PHE D 264 6.64 1.11 -28.69
N GLY D 265 6.78 -0.16 -28.98
CA GLY D 265 7.97 -0.70 -29.67
C GLY D 265 7.64 -1.97 -30.43
N SER D 266 8.68 -2.70 -30.81
CA SER D 266 8.51 -3.77 -31.72
C SER D 266 9.28 -5.01 -31.37
N ALA D 267 8.75 -6.15 -31.76
CA ALA D 267 9.43 -7.44 -31.61
C ALA D 267 9.07 -8.28 -32.82
N LEU D 268 9.89 -9.30 -33.01
CA LEU D 268 9.71 -10.33 -34.04
C LEU D 268 9.57 -11.68 -33.43
N LEU D 269 8.45 -12.34 -33.71
CA LEU D 269 8.15 -13.65 -33.19
C LEU D 269 8.33 -14.71 -34.26
N ASP D 270 8.72 -15.91 -33.84
CA ASP D 270 8.84 -17.02 -34.76
C ASP D 270 7.53 -17.24 -35.50
N LEU D 271 7.61 -17.57 -36.80
CA LEU D 271 6.37 -17.78 -37.62
C LEU D 271 5.51 -18.93 -37.17
N ASP D 272 6.13 -20.02 -36.81
CA ASP D 272 5.46 -21.26 -36.55
C ASP D 272 5.20 -21.46 -35.09
N GLU D 273 5.96 -20.79 -34.22
CA GLU D 273 5.80 -21.00 -32.79
C GLU D 273 5.89 -19.63 -32.17
N PRO D 274 4.81 -18.82 -32.30
CA PRO D 274 4.97 -17.36 -32.10
C PRO D 274 5.27 -16.92 -30.64
N TRP D 275 5.16 -17.84 -29.68
CA TRP D 275 5.63 -17.55 -28.36
C TRP D 275 7.11 -17.52 -28.27
N LYS D 276 7.82 -17.94 -29.30
CA LYS D 276 9.27 -17.82 -29.28
C LYS D 276 9.72 -16.54 -29.90
N VAL D 277 10.38 -15.74 -29.09
CA VAL D 277 10.73 -14.41 -29.50
C VAL D 277 12.08 -14.42 -30.18
N LYS D 278 12.15 -13.87 -31.36
CA LYS D 278 13.43 -13.84 -32.09
C LYS D 278 14.23 -12.58 -31.84
N PHE D 279 13.57 -11.43 -31.86
CA PHE D 279 14.17 -10.15 -31.63
C PHE D 279 13.16 -9.21 -30.90
N ARG D 280 13.68 -8.31 -30.08
CA ARG D 280 12.89 -7.46 -29.25
C ARG D 280 13.63 -6.15 -29.11
N SER D 281 13.02 -5.05 -29.55
CA SER D 281 13.71 -3.78 -29.53
C SER D 281 14.05 -3.21 -28.09
N GLY D 282 15.25 -2.65 -27.99
CA GLY D 282 15.66 -1.85 -26.85
C GLY D 282 15.01 -0.48 -26.78
N PRO D 283 15.16 0.32 -27.84
CA PRO D 283 14.45 1.60 -27.81
C PRO D 283 13.00 1.44 -28.11
N TYR D 284 12.20 2.42 -27.75
CA TYR D 284 10.87 2.47 -28.22
C TYR D 284 10.87 2.92 -29.68
N LEU D 285 9.73 2.72 -30.29
CA LEU D 285 9.36 3.37 -31.55
C LEU D 285 8.71 4.75 -31.39
N LEU D 286 7.80 4.87 -30.43
CA LEU D 286 7.10 6.12 -30.17
C LEU D 286 6.85 6.21 -28.64
N ALA D 287 6.91 7.43 -28.11
CA ALA D 287 6.67 7.75 -26.72
C ALA D 287 5.97 9.11 -26.63
N PRO D 288 5.28 9.37 -25.50
CA PRO D 288 4.52 10.62 -25.40
C PRO D 288 5.39 11.87 -25.46
N ARG D 289 5.08 12.73 -26.42
CA ARG D 289 5.87 13.90 -26.75
C ARG D 289 4.99 15.13 -27.08
N GLU D 290 3.94 14.97 -27.88
CA GLU D 290 3.07 16.07 -28.26
C GLU D 290 2.00 16.39 -27.22
N PRO D 291 1.48 17.64 -27.25
CA PRO D 291 0.47 18.01 -26.24
C PRO D 291 -0.75 17.06 -26.20
N TYR D 292 -1.10 16.48 -27.34
CA TYR D 292 -2.27 15.61 -27.37
C TYR D 292 -1.93 14.22 -26.84
N GLU D 293 -0.64 13.90 -26.68
CA GLU D 293 -0.19 12.66 -26.05
C GLU D 293 0.08 12.85 -24.54
N CYS D 294 0.45 14.08 -24.19
CA CYS D 294 0.87 14.41 -22.87
C CYS D 294 -0.18 15.10 -22.04
N MET D 295 -1.28 15.55 -22.59
CA MET D 295 -2.28 16.22 -21.79
C MET D 295 -3.62 15.65 -22.20
N GLY D 296 -4.45 15.28 -21.21
CA GLY D 296 -5.67 14.58 -21.46
C GLY D 296 -6.19 13.88 -20.25
N ASP D 297 -7.18 13.03 -20.47
CA ASP D 297 -7.79 12.27 -19.45
C ASP D 297 -6.77 11.42 -18.70
N VAL D 298 -5.81 10.86 -19.44
CA VAL D 298 -4.72 10.11 -18.84
C VAL D 298 -3.43 10.59 -19.48
N PRO D 299 -2.70 11.43 -18.77
CA PRO D 299 -1.50 11.96 -19.41
C PRO D 299 -0.44 10.92 -19.71
N ASN D 300 0.30 11.20 -20.77
CA ASN D 300 1.50 10.48 -21.12
C ASN D 300 1.23 9.04 -21.56
N VAL D 301 0.31 8.92 -22.53
CA VAL D 301 -0.04 7.63 -23.09
C VAL D 301 0.00 7.64 -24.64
N CYS D 302 0.75 6.71 -25.21
CA CYS D 302 0.67 6.31 -26.63
C CYS D 302 0.37 4.83 -26.62
N PHE D 303 -0.83 4.45 -27.05
CA PHE D 303 -1.35 3.11 -26.87
C PHE D 303 -1.82 2.59 -28.25
N PRO D 304 -0.99 1.76 -28.91
CA PRO D 304 -1.27 1.23 -30.24
C PRO D 304 -2.30 0.07 -30.24
N CYS D 305 -3.28 0.17 -31.14
N CYS D 305 -3.41 0.31 -30.97
CA CYS D 305 -4.47 -0.66 -31.12
C CYS D 305 -4.69 -1.28 -32.51
C CYS D 305 -4.73 -1.25 -32.51
N ALA D 306 -4.18 -0.67 -33.56
CA ALA D 306 -4.36 -1.24 -34.89
C ALA D 306 -3.32 -0.77 -35.83
N ALA D 307 -3.23 -1.48 -36.95
CA ALA D 307 -2.44 -1.03 -38.06
C ALA D 307 -2.97 -1.56 -39.37
N LEU D 308 -2.64 -0.84 -40.44
CA LEU D 308 -2.92 -1.23 -41.82
C LEU D 308 -1.58 -1.26 -42.45
N HIS D 309 -1.35 -2.21 -43.34
CA HIS D 309 -0.04 -2.31 -43.99
C HIS D 309 -0.14 -2.83 -45.44
N ASP D 310 0.90 -2.54 -46.21
CA ASP D 310 0.96 -2.93 -47.62
C ASP D 310 2.28 -3.60 -47.93
N ASN D 311 2.24 -4.90 -48.22
CA ASN D 311 3.46 -5.66 -48.35
C ASN D 311 4.20 -5.23 -49.60
N GLU D 312 3.50 -4.69 -50.59
CA GLU D 312 4.22 -4.33 -51.82
C GLU D 312 5.19 -3.22 -51.57
N THR D 313 4.77 -2.22 -50.80
CA THR D 313 5.54 -1.02 -50.55
C THR D 313 6.23 -1.03 -49.22
N GLY D 314 5.86 -1.96 -48.33
CA GLY D 314 6.44 -1.98 -47.00
C GLY D 314 5.86 -0.89 -46.11
N ARG D 315 4.89 -0.13 -46.61
CA ARG D 315 4.26 0.84 -45.75
C ARG D 315 3.35 0.20 -44.63
N ILE D 316 3.39 0.86 -43.44
CA ILE D 316 2.54 0.52 -42.31
C ILE D 316 2.05 1.83 -41.67
N ALA D 317 0.77 1.84 -41.30
CA ALA D 317 0.20 2.95 -40.56
C ALA D 317 -0.40 2.38 -39.27
N ILE D 318 0.07 2.93 -38.15
CA ILE D 318 -0.29 2.52 -36.79
C ILE D 318 -1.18 3.53 -36.10
N TYR D 319 -2.33 3.03 -35.65
CA TYR D 319 -3.30 3.79 -34.94
C TYR D 319 -2.97 3.65 -33.45
N TYR D 320 -2.98 4.76 -32.74
CA TYR D 320 -2.72 4.69 -31.32
C TYR D 320 -3.55 5.71 -30.58
N GLY D 321 -3.96 5.34 -29.35
CA GLY D 321 -4.60 6.25 -28.45
C GLY D 321 -3.63 7.22 -27.83
N CYS D 322 -4.09 8.45 -27.63
CA CYS D 322 -3.26 9.58 -27.16
C CYS D 322 -3.89 10.11 -25.90
N ALA D 323 -3.18 9.88 -24.79
CA ALA D 323 -3.58 10.34 -23.50
C ALA D 323 -4.96 9.85 -23.16
N ASP D 324 -5.36 8.68 -23.65
CA ASP D 324 -6.73 8.17 -23.43
C ASP D 324 -7.82 9.23 -23.76
N THR D 325 -7.55 10.04 -24.80
CA THR D 325 -8.48 11.10 -25.16
C THR D 325 -8.87 11.13 -26.61
N VAL D 326 -7.89 11.03 -27.51
CA VAL D 326 -8.07 11.15 -28.94
C VAL D 326 -7.24 10.04 -29.59
N THR D 327 -7.34 9.93 -30.90
CA THR D 327 -6.66 8.89 -31.67
C THR D 327 -5.71 9.56 -32.70
N GLY D 328 -4.52 9.00 -32.79
CA GLY D 328 -3.49 9.53 -33.67
C GLY D 328 -3.00 8.40 -34.57
N LEU D 329 -2.20 8.80 -35.54
CA LEU D 329 -1.70 7.89 -36.54
C LEU D 329 -0.23 8.12 -36.68
N ALA D 330 0.54 7.06 -36.90
CA ALA D 330 1.97 7.15 -37.18
C ALA D 330 2.37 6.19 -38.30
N PHE D 331 3.44 6.51 -39.04
CA PHE D 331 3.77 5.79 -40.25
C PHE D 331 5.20 5.31 -40.15
N GLY D 332 5.51 4.24 -40.85
CA GLY D 332 6.88 3.69 -40.95
C GLY D 332 6.95 2.67 -42.10
N TYR D 333 8.14 2.09 -42.33
CA TYR D 333 8.32 0.97 -43.27
C TYR D 333 8.65 -0.34 -42.60
N ILE D 334 7.86 -1.37 -42.84
CA ILE D 334 8.10 -2.68 -42.28
C ILE D 334 9.57 -3.15 -42.36
N PRO D 335 10.25 -3.02 -43.51
CA PRO D 335 11.66 -3.47 -43.51
C PRO D 335 12.55 -2.64 -42.58
N GLU D 336 12.33 -1.33 -42.48
CA GLU D 336 13.10 -0.53 -41.49
C GLU D 336 12.76 -0.85 -40.02
N ILE D 337 11.50 -1.14 -39.75
CA ILE D 337 11.15 -1.60 -38.44
C ILE D 337 11.84 -2.92 -38.08
N ILE D 338 11.79 -3.89 -38.99
CA ILE D 338 12.46 -5.17 -38.81
C ILE D 338 13.98 -5.00 -38.58
N GLU D 339 14.64 -4.21 -39.40
CA GLU D 339 16.09 -4.02 -39.21
C GLU D 339 16.39 -3.32 -37.85
N PHE D 340 15.59 -2.34 -37.49
CA PHE D 340 15.75 -1.66 -36.19
C PHE D 340 15.58 -2.65 -35.03
N THR D 341 14.59 -3.51 -35.13
CA THR D 341 14.29 -4.45 -34.11
C THR D 341 15.46 -5.42 -33.91
N LYS D 342 16.06 -5.81 -35.01
CA LYS D 342 17.15 -6.78 -34.96
C LYS D 342 18.42 -6.08 -34.49
N ARG D 343 18.69 -4.91 -35.01
CA ARG D 343 19.91 -4.17 -34.67
C ARG D 343 19.94 -3.75 -33.19
N THR D 344 18.82 -3.38 -32.62
CA THR D 344 18.80 -2.91 -31.25
C THR D 344 18.30 -3.97 -30.31
N SER D 345 18.30 -5.21 -30.73
CA SER D 345 17.65 -6.24 -29.96
C SER D 345 18.26 -6.45 -28.59
N ILE D 346 17.41 -6.59 -27.60
CA ILE D 346 17.84 -6.87 -26.23
C ILE D 346 17.86 -8.36 -25.86
N ILE D 347 17.55 -9.16 -26.83
CA ILE D 347 17.68 -10.60 -26.93
C ILE D 347 18.56 -11.08 -28.07
N VAL E 27 35.93 34.44 -16.02
CA VAL E 27 34.69 33.65 -16.27
C VAL E 27 33.55 34.66 -16.49
N ILE E 28 32.91 34.66 -17.66
CA ILE E 28 31.66 35.46 -17.83
C ILE E 28 30.39 34.59 -17.66
N ILE E 29 29.67 34.72 -16.53
CA ILE E 29 28.57 33.78 -16.32
C ILE E 29 27.35 34.26 -17.07
N PRO E 30 26.50 33.36 -17.54
CA PRO E 30 25.27 33.79 -18.21
C PRO E 30 24.36 34.62 -17.27
N TRP E 31 23.64 35.58 -17.85
CA TRP E 31 22.88 36.60 -17.12
C TRP E 31 21.79 37.24 -17.96
N GLU E 32 20.64 37.42 -17.35
CA GLU E 32 19.58 38.26 -17.88
C GLU E 32 19.08 39.08 -16.74
N GLU E 33 18.82 40.34 -17.02
CA GLU E 33 18.43 41.26 -16.00
C GLU E 33 17.02 40.99 -15.58
N ARG E 34 16.70 41.32 -14.36
N ARG E 34 16.71 41.34 -14.35
CA ARG E 34 15.36 41.05 -13.83
CA ARG E 34 15.37 41.20 -13.78
C ARG E 34 14.35 41.75 -14.74
C ARG E 34 14.33 41.81 -14.74
N PRO E 35 13.26 41.07 -15.09
CA PRO E 35 12.26 41.69 -15.96
C PRO E 35 11.68 42.91 -15.30
N ALA E 36 11.31 43.90 -16.10
CA ALA E 36 10.81 45.16 -15.58
C ALA E 36 9.54 44.79 -14.85
N GLY E 37 9.35 45.35 -13.66
CA GLY E 37 8.17 45.02 -12.85
C GLY E 37 8.28 43.80 -11.95
N CYS E 38 9.20 42.90 -12.25
CA CYS E 38 9.32 41.63 -11.54
C CYS E 38 9.86 41.80 -10.16
N LYS E 39 9.14 41.28 -9.16
CA LYS E 39 9.55 41.36 -7.77
C LYS E 39 10.00 40.05 -7.15
N ASP E 40 10.27 39.05 -7.98
CA ASP E 40 10.70 37.71 -7.54
C ASP E 40 12.18 37.72 -7.35
N VAL E 41 12.62 36.92 -6.38
CA VAL E 41 14.05 36.73 -6.07
C VAL E 41 14.81 36.06 -7.16
N LEU E 42 14.17 35.10 -7.82
CA LEU E 42 14.69 34.48 -9.05
C LEU E 42 13.78 34.65 -10.23
N TRP E 43 14.37 34.72 -11.40
CA TRP E 43 13.57 34.85 -12.59
C TRP E 43 14.10 33.94 -13.67
N ARG E 44 13.17 33.31 -14.39
CA ARG E 44 13.53 32.38 -15.44
C ARG E 44 14.14 33.09 -16.64
N SER E 45 15.03 32.39 -17.32
CA SER E 45 15.53 32.89 -18.55
C SER E 45 14.41 32.91 -19.53
N VAL E 46 14.46 33.92 -20.40
CA VAL E 46 13.49 34.01 -21.47
C VAL E 46 13.79 33.03 -22.59
N ALA E 47 14.98 32.46 -22.61
CA ALA E 47 15.36 31.47 -23.61
C ALA E 47 15.12 30.01 -23.17
N ASN E 48 14.39 29.80 -22.07
CA ASN E 48 14.15 28.43 -21.56
C ASN E 48 13.21 27.68 -22.50
N PRO E 49 13.43 26.40 -22.70
CA PRO E 49 14.51 25.59 -22.08
C PRO E 49 15.80 25.85 -22.80
N ILE E 50 16.92 25.89 -22.11
CA ILE E 50 18.16 26.14 -22.79
C ILE E 50 18.78 24.93 -23.38
N ILE E 51 18.35 23.76 -22.95
CA ILE E 51 18.82 22.52 -23.59
C ILE E 51 17.58 21.73 -23.88
N PRO E 52 17.39 21.34 -25.16
CA PRO E 52 16.21 20.58 -25.57
C PRO E 52 16.36 19.06 -25.43
N ARG E 53 15.24 18.35 -25.48
CA ARG E 53 15.25 16.92 -25.11
C ARG E 53 15.98 16.04 -26.17
N ASP E 54 16.07 16.53 -27.39
CA ASP E 54 16.55 15.77 -28.54
C ASP E 54 17.85 16.30 -29.11
N LEU E 55 18.72 16.78 -28.23
CA LEU E 55 20.00 17.26 -28.65
C LEU E 55 20.91 16.17 -29.22
N LEU E 56 20.85 14.97 -28.68
CA LEU E 56 21.61 13.88 -29.26
C LEU E 56 20.70 13.01 -30.15
N PRO E 57 21.31 12.24 -31.02
CA PRO E 57 20.53 11.36 -31.90
C PRO E 57 19.65 10.33 -31.15
N THR E 58 20.04 9.87 -29.99
CA THR E 58 19.21 8.93 -29.27
C THR E 58 18.76 9.47 -27.89
N SER E 59 18.82 10.78 -27.67
CA SER E 59 18.41 11.30 -26.39
C SER E 59 16.90 11.41 -26.33
N ASN E 60 16.36 10.91 -25.24
CA ASN E 60 14.95 11.07 -24.85
C ASN E 60 14.73 12.33 -24.00
N SER E 61 15.70 12.69 -23.19
CA SER E 61 15.58 13.79 -22.24
C SER E 61 16.98 14.13 -21.71
N ILE E 62 17.17 15.41 -21.41
CA ILE E 62 18.45 15.94 -20.92
C ILE E 62 18.10 16.95 -19.86
N PHE E 63 18.46 16.62 -18.63
N PHE E 63 18.21 16.56 -18.59
CA PHE E 63 18.06 17.34 -17.46
CA PHE E 63 17.60 17.34 -17.53
C PHE E 63 18.98 16.96 -16.29
C PHE E 63 18.40 17.40 -16.24
N ASN E 64 18.68 17.55 -15.11
N ASN E 64 19.61 16.86 -16.25
CA ASN E 64 19.30 17.24 -13.85
CA ASN E 64 20.53 17.28 -15.20
C ASN E 64 20.82 17.11 -13.94
C ASN E 64 21.75 17.84 -15.89
N SER E 65 21.46 18.15 -14.47
N SER E 65 22.13 19.05 -15.50
CA SER E 65 22.86 18.10 -14.96
CA SER E 65 23.32 19.64 -16.06
C SER E 65 23.75 19.10 -14.22
C SER E 65 24.25 20.07 -14.93
N ALA E 66 25.06 18.93 -14.38
N ALA E 66 25.37 19.38 -14.83
CA ALA E 66 26.11 19.70 -13.72
CA ALA E 66 26.33 19.57 -13.78
C ALA E 66 26.94 20.56 -14.72
C ALA E 66 27.46 20.41 -14.39
N VAL E 67 27.36 21.74 -14.24
CA VAL E 67 28.06 22.72 -15.06
C VAL E 67 29.06 23.46 -14.20
N VAL E 68 30.25 23.65 -14.77
CA VAL E 68 31.32 24.44 -14.15
C VAL E 68 32.05 25.26 -15.19
N PRO E 69 32.74 26.32 -14.75
CA PRO E 69 33.72 27.00 -15.59
C PRO E 69 34.87 26.07 -15.87
N PHE E 70 35.44 26.16 -17.09
CA PHE E 70 36.55 25.31 -17.52
C PHE E 70 37.23 26.02 -18.63
N GLY E 71 38.49 26.37 -18.44
CA GLY E 71 39.24 27.12 -19.45
C GLY E 71 38.55 28.45 -19.73
N ASP E 72 38.45 28.79 -21.00
CA ASP E 72 37.79 30.03 -21.37
C ASP E 72 36.24 29.87 -21.51
N GLY E 73 35.67 28.69 -21.23
CA GLY E 73 34.25 28.53 -21.30
C GLY E 73 33.75 27.71 -20.12
N PHE E 74 32.94 26.70 -20.45
CA PHE E 74 32.28 25.90 -19.45
C PHE E 74 32.31 24.44 -19.91
N ALA E 75 32.31 23.55 -18.93
CA ALA E 75 32.16 22.11 -19.16
C ALA E 75 31.06 21.58 -18.20
N GLY E 76 30.55 20.42 -18.50
CA GLY E 76 29.56 19.83 -17.63
C GLY E 76 29.43 18.34 -17.88
N VAL E 77 28.71 17.71 -16.96
CA VAL E 77 28.31 16.31 -17.06
C VAL E 77 26.80 16.27 -17.01
N PHE E 78 26.20 15.69 -18.01
CA PHE E 78 24.78 15.83 -18.24
C PHE E 78 24.14 14.49 -18.13
N ARG E 79 23.00 14.43 -17.47
CA ARG E 79 22.18 13.20 -17.48
C ARG E 79 21.32 13.22 -18.75
N CYS E 80 21.64 12.30 -19.63
CA CYS E 80 20.90 12.16 -20.88
C CYS E 80 20.28 10.76 -20.84
N ASP E 81 18.96 10.72 -20.68
CA ASP E 81 18.30 9.44 -20.81
C ASP E 81 18.04 9.20 -22.31
N ASP E 82 18.27 7.99 -22.78
CA ASP E 82 18.12 7.69 -24.17
C ASP E 82 16.70 7.19 -24.48
N THR E 83 16.53 6.77 -25.73
CA THR E 83 15.25 6.28 -26.22
C THR E 83 14.99 4.82 -25.76
N SER E 84 15.95 4.19 -25.08
CA SER E 84 15.64 2.99 -24.30
C SER E 84 15.25 3.27 -22.83
N ARG E 85 15.25 4.54 -22.49
CA ARG E 85 15.09 5.10 -21.19
C ARG E 85 16.12 4.60 -20.22
N ARG E 86 17.31 4.30 -20.75
CA ARG E 86 18.45 4.07 -19.91
C ARG E 86 19.02 5.46 -19.46
N MET E 87 19.57 5.49 -18.25
CA MET E 87 20.16 6.70 -17.70
C MET E 87 21.70 6.66 -17.83
N ARG E 88 22.23 7.63 -18.56
CA ARG E 88 23.67 7.72 -18.85
C ARG E 88 24.14 9.15 -18.58
N LEU E 89 25.44 9.31 -18.39
CA LEU E 89 26.09 10.61 -18.20
C LEU E 89 26.92 10.87 -19.43
N HIS E 90 26.82 12.11 -19.89
CA HIS E 90 27.55 12.59 -21.08
C HIS E 90 28.31 13.87 -20.74
N VAL E 91 29.53 13.97 -21.24
CA VAL E 91 30.29 15.22 -21.13
C VAL E 91 29.85 16.26 -22.15
N GLY E 92 29.84 17.50 -21.72
CA GLY E 92 29.54 18.61 -22.65
C GLY E 92 30.42 19.86 -22.43
N PHE E 93 30.50 20.74 -23.44
CA PHE E 93 31.31 21.96 -23.39
C PHE E 93 30.51 23.07 -24.04
N SER E 94 30.73 24.32 -23.61
CA SER E 94 29.98 25.47 -24.16
C SER E 94 30.83 26.69 -23.94
N LYS E 95 30.73 27.65 -24.84
CA LYS E 95 31.42 28.90 -24.67
C LYS E 95 30.64 29.82 -23.76
N ASP E 96 29.32 29.75 -23.85
CA ASP E 96 28.48 30.72 -23.15
C ASP E 96 27.64 30.13 -22.01
N ALA E 97 27.75 28.82 -21.79
CA ALA E 97 27.00 28.15 -20.72
C ALA E 97 25.50 28.00 -20.98
N ILE E 98 25.08 28.34 -22.20
CA ILE E 98 23.68 28.30 -22.61
C ILE E 98 23.49 27.31 -23.76
N ASN E 99 24.41 27.40 -24.74
CA ASN E 99 24.38 26.59 -25.99
C ASN E 99 25.45 25.54 -25.84
N TRP E 100 24.98 24.28 -25.66
CA TRP E 100 25.84 23.17 -25.27
C TRP E 100 26.14 22.20 -26.37
N ASN E 101 27.38 21.74 -26.40
CA ASN E 101 27.81 20.73 -27.30
C ASN E 101 28.10 19.54 -26.47
N ILE E 102 27.16 18.60 -26.49
CA ILE E 102 27.27 17.40 -25.61
C ILE E 102 27.73 16.21 -26.43
N LYS E 103 28.70 15.46 -25.91
CA LYS E 103 29.17 14.26 -26.63
C LYS E 103 28.07 13.24 -26.89
N GLU E 104 28.04 12.65 -28.10
CA GLU E 104 26.97 11.66 -28.43
C GLU E 104 27.20 10.38 -27.61
N GLU E 105 28.44 10.06 -27.33
CA GLU E 105 28.68 8.81 -26.61
C GLU E 105 28.77 9.03 -25.08
N PRO E 106 28.19 8.10 -24.29
CA PRO E 106 28.24 8.26 -22.85
C PRO E 106 29.62 8.20 -22.34
N LEU E 107 29.82 8.97 -21.27
CA LEU E 107 30.96 8.89 -20.41
C LEU E 107 31.22 7.52 -19.79
N LYS E 108 32.46 7.06 -19.85
CA LYS E 108 32.89 5.86 -19.18
C LYS E 108 33.96 6.20 -18.15
N PHE E 109 33.91 5.49 -17.05
CA PHE E 109 34.82 5.74 -15.92
C PHE E 109 35.91 4.70 -15.96
N GLN E 110 37.13 5.16 -15.75
CA GLN E 110 38.23 4.28 -15.49
C GLN E 110 38.21 3.93 -14.01
N CYS E 111 38.52 2.68 -13.71
CA CYS E 111 38.60 2.16 -12.36
C CYS E 111 39.42 0.87 -12.33
N ASP E 112 40.36 0.74 -11.42
CA ASP E 112 41.11 -0.51 -11.26
C ASP E 112 40.32 -1.56 -10.55
N ASP E 113 39.22 -1.23 -9.89
CA ASP E 113 38.49 -2.28 -9.18
C ASP E 113 37.30 -2.64 -10.02
N GLU E 114 37.25 -3.88 -10.45
CA GLU E 114 36.22 -4.29 -11.39
C GLU E 114 34.82 -4.29 -10.77
N GLU E 115 34.73 -4.71 -9.51
CA GLU E 115 33.51 -4.73 -8.76
C GLU E 115 32.87 -3.33 -8.76
N ILE E 116 33.63 -2.33 -8.32
CA ILE E 116 33.14 -0.95 -8.22
C ILE E 116 33.01 -0.33 -9.62
N GLY E 117 33.90 -0.72 -10.51
CA GLY E 117 33.94 -0.13 -11.82
C GLY E 117 32.86 -0.63 -12.76
N THR E 118 32.06 -1.60 -12.36
CA THR E 118 30.92 -2.08 -13.16
C THR E 118 29.74 -1.06 -13.28
N TRP E 119 29.38 -0.70 -14.50
CA TRP E 119 28.30 0.25 -14.78
C TRP E 119 26.95 -0.46 -14.82
N VAL E 120 26.02 0.01 -14.02
CA VAL E 120 24.61 -0.50 -14.07
C VAL E 120 23.75 0.64 -14.56
N TYR E 121 23.84 1.81 -13.88
CA TYR E 121 23.23 3.04 -14.35
C TYR E 121 23.79 4.25 -13.56
N GLY E 122 23.45 5.46 -13.97
CA GLY E 122 23.89 6.66 -13.26
C GLY E 122 23.07 7.88 -13.63
N TYR E 123 22.72 8.66 -12.63
CA TYR E 123 21.95 9.89 -12.87
C TYR E 123 22.34 10.96 -11.87
N ASP E 124 21.82 12.16 -12.20
N ASP E 124 21.67 12.11 -11.75
CA ASP E 124 21.77 13.37 -11.35
CA ASP E 124 21.96 12.99 -10.57
C ASP E 124 23.18 13.66 -10.83
C ASP E 124 23.41 13.60 -10.58
N PRO E 125 24.07 13.86 -11.75
CA PRO E 125 25.44 14.30 -11.46
C PRO E 125 25.54 15.72 -10.84
N ARG E 126 26.53 15.89 -9.99
CA ARG E 126 27.02 17.17 -9.54
C ARG E 126 28.57 17.23 -9.70
N VAL E 127 29.07 18.40 -10.05
CA VAL E 127 30.48 18.57 -10.30
C VAL E 127 31.06 19.82 -9.63
N CYS E 128 32.19 19.68 -8.97
CA CYS E 128 32.94 20.83 -8.54
C CYS E 128 34.44 20.62 -8.50
N PHE E 129 35.18 21.73 -8.53
CA PHE E 129 36.65 21.71 -8.41
C PHE E 129 36.99 21.71 -6.91
N ILE E 130 37.81 20.76 -6.44
CA ILE E 130 38.31 20.81 -5.10
C ILE E 130 39.86 20.73 -5.12
N GLU E 131 40.51 21.85 -4.79
CA GLU E 131 41.98 21.90 -4.65
C GLU E 131 42.81 21.75 -5.91
N ASP E 132 42.67 20.66 -6.64
CA ASP E 132 43.57 20.35 -7.73
C ASP E 132 42.88 19.60 -8.86
N ARG E 133 41.58 19.35 -8.76
CA ARG E 133 40.90 18.67 -9.86
C ARG E 133 39.39 18.77 -9.70
N TYR E 134 38.70 18.29 -10.71
CA TYR E 134 37.30 18.29 -10.67
C TYR E 134 36.83 16.98 -10.10
N TYR E 135 35.83 17.06 -9.24
CA TYR E 135 35.16 15.88 -8.76
C TYR E 135 33.74 15.79 -9.29
N VAL E 136 33.35 14.58 -9.62
N VAL E 136 33.33 14.61 -9.68
CA VAL E 136 31.99 14.21 -10.05
CA VAL E 136 31.91 14.35 -9.97
C VAL E 136 31.31 13.26 -9.02
C VAL E 136 31.30 13.29 -9.04
N THR E 137 30.12 13.62 -8.53
CA THR E 137 29.30 12.68 -7.79
C THR E 137 28.04 12.42 -8.64
N TRP E 138 27.48 11.22 -8.52
CA TRP E 138 26.24 10.93 -9.18
C TRP E 138 25.51 9.82 -8.43
N CYS E 139 24.24 9.58 -8.75
CA CYS E 139 23.56 8.45 -8.15
C CYS E 139 23.91 7.25 -9.02
N ASN E 140 24.73 6.38 -8.46
CA ASN E 140 25.32 5.24 -9.15
C ASN E 140 24.70 3.94 -8.65
N GLY E 141 24.38 3.02 -9.56
CA GLY E 141 23.70 1.78 -9.20
C GLY E 141 24.75 0.80 -8.69
N TYR E 142 24.67 0.37 -7.42
CA TYR E 142 25.53 -0.65 -6.95
C TYR E 142 24.67 -1.38 -6.00
N HIS E 143 23.99 -2.42 -6.47
CA HIS E 143 22.92 -3.07 -5.73
C HIS E 143 21.91 -2.11 -5.16
N GLY E 144 21.47 -1.17 -6.03
CA GLY E 144 20.67 -0.05 -5.62
C GLY E 144 21.39 1.27 -5.66
N PRO E 145 20.62 2.36 -5.46
CA PRO E 145 21.17 3.69 -5.59
C PRO E 145 22.12 4.01 -4.45
N THR E 146 23.34 4.44 -4.82
CA THR E 146 24.25 5.06 -3.90
C THR E 146 24.98 6.22 -4.59
N ILE E 147 25.94 6.84 -3.89
CA ILE E 147 26.67 7.96 -4.43
CA ILE E 147 26.65 7.94 -4.50
C ILE E 147 27.97 7.49 -5.05
N GLY E 148 28.06 7.59 -6.35
CA GLY E 148 29.27 7.28 -7.00
C GLY E 148 30.14 8.53 -6.98
N VAL E 149 31.45 8.31 -7.08
CA VAL E 149 32.45 9.39 -6.96
C VAL E 149 33.58 9.21 -7.97
N ALA E 150 33.92 10.28 -8.71
CA ALA E 150 35.06 10.27 -9.64
C ALA E 150 35.73 11.63 -9.73
N TYR E 151 36.91 11.62 -10.32
CA TYR E 151 37.64 12.86 -10.58
C TYR E 151 38.16 12.93 -12.01
N THR E 152 38.35 14.15 -12.51
CA THR E 152 38.95 14.37 -13.79
C THR E 152 39.78 15.64 -13.63
N PHE E 153 40.88 15.64 -14.37
CA PHE E 153 41.74 16.83 -14.60
C PHE E 153 41.40 17.59 -15.87
N ASP E 154 40.81 16.94 -16.87
CA ASP E 154 40.68 17.55 -18.18
C ASP E 154 39.31 17.37 -18.82
N PHE E 155 38.33 16.83 -18.10
CA PHE E 155 37.03 16.53 -18.67
C PHE E 155 37.08 15.62 -19.90
N GLU E 156 38.14 14.84 -19.99
CA GLU E 156 38.25 13.86 -21.04
C GLU E 156 38.36 12.51 -20.38
N THR E 157 39.29 12.33 -19.48
CA THR E 157 39.35 11.07 -18.77
C THR E 157 38.89 11.23 -17.34
N PHE E 158 38.07 10.25 -16.91
CA PHE E 158 37.44 10.28 -15.58
C PHE E 158 37.83 9.06 -14.81
N HIS E 159 38.27 9.26 -13.59
CA HIS E 159 38.74 8.17 -12.76
C HIS E 159 37.81 7.96 -11.56
N GLN E 160 37.23 6.77 -11.52
CA GLN E 160 36.27 6.37 -10.50
C GLN E 160 36.90 5.92 -9.17
N LEU E 161 36.31 6.35 -8.10
CA LEU E 161 36.74 6.06 -6.76
C LEU E 161 35.65 5.25 -6.11
N GLU E 162 35.88 4.84 -4.84
CA GLU E 162 34.85 4.10 -4.05
C GLU E 162 33.56 4.90 -4.02
N ASN E 163 32.46 4.19 -4.25
CA ASN E 163 31.18 4.71 -3.79
C ASN E 163 31.32 5.19 -2.36
N ALA E 164 30.80 6.37 -2.08
CA ALA E 164 31.04 6.96 -0.75
C ALA E 164 30.23 6.35 0.40
N PHE E 165 29.07 5.78 0.09
CA PHE E 165 28.17 5.26 1.07
C PHE E 165 27.63 3.96 0.60
N ILE E 166 27.07 3.25 1.53
CA ILE E 166 26.23 2.12 1.28
C ILE E 166 24.88 2.59 0.76
N PRO E 167 24.27 1.81 -0.16
CA PRO E 167 22.86 2.09 -0.61
C PRO E 167 21.94 2.06 0.60
N PHE E 168 20.82 2.80 0.61
CA PHE E 168 20.31 3.58 -0.47
C PHE E 168 20.56 5.05 -0.19
N ASN E 169 21.14 5.77 -1.15
CA ASN E 169 21.46 7.17 -0.94
C ASN E 169 21.52 7.87 -2.29
N ARG E 170 21.18 9.15 -2.33
CA ARG E 170 21.13 9.90 -3.58
C ARG E 170 21.34 11.37 -3.21
N ASN E 171 21.36 12.30 -4.19
CA ASN E 171 21.57 13.73 -3.95
C ASN E 171 22.85 14.01 -3.15
N GLY E 172 23.95 13.37 -3.62
CA GLY E 172 25.23 13.50 -2.99
C GLY E 172 25.81 14.74 -3.62
N VAL E 173 26.26 15.69 -2.81
CA VAL E 173 26.71 16.96 -3.30
C VAL E 173 27.96 17.42 -2.53
N LEU E 174 29.07 17.57 -3.21
CA LEU E 174 30.31 17.90 -2.50
C LEU E 174 30.40 19.37 -2.15
N PHE E 175 31.12 19.71 -1.09
CA PHE E 175 31.48 21.10 -0.88
C PHE E 175 32.73 21.45 -1.76
N PRO E 176 32.84 22.68 -2.24
CA PRO E 176 33.85 23.05 -3.24
C PRO E 176 35.27 23.39 -2.64
N ARG E 177 35.48 23.02 -1.36
CA ARG E 177 36.80 22.99 -0.70
C ARG E 177 36.73 22.10 0.52
N LYS E 178 37.88 21.79 1.13
CA LYS E 178 37.82 21.07 2.37
C LYS E 178 37.27 21.91 3.51
N ILE E 179 36.64 21.24 4.45
CA ILE E 179 36.13 21.88 5.63
C ILE E 179 37.04 21.40 6.74
N ASN E 180 37.80 22.32 7.29
CA ASN E 180 38.75 21.96 8.31
C ASN E 180 39.61 20.74 7.97
N GLY E 181 40.17 20.70 6.78
CA GLY E 181 41.08 19.64 6.40
C GLY E 181 40.48 18.32 5.94
N ARG E 182 39.17 18.25 5.78
CA ARG E 182 38.53 17.05 5.23
C ARG E 182 37.58 17.37 4.11
N PHE E 183 37.42 16.43 3.20
CA PHE E 183 36.43 16.51 2.17
C PHE E 183 35.08 16.46 2.86
N ALA E 184 34.08 17.08 2.27
CA ALA E 184 32.76 17.08 2.83
C ALA E 184 31.70 16.91 1.75
N MET E 185 30.66 16.16 2.09
CA MET E 185 29.59 15.92 1.14
C MET E 185 28.22 15.89 1.80
N LEU E 186 27.24 16.59 1.18
CA LEU E 186 25.88 16.42 1.55
C LEU E 186 25.32 15.15 0.88
N SER E 187 24.36 14.49 1.51
CA SER E 187 23.71 13.31 0.94
C SER E 187 22.26 13.20 1.45
N ARG E 188 21.60 12.11 1.09
CA ARG E 188 20.20 11.99 1.29
C ARG E 188 19.78 10.51 1.29
N PRO E 189 19.80 9.92 2.47
CA PRO E 189 19.34 8.52 2.60
C PRO E 189 17.96 8.31 1.95
N SER E 190 17.84 7.20 1.23
CA SER E 190 16.71 6.99 0.36
C SER E 190 16.29 5.54 0.50
N ASP E 191 15.42 5.08 -0.42
CA ASP E 191 15.08 3.63 -0.48
C ASP E 191 15.33 3.12 -1.88
N ASN E 192 14.76 1.96 -2.27
CA ASN E 192 14.94 1.52 -3.66
C ASN E 192 13.72 1.75 -4.53
N GLY E 193 12.89 2.78 -4.24
CA GLY E 193 11.69 3.06 -5.01
C GLY E 193 11.61 4.57 -5.26
N HIS E 194 10.40 5.04 -5.51
CA HIS E 194 10.11 6.50 -5.47
C HIS E 194 10.04 6.88 -3.97
N THR E 195 11.12 7.32 -3.44
CA THR E 195 11.30 7.39 -1.99
C THR E 195 10.30 8.36 -1.33
N PRO E 196 9.53 7.95 -0.33
CA PRO E 196 8.52 8.86 0.20
C PRO E 196 9.00 9.63 1.45
N PHE E 197 10.28 9.70 1.68
CA PHE E 197 10.85 10.45 2.79
C PHE E 197 12.21 11.01 2.29
N GLY E 198 12.83 11.90 3.06
CA GLY E 198 14.16 12.33 2.76
C GLY E 198 14.70 13.49 3.59
N ASP E 199 15.72 13.19 4.37
CA ASP E 199 16.43 14.15 5.19
C ASP E 199 17.79 14.37 4.52
N ILE E 200 18.31 15.58 4.62
CA ILE E 200 19.64 15.85 4.12
C ILE E 200 20.68 15.59 5.22
N PHE E 201 21.72 14.86 4.88
CA PHE E 201 22.84 14.59 5.79
C PHE E 201 24.15 15.19 5.28
N TYR E 202 25.12 15.20 6.15
CA TYR E 202 26.49 15.76 5.93
C TYR E 202 27.48 14.70 6.41
N SER E 203 28.53 14.51 5.65
CA SER E 203 29.56 13.55 6.04
C SER E 203 30.93 14.10 5.60
N GLU E 204 31.97 13.53 6.18
CA GLU E 204 33.35 13.96 5.88
C GLU E 204 34.24 12.78 5.55
N SER E 205 35.37 13.05 4.89
CA SER E 205 36.36 12.07 4.54
C SER E 205 37.76 12.74 4.56
N PRO E 206 38.73 12.04 5.14
CA PRO E 206 40.10 12.54 5.04
C PRO E 206 40.75 12.24 3.72
N ASP E 207 40.19 11.35 2.90
CA ASP E 207 40.99 10.75 1.83
C ASP E 207 40.17 10.42 0.59
N MET E 208 38.89 10.78 0.54
CA MET E 208 38.04 10.46 -0.62
C MET E 208 37.84 8.97 -0.80
N GLU E 209 37.96 8.22 0.31
CA GLU E 209 37.75 6.82 0.29
C GLU E 209 36.92 6.40 1.50
N PHE E 210 37.31 6.77 2.72
CA PHE E 210 36.48 6.42 3.88
C PHE E 210 35.70 7.64 4.37
N TRP E 211 34.43 7.44 4.71
CA TRP E 211 33.52 8.56 5.02
C TRP E 211 32.96 8.35 6.44
N GLY E 212 32.57 9.42 7.12
CA GLY E 212 32.15 9.30 8.49
C GLY E 212 31.83 10.65 9.11
N ARG E 213 31.70 10.66 10.43
N ARG E 213 31.68 10.68 10.42
CA ARG E 213 31.21 11.82 11.19
CA ARG E 213 31.24 11.89 11.12
C ARG E 213 29.92 12.36 10.55
C ARG E 213 29.92 12.37 10.51
N HIS E 214 28.97 11.46 10.40
CA HIS E 214 27.73 11.74 9.73
C HIS E 214 26.92 12.63 10.65
N ARG E 215 26.36 13.70 10.12
CA ARG E 215 25.47 14.56 10.90
C ARG E 215 24.20 14.95 10.13
N HIS E 216 23.11 14.96 10.82
CA HIS E 216 21.82 15.32 10.22
C HIS E 216 21.79 16.85 9.95
N VAL E 217 21.35 17.28 8.76
CA VAL E 217 21.32 18.71 8.41
C VAL E 217 19.91 19.20 8.57
N MET E 218 18.98 18.68 7.79
CA MET E 218 17.58 19.02 8.01
C MET E 218 16.62 17.98 7.48
N SER E 219 15.38 18.06 7.97
CA SER E 219 14.26 17.21 7.63
C SER E 219 13.25 18.08 6.87
N PRO E 220 12.36 17.42 6.16
CA PRO E 220 11.18 18.12 5.64
C PRO E 220 10.47 18.92 6.69
N ALA E 221 9.93 20.04 6.28
CA ALA E 221 9.17 20.88 7.16
C ALA E 221 7.79 20.27 7.39
N ALA E 222 7.14 20.70 8.44
CA ALA E 222 5.77 20.36 8.69
C ALA E 222 4.91 20.96 7.53
N PHE E 223 3.90 20.23 7.08
CA PHE E 223 3.10 20.73 5.98
C PHE E 223 2.36 22.03 6.32
N GLU E 224 2.03 22.24 7.59
CA GLU E 224 1.32 23.47 7.93
C GLU E 224 2.22 24.67 7.96
N VAL E 225 3.54 24.41 7.94
CA VAL E 225 4.54 25.46 7.95
C VAL E 225 5.06 25.80 6.55
N SER E 226 5.46 24.79 5.77
CA SER E 226 5.99 24.98 4.45
C SER E 226 5.76 23.69 3.63
N ALA E 227 4.63 23.64 2.93
CA ALA E 227 4.30 22.38 2.35
C ALA E 227 5.05 22.03 1.09
N TRP E 228 5.64 22.99 0.39
CA TRP E 228 6.50 22.65 -0.78
C TRP E 228 7.69 21.75 -0.46
N GLN E 229 8.00 21.63 0.82
CA GLN E 229 9.19 20.89 1.26
C GLN E 229 8.83 19.96 2.44
N CYS E 230 7.63 19.42 2.42
CA CYS E 230 7.14 18.63 3.53
C CYS E 230 7.24 17.14 3.37
N THR E 231 7.53 16.62 2.16
CA THR E 231 7.53 15.15 1.96
C THR E 231 8.96 14.67 2.02
N LYS E 232 9.84 15.34 1.28
CA LYS E 232 11.24 15.04 1.28
C LYS E 232 12.00 16.20 0.71
N ILE E 233 13.30 16.26 1.03
CA ILE E 233 14.19 17.29 0.48
C ILE E 233 15.51 16.68 0.05
N GLY E 234 16.22 17.39 -0.79
CA GLY E 234 17.57 16.99 -1.22
C GLY E 234 18.38 18.17 -1.67
N ALA E 235 19.73 18.09 -1.47
CA ALA E 235 20.68 19.09 -1.95
C ALA E 235 20.63 19.20 -3.47
N GLY E 236 20.73 20.39 -4.01
CA GLY E 236 20.78 20.58 -5.43
C GLY E 236 22.18 20.88 -5.96
N PRO E 237 22.46 22.15 -6.30
CA PRO E 237 23.74 22.71 -6.74
C PRO E 237 24.80 22.54 -5.67
N ILE E 238 26.05 22.58 -6.09
CA ILE E 238 27.14 22.71 -5.14
C ILE E 238 26.95 23.89 -4.17
N PRO E 239 27.20 23.68 -2.85
CA PRO E 239 27.00 24.78 -1.92
C PRO E 239 27.86 25.98 -2.34
N VAL E 240 27.28 27.18 -2.16
CA VAL E 240 27.95 28.46 -2.57
C VAL E 240 28.40 29.22 -1.32
N GLU E 241 29.70 29.44 -1.18
CA GLU E 241 30.23 30.04 0.03
C GLU E 241 29.98 31.54 -0.01
N THR E 242 29.43 32.04 1.08
CA THR E 242 29.22 33.47 1.29
C THR E 242 29.81 33.80 2.64
N PRO E 243 30.06 35.10 2.89
CA PRO E 243 30.46 35.46 4.25
C PRO E 243 29.42 35.05 5.32
N GLU E 244 28.14 34.98 4.96
CA GLU E 244 27.07 34.69 5.85
C GLU E 244 26.81 33.13 6.09
N GLY E 245 27.68 32.24 5.56
CA GLY E 245 27.43 30.82 5.50
C GLY E 245 27.42 30.25 4.09
N TRP E 246 27.21 28.96 4.02
CA TRP E 246 26.99 28.29 2.72
C TRP E 246 25.59 28.47 2.27
N LEU E 247 25.45 28.91 1.04
CA LEU E 247 24.15 29.03 0.44
C LEU E 247 23.81 27.70 -0.16
N LEU E 248 22.83 27.03 0.43
CA LEU E 248 22.36 25.73 -0.11
C LEU E 248 21.08 25.97 -0.89
N ILE E 249 21.12 25.62 -2.16
CA ILE E 249 19.91 25.56 -2.97
C ILE E 249 19.47 24.10 -3.00
N TYR E 250 18.23 23.82 -2.63
CA TYR E 250 17.78 22.45 -2.43
C TYR E 250 16.34 22.27 -2.95
N HIS E 251 16.01 21.03 -3.36
CA HIS E 251 14.65 20.72 -3.78
C HIS E 251 13.82 20.26 -2.58
N GLY E 252 12.51 20.48 -2.70
CA GLY E 252 11.53 19.97 -1.76
C GLY E 252 10.34 19.42 -2.54
N VAL E 253 9.69 18.44 -1.95
CA VAL E 253 8.57 17.73 -2.57
C VAL E 253 7.33 17.93 -1.73
N LEU E 254 6.26 18.31 -2.42
CA LEU E 254 4.92 18.27 -1.87
C LEU E 254 4.19 17.08 -2.50
N HIS E 255 3.44 16.33 -1.73
CA HIS E 255 2.69 15.19 -2.23
C HIS E 255 1.22 15.55 -2.42
N SER E 256 0.75 15.76 -3.62
CA SER E 256 -0.69 15.94 -3.88
C SER E 256 -1.40 14.65 -4.13
N CYS E 257 -2.72 14.67 -4.34
CA CYS E 257 -3.46 13.46 -4.71
C CYS E 257 -2.94 12.87 -6.03
N ASN E 258 -2.40 13.72 -6.89
CA ASN E 258 -1.92 13.28 -8.21
C ASN E 258 -0.44 13.14 -8.40
N GLY E 259 0.35 13.13 -7.31
CA GLY E 259 1.78 12.97 -7.37
C GLY E 259 2.62 14.02 -6.63
N TYR E 260 3.89 13.96 -6.92
CA TYR E 260 4.86 14.86 -6.35
C TYR E 260 4.98 16.10 -7.20
N VAL E 261 5.06 17.23 -6.50
CA VAL E 261 5.53 18.47 -7.06
C VAL E 261 6.92 18.78 -6.50
N TYR E 262 7.87 19.05 -7.38
CA TYR E 262 9.22 19.47 -6.94
C TYR E 262 9.40 20.95 -7.16
N SER E 263 9.65 21.68 -6.07
CA SER E 263 10.00 23.09 -6.05
C SER E 263 11.36 23.20 -5.46
N PHE E 264 11.98 24.39 -5.51
CA PHE E 264 13.27 24.51 -4.83
C PHE E 264 13.38 25.86 -4.11
N GLY E 265 14.23 25.87 -3.11
CA GLY E 265 14.39 27.06 -2.26
C GLY E 265 15.81 27.13 -1.65
N SER E 266 15.98 27.93 -0.60
CA SER E 266 17.33 28.28 -0.15
C SER E 266 17.42 28.16 1.37
N ALA E 267 18.60 27.71 1.80
CA ALA E 267 18.99 27.78 3.19
C ALA E 267 20.43 28.25 3.31
N LEU E 268 20.78 28.62 4.55
CA LEU E 268 22.12 29.09 4.85
C LEU E 268 22.70 28.20 5.96
N LEU E 269 23.84 27.57 5.71
CA LEU E 269 24.50 26.66 6.64
C LEU E 269 25.69 27.32 7.30
N ASP E 270 25.96 27.01 8.54
CA ASP E 270 27.19 27.46 9.20
C ASP E 270 28.42 27.14 8.41
N LEU E 271 29.38 28.08 8.32
CA LEU E 271 30.55 27.83 7.47
C LEU E 271 31.43 26.68 7.94
N ASP E 272 31.58 26.58 9.24
CA ASP E 272 32.56 25.67 9.82
C ASP E 272 31.93 24.34 10.17
N GLU E 273 30.64 24.33 10.52
CA GLU E 273 29.92 23.07 10.84
C GLU E 273 28.63 23.07 10.04
N PRO E 274 28.70 22.64 8.76
CA PRO E 274 27.67 22.98 7.81
C PRO E 274 26.42 22.15 7.95
N TRP E 275 26.45 21.21 8.87
CA TRP E 275 25.24 20.60 9.33
C TRP E 275 24.39 21.48 10.20
N LYS E 276 24.91 22.59 10.71
CA LYS E 276 24.09 23.49 11.47
C LYS E 276 23.41 24.51 10.57
N VAL E 277 22.08 24.47 10.54
CA VAL E 277 21.36 25.29 9.61
C VAL E 277 21.09 26.62 10.30
N LYS E 278 21.47 27.72 9.68
CA LYS E 278 21.24 29.04 10.29
C LYS E 278 19.94 29.69 9.89
N PHE E 279 19.57 29.55 8.63
CA PHE E 279 18.31 30.07 8.12
C PHE E 279 17.80 29.10 7.03
N ARG E 280 16.47 29.07 6.87
CA ARG E 280 15.82 28.17 5.94
C ARG E 280 14.53 28.82 5.43
N SER E 281 14.43 28.96 4.12
CA SER E 281 13.32 29.74 3.60
C SER E 281 11.96 29.05 3.78
N GLY E 282 10.94 29.84 4.08
CA GLY E 282 9.58 29.35 4.16
C GLY E 282 9.03 29.16 2.77
N PRO E 283 9.00 30.24 1.96
CA PRO E 283 8.57 30.17 0.61
C PRO E 283 9.59 29.48 -0.25
N TYR E 284 9.15 28.94 -1.37
CA TYR E 284 10.09 28.44 -2.35
C TYR E 284 10.71 29.64 -3.09
N LEU E 285 11.76 29.35 -3.84
CA LEU E 285 12.31 30.28 -4.79
C LEU E 285 11.69 30.12 -6.20
N LEU E 286 11.36 28.86 -6.56
CA LEU E 286 10.91 28.57 -7.91
C LEU E 286 10.11 27.30 -7.82
N ALA E 287 8.97 27.24 -8.50
CA ALA E 287 8.08 26.09 -8.53
C ALA E 287 7.54 25.92 -9.95
N PRO E 288 7.09 24.73 -10.28
CA PRO E 288 6.80 24.45 -11.68
C PRO E 288 5.59 25.26 -12.11
N ARG E 289 5.76 26.02 -13.18
CA ARG E 289 4.79 27.01 -13.64
C ARG E 289 4.59 26.98 -15.16
N GLU E 290 5.70 27.01 -15.88
CA GLU E 290 5.74 27.03 -17.33
C GLU E 290 5.41 25.68 -17.93
N PRO E 291 5.00 25.67 -19.18
CA PRO E 291 4.61 24.40 -19.76
C PRO E 291 5.75 23.41 -19.81
N TYR E 292 6.97 23.92 -19.98
CA TYR E 292 8.12 23.05 -20.04
C TYR E 292 8.47 22.47 -18.65
N GLU E 293 7.90 23.04 -17.59
CA GLU E 293 8.06 22.49 -16.23
C GLU E 293 6.92 21.59 -15.78
N CYS E 294 5.75 21.83 -16.36
CA CYS E 294 4.53 21.17 -15.96
C CYS E 294 4.12 20.04 -16.84
N MET E 295 4.65 19.94 -18.05
CA MET E 295 4.28 18.86 -18.96
C MET E 295 5.57 18.21 -19.44
N GLY E 296 5.58 16.89 -19.54
CA GLY E 296 6.76 16.18 -20.00
C GLY E 296 6.84 14.81 -19.38
N ASP E 297 8.03 14.25 -19.34
CA ASP E 297 8.16 12.91 -18.86
C ASP E 297 7.70 12.71 -17.40
N VAL E 298 7.93 13.69 -16.54
CA VAL E 298 7.51 13.67 -15.16
C VAL E 298 7.00 15.07 -14.92
N PRO E 299 5.70 15.24 -15.00
CA PRO E 299 5.05 16.55 -14.81
C PRO E 299 5.36 17.16 -13.43
N ASN E 300 5.41 18.50 -13.41
CA ASN E 300 5.52 19.35 -12.23
C ASN E 300 6.84 19.13 -11.51
N VAL E 301 7.93 19.21 -12.29
CA VAL E 301 9.24 19.12 -11.66
C VAL E 301 10.16 20.29 -12.03
N CYS E 302 10.65 21.05 -11.02
CA CYS E 302 11.85 21.88 -11.12
C CYS E 302 12.95 21.38 -10.19
N PHE E 303 14.04 20.89 -10.77
CA PHE E 303 15.09 20.10 -10.04
C PHE E 303 16.48 20.71 -10.25
N PRO E 304 16.97 21.54 -9.29
CA PRO E 304 18.23 22.22 -9.46
C PRO E 304 19.45 21.34 -9.21
N CYS E 305 20.35 21.43 -10.17
N CYS E 305 20.39 21.22 -10.16
CA CYS E 305 21.41 20.50 -10.41
CA CYS E 305 21.65 20.48 -9.89
C CYS E 305 22.80 21.18 -10.39
C CYS E 305 22.93 21.26 -10.11
N ALA E 306 22.85 22.50 -10.58
CA ALA E 306 24.12 23.26 -10.71
C ALA E 306 23.85 24.75 -10.66
N ALA E 307 24.87 25.52 -10.32
CA ALA E 307 24.81 26.97 -10.35
C ALA E 307 26.17 27.51 -10.76
N LEU E 308 26.15 28.62 -11.46
CA LEU E 308 27.36 29.43 -11.67
C LEU E 308 27.16 30.74 -10.94
N HIS E 309 28.23 31.25 -10.31
CA HIS E 309 28.07 32.51 -9.64
C HIS E 309 29.29 33.39 -9.80
N ASP E 310 29.08 34.68 -9.57
CA ASP E 310 30.17 35.65 -9.60
C ASP E 310 30.13 36.49 -8.32
N ASN E 311 31.13 36.32 -7.47
CA ASN E 311 31.15 37.01 -6.19
C ASN E 311 31.31 38.50 -6.39
N GLU E 312 32.02 38.92 -7.43
CA GLU E 312 32.20 40.36 -7.68
C GLU E 312 30.87 41.08 -7.80
N THR E 313 29.94 40.49 -8.52
CA THR E 313 28.66 41.14 -8.85
C THR E 313 27.49 40.62 -8.06
N GLY E 314 27.66 39.50 -7.34
CA GLY E 314 26.52 38.80 -6.68
C GLY E 314 25.59 38.00 -7.60
N ARG E 315 25.91 37.94 -8.88
CA ARG E 315 25.08 37.22 -9.80
C ARG E 315 25.17 35.69 -9.61
N ILE E 316 24.01 35.03 -9.69
CA ILE E 316 23.97 33.59 -9.72
C ILE E 316 23.00 33.15 -10.83
N ALA E 317 23.40 32.10 -11.52
CA ALA E 317 22.59 31.49 -12.54
C ALA E 317 22.39 30.00 -12.19
N ILE E 318 21.13 29.60 -11.99
CA ILE E 318 20.84 28.27 -11.45
C ILE E 318 20.29 27.38 -12.54
N TYR E 319 20.96 26.24 -12.79
CA TYR E 319 20.46 25.26 -13.80
C TYR E 319 19.46 24.25 -13.14
N TYR E 320 18.34 23.96 -13.81
CA TYR E 320 17.37 23.03 -13.21
C TYR E 320 16.66 22.21 -14.27
N GLY E 321 16.46 20.94 -13.92
CA GLY E 321 15.69 20.03 -14.73
C GLY E 321 14.25 20.47 -14.71
N CYS E 322 13.62 20.40 -15.87
CA CYS E 322 12.23 20.76 -16.08
C CYS E 322 11.43 19.55 -16.54
N ALA E 323 10.48 19.17 -15.71
CA ALA E 323 9.65 17.97 -15.98
C ALA E 323 10.44 16.70 -16.41
N ASP E 324 11.64 16.54 -15.88
CA ASP E 324 12.53 15.41 -16.24
C ASP E 324 12.70 15.29 -17.76
N THR E 325 12.69 16.40 -18.47
CA THR E 325 12.68 16.38 -19.92
C THR E 325 13.77 17.26 -20.55
N VAL E 326 13.80 18.52 -20.11
CA VAL E 326 14.74 19.55 -20.64
C VAL E 326 15.41 20.29 -19.48
N THR E 327 16.35 21.21 -19.79
CA THR E 327 17.01 22.00 -18.77
C THR E 327 16.73 23.46 -18.94
N GLY E 328 16.54 24.14 -17.81
CA GLY E 328 16.22 25.54 -17.77
C GLY E 328 17.23 26.25 -16.93
N LEU E 329 17.20 27.57 -17.01
CA LEU E 329 18.06 28.46 -16.28
C LEU E 329 17.22 29.49 -15.57
N ALA E 330 17.66 29.86 -14.36
CA ALA E 330 17.05 30.96 -13.63
C ALA E 330 18.13 31.81 -13.04
N PHE E 331 17.80 33.08 -12.82
CA PHE E 331 18.81 34.02 -12.34
C PHE E 331 18.39 34.74 -11.10
N GLY E 332 19.38 35.15 -10.33
CA GLY E 332 19.10 35.95 -9.13
C GLY E 332 20.36 36.60 -8.60
N TYR E 333 20.22 37.39 -7.53
CA TYR E 333 21.40 38.01 -6.84
C TYR E 333 21.58 37.33 -5.52
N ILE E 334 22.80 36.84 -5.24
CA ILE E 334 23.13 36.21 -3.96
C ILE E 334 22.73 37.02 -2.71
N PRO E 335 23.10 38.32 -2.63
CA PRO E 335 22.66 39.08 -1.50
C PRO E 335 21.14 39.12 -1.35
N GLU E 336 20.39 39.21 -2.43
CA GLU E 336 18.92 39.23 -2.32
C GLU E 336 18.40 37.88 -1.84
N ILE E 337 19.05 36.82 -2.33
CA ILE E 337 18.65 35.46 -1.95
C ILE E 337 18.85 35.29 -0.45
N ILE E 338 19.96 35.80 0.02
CA ILE E 338 20.29 35.72 1.42
C ILE E 338 19.33 36.51 2.26
N GLU E 339 19.07 37.75 1.88
N GLU E 339 19.08 37.77 1.87
CA GLU E 339 18.10 38.55 2.62
CA GLU E 339 18.05 38.63 2.53
C GLU E 339 16.69 37.91 2.62
C GLU E 339 16.72 37.87 2.63
N PHE E 340 16.29 37.28 1.52
CA PHE E 340 15.01 36.53 1.45
C PHE E 340 14.95 35.32 2.41
N THR E 341 16.04 34.58 2.44
CA THR E 341 16.19 33.40 3.31
C THR E 341 16.10 33.78 4.77
N LYS E 342 16.76 34.86 5.15
CA LYS E 342 16.67 35.33 6.47
C LYS E 342 15.29 35.83 6.84
N ARG E 343 14.75 36.73 6.00
CA ARG E 343 13.48 37.38 6.30
C ARG E 343 12.38 36.36 6.46
N THR E 344 12.33 35.41 5.56
CA THR E 344 11.30 34.39 5.54
C THR E 344 11.67 33.10 6.30
N SER E 345 12.79 33.11 7.03
CA SER E 345 13.27 31.91 7.73
C SER E 345 12.26 31.22 8.62
N ILE E 346 12.16 29.91 8.50
CA ILE E 346 11.27 29.13 9.36
C ILE E 346 12.06 28.55 10.52
N ILE E 347 13.32 28.92 10.59
CA ILE E 347 14.06 28.75 11.82
C ILE E 347 14.71 30.11 12.22
N ILE F 28 -27.37 41.43 -10.02
CA ILE F 28 -26.79 41.48 -11.35
C ILE F 28 -25.70 40.42 -11.63
N ILE F 29 -26.10 39.19 -11.78
CA ILE F 29 -25.17 38.10 -11.83
C ILE F 29 -24.47 38.06 -13.16
N PRO F 30 -23.23 37.64 -13.17
CA PRO F 30 -22.51 37.65 -14.42
C PRO F 30 -23.08 36.64 -15.35
N TRP F 31 -22.98 36.90 -16.66
CA TRP F 31 -23.59 36.04 -17.67
C TRP F 31 -23.00 36.09 -19.06
N GLU F 32 -22.97 34.94 -19.71
CA GLU F 32 -22.60 34.82 -21.11
C GLU F 32 -23.53 33.77 -21.72
N GLU F 33 -24.12 34.11 -22.86
CA GLU F 33 -25.09 33.27 -23.49
C GLU F 33 -24.41 32.04 -24.09
N ARG F 34 -25.18 30.96 -24.21
N ARG F 34 -25.19 30.97 -24.23
CA ARG F 34 -24.72 29.75 -24.86
CA ARG F 34 -24.68 29.71 -24.77
C ARG F 34 -24.03 30.14 -26.15
C ARG F 34 -24.15 29.92 -26.19
N PRO F 35 -22.89 29.51 -26.45
CA PRO F 35 -22.30 29.69 -27.77
C PRO F 35 -23.18 29.10 -28.86
N ALA F 36 -23.06 29.64 -30.07
CA ALA F 36 -23.82 29.15 -31.21
C ALA F 36 -23.43 27.70 -31.42
N GLY F 37 -24.44 26.87 -31.64
CA GLY F 37 -24.20 25.46 -31.82
C GLY F 37 -24.23 24.71 -30.51
N CYS F 38 -23.66 25.32 -29.46
CA CYS F 38 -23.41 24.58 -28.26
C CYS F 38 -24.64 23.92 -27.68
N LYS F 39 -24.54 22.59 -27.58
CA LYS F 39 -25.59 21.74 -27.02
C LYS F 39 -25.40 21.44 -25.52
N ASP F 40 -24.40 22.00 -24.88
CA ASP F 40 -24.07 21.60 -23.51
C ASP F 40 -25.00 22.26 -22.52
N VAL F 41 -25.33 21.55 -21.45
CA VAL F 41 -26.12 22.16 -20.41
C VAL F 41 -25.37 23.30 -19.70
N LEU F 42 -24.06 23.20 -19.58
CA LEU F 42 -23.20 24.26 -19.05
C LEU F 42 -22.08 24.54 -20.05
N TRP F 43 -21.65 25.78 -20.06
CA TRP F 43 -20.58 26.22 -20.90
C TRP F 43 -19.72 27.17 -20.10
N ARG F 44 -18.44 27.06 -20.38
CA ARG F 44 -17.40 27.84 -19.75
C ARG F 44 -17.40 29.25 -20.19
N SER F 45 -16.98 30.11 -19.30
CA SER F 45 -16.79 31.49 -19.67
C SER F 45 -15.60 31.61 -20.63
N VAL F 46 -15.77 32.44 -21.67
CA VAL F 46 -14.66 32.74 -22.61
C VAL F 46 -13.53 33.55 -21.96
N ALA F 47 -13.84 34.26 -20.89
CA ALA F 47 -12.80 34.87 -20.10
C ALA F 47 -12.02 33.98 -19.11
N ASN F 48 -12.26 32.65 -19.02
CA ASN F 48 -11.53 31.85 -18.03
C ASN F 48 -10.05 31.87 -18.32
N PRO F 49 -9.19 31.86 -17.31
CA PRO F 49 -9.56 31.88 -15.87
C PRO F 49 -9.93 33.28 -15.40
N ILE F 50 -10.91 33.39 -14.51
CA ILE F 50 -11.35 34.72 -14.13
C ILE F 50 -10.56 35.23 -12.95
N ILE F 51 -9.83 34.36 -12.23
CA ILE F 51 -8.91 34.85 -11.17
C ILE F 51 -7.64 34.13 -11.38
N PRO F 52 -6.55 34.90 -11.52
CA PRO F 52 -5.29 34.28 -11.81
C PRO F 52 -4.59 33.91 -10.52
N ARG F 53 -3.54 33.11 -10.66
CA ARG F 53 -2.90 32.48 -9.53
C ARG F 53 -2.09 33.49 -8.73
N ASP F 54 -1.76 34.62 -9.37
CA ASP F 54 -0.76 35.51 -8.83
C ASP F 54 -1.37 36.83 -8.51
N LEU F 55 -2.62 36.86 -8.09
CA LEU F 55 -3.29 38.14 -7.89
C LEU F 55 -2.70 38.87 -6.68
N LEU F 56 -2.29 38.13 -5.65
CA LEU F 56 -1.71 38.70 -4.45
C LEU F 56 -0.21 38.63 -4.54
N PRO F 57 0.47 39.46 -3.77
CA PRO F 57 1.92 39.40 -3.92
C PRO F 57 2.59 38.05 -3.55
N THR F 58 2.03 37.27 -2.63
CA THR F 58 2.61 35.94 -2.39
C THR F 58 1.62 34.79 -2.65
N SER F 59 0.68 34.97 -3.56
CA SER F 59 -0.22 33.88 -3.85
C SER F 59 0.44 32.98 -4.86
N ASN F 60 0.37 31.68 -4.59
CA ASN F 60 0.79 30.57 -5.51
C ASN F 60 -0.42 30.09 -6.31
N SER F 61 -1.62 30.15 -5.70
CA SER F 61 -2.86 29.71 -6.36
C SER F 61 -4.10 30.25 -5.65
N ILE F 62 -5.18 30.46 -6.41
CA ILE F 62 -6.47 30.99 -5.89
C ILE F 62 -7.56 30.18 -6.60
N PHE F 63 -8.21 29.27 -5.89
N PHE F 63 -8.20 29.29 -5.87
CA PHE F 63 -8.99 28.25 -6.55
CA PHE F 63 -9.15 28.34 -6.36
C PHE F 63 -10.27 27.66 -6.04
C PHE F 63 -10.08 28.11 -5.14
N ASN F 64 -10.59 27.78 -4.79
N ASN F 64 -11.29 27.68 -5.28
CA ASN F 64 -11.69 26.90 -4.25
CA ASN F 64 -12.34 27.98 -4.23
C ASN F 64 -12.53 27.75 -3.43
C ASN F 64 -12.54 29.51 -4.02
N SER F 65 -13.27 28.66 -4.08
N SER F 65 -13.76 29.89 -4.17
CA SER F 65 -13.74 29.91 -3.51
CA SER F 65 -14.12 31.25 -4.09
C SER F 65 -15.21 30.42 -3.50
C SER F 65 -15.53 31.10 -3.67
N ALA F 66 -15.60 31.06 -2.42
N ALA F 66 -15.78 31.16 -2.39
CA ALA F 66 -16.96 31.24 -2.06
CA ALA F 66 -17.11 31.21 -1.93
C ALA F 66 -17.40 32.66 -2.35
C ALA F 66 -17.48 32.65 -2.25
N VAL F 67 -18.47 32.84 -3.08
CA VAL F 67 -18.95 34.17 -3.54
C VAL F 67 -20.42 34.34 -3.23
N VAL F 68 -20.82 35.53 -2.74
CA VAL F 68 -22.23 35.85 -2.52
C VAL F 68 -22.51 37.26 -2.98
N PRO F 69 -23.78 37.56 -3.35
CA PRO F 69 -24.18 39.00 -3.47
C PRO F 69 -24.00 39.69 -2.10
N PHE F 70 -23.46 40.88 -2.10
CA PHE F 70 -23.34 41.70 -0.89
C PHE F 70 -23.43 43.20 -1.23
N GLY F 71 -24.26 43.94 -0.50
CA GLY F 71 -24.43 45.40 -0.72
C GLY F 71 -24.90 45.54 -2.16
N ASP F 72 -24.21 46.36 -2.93
CA ASP F 72 -24.58 46.55 -4.33
C ASP F 72 -23.53 45.90 -5.23
N GLY F 73 -23.00 44.79 -4.77
CA GLY F 73 -21.94 44.10 -5.48
C GLY F 73 -21.88 42.69 -4.94
N PHE F 74 -20.67 42.19 -4.78
CA PHE F 74 -20.40 40.80 -4.41
C PHE F 74 -19.26 40.73 -3.40
N ALA F 75 -19.31 39.72 -2.54
CA ALA F 75 -18.22 39.53 -1.58
C ALA F 75 -17.86 38.05 -1.63
N GLY F 76 -16.73 37.70 -1.06
CA GLY F 76 -16.24 36.33 -1.10
C GLY F 76 -15.15 36.05 -0.08
N VAL F 77 -14.96 34.75 0.21
CA VAL F 77 -13.83 34.22 0.97
C VAL F 77 -13.16 33.24 0.02
N PHE F 78 -11.86 33.42 -0.14
CA PHE F 78 -11.09 32.78 -1.21
C PHE F 78 -10.01 31.95 -0.57
N ARG F 79 -9.88 30.72 -1.06
CA ARG F 79 -8.73 29.94 -0.75
C ARG F 79 -7.54 30.41 -1.61
N CYS F 80 -6.55 31.00 -0.93
CA CYS F 80 -5.32 31.52 -1.57
C CYS F 80 -4.20 30.76 -0.93
N ASP F 81 -3.57 29.83 -1.66
CA ASP F 81 -2.41 29.16 -1.08
C ASP F 81 -1.22 30.03 -1.42
N ASP F 82 -0.33 30.21 -0.46
CA ASP F 82 0.79 31.11 -0.69
C ASP F 82 2.01 30.38 -1.24
N THR F 83 3.10 31.12 -1.42
CA THR F 83 4.32 30.58 -1.98
C THR F 83 5.10 29.73 -0.98
N SER F 84 4.62 29.63 0.24
CA SER F 84 5.07 28.58 1.21
C SER F 84 4.16 27.32 1.13
N ARG F 85 3.16 27.40 0.29
CA ARG F 85 2.13 26.38 0.14
C ARG F 85 1.30 26.17 1.41
N ARG F 86 1.10 27.25 2.14
CA ARG F 86 0.18 27.26 3.20
C ARG F 86 -1.23 27.58 2.69
N MET F 87 -2.25 27.00 3.36
CA MET F 87 -3.60 27.16 2.94
C MET F 87 -4.21 28.25 3.80
N ARG F 88 -4.60 29.37 3.19
CA ARG F 88 -5.26 30.47 3.92
C ARG F 88 -6.50 30.95 3.20
N LEU F 89 -7.38 31.58 3.95
CA LEU F 89 -8.59 32.18 3.43
C LEU F 89 -8.42 33.69 3.42
N HIS F 90 -8.90 34.32 2.35
CA HIS F 90 -8.83 35.77 2.23
C HIS F 90 -10.21 36.36 1.82
N VAL F 91 -10.54 37.53 2.35
CA VAL F 91 -11.75 38.20 1.95
C VAL F 91 -11.55 38.95 0.64
N GLY F 92 -12.57 38.96 -0.18
CA GLY F 92 -12.54 39.66 -1.44
C GLY F 92 -13.86 40.32 -1.78
N PHE F 93 -13.79 41.31 -2.69
CA PHE F 93 -14.96 42.10 -3.12
C PHE F 93 -14.90 42.41 -4.60
N SER F 94 -16.07 42.51 -5.21
CA SER F 94 -16.15 42.78 -6.65
C SER F 94 -17.44 43.51 -6.96
N LYS F 95 -17.39 44.37 -7.98
CA LYS F 95 -18.57 45.03 -8.50
C LYS F 95 -19.31 44.08 -9.41
N ASP F 96 -18.57 43.34 -10.22
CA ASP F 96 -19.19 42.57 -11.27
C ASP F 96 -19.17 41.03 -11.06
N ALA F 97 -18.60 40.57 -9.95
CA ALA F 97 -18.41 39.12 -9.66
C ALA F 97 -17.34 38.39 -10.49
N ILE F 98 -16.61 39.15 -11.30
CA ILE F 98 -15.64 38.60 -12.23
C ILE F 98 -14.21 39.04 -11.90
N ASN F 99 -14.03 40.35 -11.76
CA ASN F 99 -12.75 40.98 -11.43
C ASN F 99 -12.78 41.21 -9.95
N TRP F 100 -11.80 40.67 -9.24
CA TRP F 100 -11.92 40.55 -7.82
C TRP F 100 -10.80 41.37 -7.17
N ASN F 101 -11.12 42.02 -6.08
CA ASN F 101 -10.13 42.72 -5.27
C ASN F 101 -10.04 41.93 -3.96
N ILE F 102 -8.99 41.17 -3.79
CA ILE F 102 -8.88 40.23 -2.67
C ILE F 102 -7.88 40.81 -1.72
N LYS F 103 -8.24 40.86 -0.44
CA LYS F 103 -7.34 41.37 0.56
C LYS F 103 -6.06 40.58 0.61
N GLU F 104 -4.97 41.29 0.84
CA GLU F 104 -3.62 40.70 0.88
C GLU F 104 -3.38 39.90 2.15
N GLU F 105 -3.81 40.41 3.28
CA GLU F 105 -3.58 39.73 4.50
C GLU F 105 -4.66 38.62 4.71
N PRO F 106 -4.24 37.48 5.23
CA PRO F 106 -5.25 36.43 5.42
C PRO F 106 -6.36 36.83 6.40
N LEU F 107 -7.49 36.17 6.26
CA LEU F 107 -8.59 36.38 7.16
C LEU F 107 -8.26 35.77 8.51
N LYS F 108 -8.52 36.48 9.61
CA LYS F 108 -8.33 36.04 10.99
C LYS F 108 -9.67 36.03 11.68
N PHE F 109 -9.93 34.92 12.36
CA PHE F 109 -11.21 34.79 12.98
C PHE F 109 -11.14 35.28 14.43
N GLN F 110 -12.15 36.02 14.87
CA GLN F 110 -12.34 36.27 16.30
C GLN F 110 -12.99 35.02 16.98
N CYS F 111 -12.52 34.65 18.16
CA CYS F 111 -13.12 33.53 18.87
C CYS F 111 -12.87 33.72 20.36
N ASP F 112 -13.85 33.62 21.23
CA ASP F 112 -13.50 33.66 22.67
C ASP F 112 -12.66 32.47 23.12
N ASP F 113 -12.91 31.31 22.55
CA ASP F 113 -12.32 30.05 23.03
C ASP F 113 -11.00 29.82 22.36
N GLU F 114 -9.95 29.86 23.14
CA GLU F 114 -8.61 29.76 22.61
C GLU F 114 -8.32 28.43 21.93
N GLU F 115 -8.87 27.35 22.47
CA GLU F 115 -8.65 26.02 21.90
C GLU F 115 -9.20 25.94 20.43
N ILE F 116 -10.41 26.41 20.20
CA ILE F 116 -11.09 26.31 18.91
C ILE F 116 -10.52 27.40 18.05
N GLY F 117 -10.19 28.50 18.70
CA GLY F 117 -9.68 29.68 17.99
C GLY F 117 -8.31 29.57 17.36
N THR F 118 -7.59 28.47 17.60
CA THR F 118 -6.22 28.34 17.16
C THR F 118 -6.20 27.98 15.68
N TRP F 119 -5.51 28.79 14.88
CA TRP F 119 -5.36 28.53 13.45
C TRP F 119 -4.26 27.52 13.15
N VAL F 120 -4.59 26.49 12.39
CA VAL F 120 -3.59 25.54 11.90
C VAL F 120 -3.58 25.64 10.37
N TYR F 121 -4.72 25.45 9.73
CA TYR F 121 -4.83 25.68 8.29
C TYR F 121 -6.27 25.85 7.95
N GLY F 122 -6.56 26.31 6.75
CA GLY F 122 -7.95 26.32 6.31
C GLY F 122 -8.08 26.34 4.81
N TYR F 123 -9.01 25.57 4.29
CA TYR F 123 -9.30 25.58 2.86
C TYR F 123 -10.80 25.28 2.60
N ASP F 124 -11.09 25.42 1.31
N ASP F 124 -11.29 25.13 1.38
CA ASP F 124 -12.34 25.12 0.64
CA ASP F 124 -12.64 24.58 1.17
C ASP F 124 -13.51 25.66 1.39
C ASP F 124 -13.77 25.62 1.56
N PRO F 125 -13.58 26.98 1.43
CA PRO F 125 -14.69 27.78 2.05
C PRO F 125 -15.95 27.74 1.26
N ARG F 126 -17.07 27.88 1.93
CA ARG F 126 -18.37 28.00 1.32
C ARG F 126 -19.09 29.05 2.19
N VAL F 127 -19.88 29.91 1.57
CA VAL F 127 -20.51 31.05 2.25
C VAL F 127 -21.96 31.18 1.83
N CYS F 128 -22.86 31.41 2.78
CA CYS F 128 -24.27 31.81 2.44
C CYS F 128 -24.86 32.65 3.54
N PHE F 129 -25.90 33.37 3.18
CA PHE F 129 -26.73 34.10 4.10
C PHE F 129 -27.78 33.18 4.69
N ILE F 130 -27.88 33.16 6.00
CA ILE F 130 -28.95 32.50 6.67
C ILE F 130 -29.68 33.43 7.68
N GLU F 131 -30.89 33.80 7.32
CA GLU F 131 -31.80 34.55 8.16
C GLU F 131 -31.37 35.99 8.48
N ASP F 132 -30.27 36.16 9.20
CA ASP F 132 -29.78 37.47 9.60
C ASP F 132 -28.29 37.72 9.46
N ARG F 133 -27.54 36.77 8.92
CA ARG F 133 -26.09 36.98 8.80
C ARG F 133 -25.44 36.07 7.81
N TYR F 134 -24.22 36.36 7.42
CA TYR F 134 -23.50 35.46 6.54
C TYR F 134 -22.74 34.41 7.35
N TYR F 135 -22.86 33.15 6.95
CA TYR F 135 -22.12 32.04 7.59
C TYR F 135 -21.07 31.54 6.60
N VAL F 136 -19.92 31.16 7.15
CA VAL F 136 -18.86 30.57 6.36
C VAL F 136 -18.43 29.28 7.02
N THR F 137 -18.32 28.25 6.21
CA THR F 137 -17.77 27.00 6.65
C THR F 137 -16.50 26.81 5.84
N TRP F 138 -15.61 25.97 6.36
CA TRP F 138 -14.41 25.68 5.67
C TRP F 138 -13.79 24.42 6.25
N CYS F 139 -12.79 23.90 5.54
CA CYS F 139 -12.05 22.71 6.05
C CYS F 139 -10.98 23.23 7.01
N ASN F 140 -11.27 23.08 8.28
CA ASN F 140 -10.46 23.65 9.35
C ASN F 140 -9.67 22.57 10.02
N GLY F 141 -8.40 22.86 10.21
CA GLY F 141 -7.49 22.01 10.96
C GLY F 141 -7.72 22.07 12.48
N TYR F 142 -8.20 20.95 13.01
CA TYR F 142 -8.37 20.72 14.45
C TYR F 142 -8.04 19.28 14.72
N HIS F 143 -6.75 18.99 14.94
CA HIS F 143 -6.27 17.64 14.97
C HIS F 143 -6.70 16.79 13.78
N GLY F 144 -6.54 17.39 12.60
CA GLY F 144 -7.10 16.82 11.39
C GLY F 144 -8.17 17.66 10.78
N PRO F 145 -8.58 17.31 9.55
CA PRO F 145 -9.59 18.17 8.89
C PRO F 145 -10.98 17.99 9.50
N THR F 146 -11.59 19.10 9.84
CA THR F 146 -12.98 19.13 10.16
C THR F 146 -13.63 20.37 9.59
N ILE F 147 -14.91 20.57 9.93
CA ILE F 147 -15.69 21.69 9.41
CA ILE F 147 -15.66 21.69 9.40
C ILE F 147 -15.74 22.81 10.43
N GLY F 148 -15.03 23.86 10.11
CA GLY F 148 -15.03 25.09 10.85
C GLY F 148 -16.26 25.86 10.47
N VAL F 149 -16.74 26.67 11.41
CA VAL F 149 -17.91 27.49 11.17
C VAL F 149 -17.71 28.90 11.72
N ALA F 150 -18.22 29.89 10.99
CA ALA F 150 -18.17 31.28 11.48
C ALA F 150 -19.22 32.09 10.83
N TYR F 151 -19.40 33.29 11.34
CA TYR F 151 -20.35 34.24 10.79
C TYR F 151 -19.79 35.65 10.69
N THR F 152 -20.36 36.42 9.77
CA THR F 152 -20.08 37.83 9.67
C THR F 152 -21.35 38.60 9.25
N PHE F 153 -21.48 39.81 9.76
CA PHE F 153 -22.52 40.74 9.35
C PHE F 153 -22.00 41.59 8.20
N ASP F 154 -20.70 41.82 8.15
CA ASP F 154 -20.16 42.89 7.32
C ASP F 154 -19.03 42.48 6.37
N PHE F 155 -18.63 41.22 6.37
CA PHE F 155 -17.42 40.78 5.67
C PHE F 155 -16.16 41.53 6.06
N GLU F 156 -16.15 42.13 7.25
CA GLU F 156 -14.93 42.71 7.78
C GLU F 156 -14.48 41.93 8.99
N THR F 157 -15.37 41.68 9.92
CA THR F 157 -15.03 40.89 11.10
C THR F 157 -15.82 39.58 11.08
N PHE F 158 -15.10 38.49 11.38
CA PHE F 158 -15.67 37.12 11.35
C PHE F 158 -15.49 36.51 12.71
N HIS F 159 -16.57 35.94 13.21
CA HIS F 159 -16.64 35.41 14.55
C HIS F 159 -16.78 33.90 14.43
N GLN F 160 -15.85 33.21 15.05
CA GLN F 160 -15.78 31.83 14.90
C GLN F 160 -16.68 31.07 15.89
N LEU F 161 -17.39 30.04 15.42
CA LEU F 161 -18.22 29.16 16.28
C LEU F 161 -17.54 27.81 16.44
N GLU F 162 -18.22 26.90 17.12
CA GLU F 162 -17.68 25.56 17.32
C GLU F 162 -17.49 24.91 15.99
N ASN F 163 -16.41 24.16 15.83
CA ASN F 163 -16.33 23.22 14.73
C ASN F 163 -17.56 22.32 14.79
N ALA F 164 -18.13 22.03 13.66
CA ALA F 164 -19.46 21.40 13.62
C ALA F 164 -19.34 19.92 13.93
N PHE F 165 -18.24 19.30 13.52
CA PHE F 165 -18.06 17.87 13.66
C PHE F 165 -16.68 17.52 14.17
N ILE F 166 -16.53 16.27 14.59
CA ILE F 166 -15.25 15.67 14.91
C ILE F 166 -14.51 15.35 13.60
N PRO F 167 -13.17 15.44 13.55
CA PRO F 167 -12.47 14.98 12.34
C PRO F 167 -12.82 13.52 12.14
N PHE F 168 -12.69 12.99 10.93
CA PHE F 168 -12.24 13.69 9.72
C PHE F 168 -13.42 13.99 8.78
N ASN F 169 -13.53 15.25 8.36
CA ASN F 169 -14.67 15.72 7.57
C ASN F 169 -14.24 16.94 6.76
N ARG F 170 -14.89 17.07 5.62
CA ARG F 170 -14.55 18.08 4.63
C ARG F 170 -15.80 18.30 3.75
N ASN F 171 -15.76 19.28 2.87
CA ASN F 171 -16.88 19.65 2.01
C ASN F 171 -18.19 19.93 2.75
N GLY F 172 -18.06 20.71 3.82
CA GLY F 172 -19.19 21.25 4.59
C GLY F 172 -19.88 22.38 3.84
N VAL F 173 -21.17 22.21 3.60
CA VAL F 173 -21.96 23.14 2.85
C VAL F 173 -23.33 23.33 3.51
N LEU F 174 -23.55 24.53 4.06
CA LEU F 174 -24.83 24.92 4.67
C LEU F 174 -25.98 25.08 3.65
N PHE F 175 -27.19 24.78 4.08
CA PHE F 175 -28.38 25.23 3.39
C PHE F 175 -28.62 26.72 3.67
N PRO F 176 -29.14 27.46 2.68
CA PRO F 176 -29.34 28.90 2.88
C PRO F 176 -30.60 29.33 3.62
N ARG F 177 -31.30 28.41 4.22
CA ARG F 177 -32.35 28.71 5.17
C ARG F 177 -32.44 27.53 6.08
N LYS F 178 -33.17 27.70 7.16
CA LYS F 178 -33.46 26.60 8.00
C LYS F 178 -34.41 25.64 7.29
N ILE F 179 -34.30 24.38 7.67
CA ILE F 179 -35.13 23.32 7.14
C ILE F 179 -35.99 22.92 8.33
N ASN F 180 -37.26 23.26 8.26
CA ASN F 180 -38.17 22.92 9.33
C ASN F 180 -37.60 23.40 10.70
N GLY F 181 -37.14 24.64 10.74
CA GLY F 181 -36.69 25.26 11.97
C GLY F 181 -35.31 24.83 12.52
N ARG F 182 -34.55 24.01 11.78
CA ARG F 182 -33.14 23.76 12.10
C ARG F 182 -32.15 24.22 11.03
N PHE F 183 -30.96 24.62 11.45
CA PHE F 183 -29.87 24.81 10.52
C PHE F 183 -29.53 23.41 9.94
N ALA F 184 -29.17 23.37 8.67
CA ALA F 184 -28.76 22.11 8.03
C ALA F 184 -27.48 22.26 7.22
N MET F 185 -26.73 21.16 7.16
CA MET F 185 -25.44 21.18 6.49
C MET F 185 -25.10 19.84 5.84
N LEU F 186 -24.58 19.92 4.63
CA LEU F 186 -24.08 18.75 4.00
C LEU F 186 -22.64 18.62 4.45
N SER F 187 -22.15 17.40 4.52
CA SER F 187 -20.73 17.18 4.79
C SER F 187 -20.25 15.87 4.12
N ARG F 188 -19.03 15.45 4.42
CA ARG F 188 -18.38 14.39 3.72
C ARG F 188 -17.31 13.70 4.60
N PRO F 189 -17.67 12.64 5.29
CA PRO F 189 -16.71 11.95 6.14
C PRO F 189 -15.50 11.54 5.31
N SER F 190 -14.33 11.73 5.87
CA SER F 190 -13.05 11.59 5.15
C SER F 190 -12.06 10.82 6.06
N ASP F 191 -10.76 10.93 5.73
CA ASP F 191 -9.66 10.42 6.54
C ASP F 191 -8.62 11.52 6.65
N ASN F 192 -7.38 11.20 7.11
CA ASN F 192 -6.33 12.23 7.23
C ASN F 192 -5.32 12.28 6.11
N GLY F 193 -5.68 11.81 4.92
CA GLY F 193 -4.78 11.79 3.77
C GLY F 193 -5.55 12.23 2.53
N HIS F 194 -5.10 11.71 1.39
CA HIS F 194 -5.83 11.89 0.15
C HIS F 194 -6.92 10.79 0.14
N THR F 195 -8.06 11.13 0.67
CA THR F 195 -9.09 10.22 1.01
C THR F 195 -9.54 9.44 -0.19
N PRO F 196 -9.52 8.11 -0.16
CA PRO F 196 -9.84 7.32 -1.35
C PRO F 196 -11.31 6.84 -1.36
N PHE F 197 -12.18 7.52 -0.66
CA PHE F 197 -13.59 7.20 -0.51
C PHE F 197 -14.34 8.49 -0.13
N GLY F 198 -15.66 8.47 -0.19
CA GLY F 198 -16.42 9.58 0.25
C GLY F 198 -17.91 9.61 -0.11
N ASP F 199 -18.76 9.52 0.89
CA ASP F 199 -20.20 9.75 0.85
C ASP F 199 -20.59 11.17 1.34
N ILE F 200 -21.62 11.74 0.74
CA ILE F 200 -22.20 12.98 1.22
C ILE F 200 -23.22 12.67 2.32
N PHE F 201 -23.07 13.34 3.44
CA PHE F 201 -24.01 13.26 4.55
C PHE F 201 -24.74 14.55 4.77
N TYR F 202 -25.76 14.47 5.63
CA TYR F 202 -26.64 15.62 5.93
C TYR F 202 -26.84 15.66 7.43
N SER F 203 -26.71 16.83 8.05
CA SER F 203 -26.81 16.97 9.51
C SER F 203 -27.59 18.22 9.89
N GLU F 204 -28.22 18.21 11.05
CA GLU F 204 -29.01 19.36 11.50
C GLU F 204 -28.57 19.90 12.83
N SER F 205 -28.82 21.19 13.04
CA SER F 205 -28.53 21.85 14.33
C SER F 205 -29.63 22.85 14.72
N PRO F 206 -30.10 22.79 15.98
CA PRO F 206 -31.02 23.86 16.41
C PRO F 206 -30.35 25.19 16.65
N ASP F 207 -29.05 25.21 16.88
CA ASP F 207 -28.42 26.42 17.39
C ASP F 207 -27.05 26.77 16.84
N MET F 208 -26.62 26.08 15.77
CA MET F 208 -25.28 26.31 15.19
C MET F 208 -24.12 25.98 16.17
N GLU F 209 -24.39 25.13 17.15
CA GLU F 209 -23.39 24.60 18.07
C GLU F 209 -23.44 23.06 18.19
N PHE F 210 -24.65 22.50 18.37
CA PHE F 210 -24.79 21.07 18.56
C PHE F 210 -25.43 20.52 17.30
N TRP F 211 -24.82 19.48 16.76
CA TRP F 211 -25.24 18.86 15.48
C TRP F 211 -25.67 17.39 15.65
N GLY F 212 -26.58 16.92 14.79
CA GLY F 212 -27.15 15.60 14.91
C GLY F 212 -28.17 15.35 13.84
N ARG F 213 -28.90 14.27 14.04
CA ARG F 213 -29.83 13.70 13.06
C ARG F 213 -29.12 13.45 11.72
N HIS F 214 -28.00 12.75 11.79
CA HIS F 214 -27.17 12.57 10.62
C HIS F 214 -27.79 11.58 9.68
N ARG F 215 -27.82 11.91 8.43
CA ARG F 215 -28.41 11.06 7.43
C ARG F 215 -27.50 10.97 6.22
N HIS F 216 -27.34 9.77 5.72
CA HIS F 216 -26.60 9.53 4.46
C HIS F 216 -27.35 10.06 3.27
N VAL F 217 -26.70 10.83 2.41
CA VAL F 217 -27.39 11.43 1.25
C VAL F 217 -27.10 10.56 0.03
N MET F 218 -25.82 10.42 -0.34
CA MET F 218 -25.52 9.51 -1.41
C MET F 218 -24.07 9.06 -1.36
N SER F 219 -23.81 7.94 -2.02
CA SER F 219 -22.48 7.34 -2.17
C SER F 219 -22.01 7.52 -3.62
N PRO F 220 -20.71 7.29 -3.82
CA PRO F 220 -20.21 7.19 -5.15
C PRO F 220 -20.96 6.13 -5.94
N ALA F 221 -21.14 6.39 -7.23
CA ALA F 221 -21.72 5.43 -8.15
C ALA F 221 -20.82 4.28 -8.47
N ALA F 222 -21.42 3.22 -8.95
CA ALA F 222 -20.68 2.10 -9.49
C ALA F 222 -19.98 2.54 -10.74
N PHE F 223 -18.76 2.07 -10.88
CA PHE F 223 -17.95 2.55 -12.00
C PHE F 223 -18.55 2.16 -13.35
N GLU F 224 -19.25 1.04 -13.40
N GLU F 224 -19.26 1.04 -13.42
CA GLU F 224 -19.94 0.64 -14.59
CA GLU F 224 -19.92 0.65 -14.67
C GLU F 224 -21.08 1.61 -15.01
C GLU F 224 -21.18 1.50 -14.99
N VAL F 225 -21.64 2.25 -14.00
CA VAL F 225 -22.78 3.11 -14.16
C VAL F 225 -22.37 4.53 -14.46
N SER F 226 -21.46 5.08 -13.67
CA SER F 226 -21.06 6.49 -13.85
C SER F 226 -19.68 6.71 -13.24
N ALA F 227 -18.64 6.52 -14.05
CA ALA F 227 -17.29 6.42 -13.52
C ALA F 227 -16.73 7.77 -13.08
N TRP F 228 -17.27 8.90 -13.54
CA TRP F 228 -16.76 10.20 -13.08
C TRP F 228 -16.99 10.45 -11.61
N GLN F 229 -17.92 9.71 -11.01
CA GLN F 229 -18.30 9.90 -9.63
C GLN F 229 -18.23 8.58 -8.86
N CYS F 230 -17.26 7.75 -9.20
CA CYS F 230 -17.23 6.41 -8.62
C CYS F 230 -16.19 6.22 -7.53
N THR F 231 -15.27 7.13 -7.32
CA THR F 231 -14.28 6.98 -6.22
C THR F 231 -14.78 7.66 -4.96
N LYS F 232 -15.17 8.91 -5.10
CA LYS F 232 -15.74 9.74 -4.03
C LYS F 232 -16.50 10.89 -4.63
N ILE F 233 -17.33 11.50 -3.81
CA ILE F 233 -18.09 12.68 -4.18
C ILE F 233 -18.07 13.64 -3.00
N GLY F 234 -18.45 14.87 -3.26
CA GLY F 234 -18.61 15.87 -2.22
C GLY F 234 -19.38 17.11 -2.71
N ALA F 235 -20.11 17.73 -1.78
CA ALA F 235 -20.93 18.88 -2.15
C ALA F 235 -20.07 20.04 -2.60
N GLY F 236 -20.59 20.82 -3.54
CA GLY F 236 -19.89 22.02 -4.06
C GLY F 236 -20.43 23.34 -3.54
N PRO F 237 -21.11 24.11 -4.43
CA PRO F 237 -21.83 25.28 -4.02
C PRO F 237 -22.99 24.99 -3.06
N ILE F 238 -23.40 26.07 -2.44
CA ILE F 238 -24.55 26.08 -1.57
C ILE F 238 -25.74 25.49 -2.35
N PRO F 239 -26.50 24.56 -1.76
CA PRO F 239 -27.75 24.11 -2.45
C PRO F 239 -28.67 25.31 -2.94
N VAL F 240 -29.30 25.12 -4.09
CA VAL F 240 -30.14 26.12 -4.73
C VAL F 240 -31.59 25.65 -4.66
N GLU F 241 -32.43 26.41 -3.97
CA GLU F 241 -33.83 26.05 -3.83
C GLU F 241 -34.62 26.17 -5.15
N THR F 242 -35.22 25.10 -5.62
CA THR F 242 -36.19 25.18 -6.67
C THR F 242 -37.57 24.70 -6.13
N PRO F 243 -38.64 25.03 -6.85
CA PRO F 243 -39.95 24.51 -6.49
C PRO F 243 -39.97 22.98 -6.41
N GLU F 244 -39.13 22.33 -7.21
CA GLU F 244 -39.01 20.86 -7.26
C GLU F 244 -37.99 20.21 -6.33
N GLY F 245 -37.37 20.99 -5.45
CA GLY F 245 -36.30 20.46 -4.57
C GLY F 245 -35.01 21.27 -4.62
N TRP F 246 -34.03 20.82 -3.86
CA TRP F 246 -32.74 21.52 -3.80
C TRP F 246 -31.89 21.03 -4.94
N LEU F 247 -31.40 21.96 -5.74
CA LEU F 247 -30.42 21.61 -6.74
C LEU F 247 -29.05 21.54 -6.09
N LEU F 248 -28.46 20.36 -6.11
CA LEU F 248 -27.10 20.16 -5.61
C LEU F 248 -26.13 19.97 -6.76
N ILE F 249 -25.14 20.85 -6.80
CA ILE F 249 -23.99 20.75 -7.66
C ILE F 249 -22.85 20.16 -6.83
N TYR F 250 -22.28 19.04 -7.25
CA TYR F 250 -21.31 18.28 -6.45
C TYR F 250 -20.21 17.70 -7.32
N HIS F 251 -19.03 17.50 -6.74
CA HIS F 251 -17.89 16.95 -7.46
C HIS F 251 -17.88 15.48 -7.35
N GLY F 252 -17.31 14.84 -8.32
CA GLY F 252 -17.05 13.43 -8.26
C GLY F 252 -15.68 13.09 -8.84
N VAL F 253 -15.10 12.02 -8.32
CA VAL F 253 -13.76 11.63 -8.62
C VAL F 253 -13.74 10.28 -9.32
N LEU F 254 -12.92 10.24 -10.36
N LEU F 254 -12.91 10.22 -10.36
CA LEU F 254 -12.53 9.02 -11.04
CA LEU F 254 -12.54 8.98 -11.05
C LEU F 254 -11.03 8.77 -10.73
C LEU F 254 -11.02 8.73 -10.91
N HIS F 255 -10.67 7.52 -10.49
CA HIS F 255 -9.30 7.14 -10.24
C HIS F 255 -8.71 6.43 -11.44
N SER F 256 -7.95 7.15 -12.23
CA SER F 256 -7.15 6.55 -13.30
C SER F 256 -5.81 6.03 -12.80
N CYS F 257 -5.06 5.38 -13.69
CA CYS F 257 -3.73 4.92 -13.29
C CYS F 257 -2.83 6.07 -12.93
N ASN F 258 -3.06 7.26 -13.47
CA ASN F 258 -2.17 8.41 -13.21
C ASN F 258 -2.76 9.45 -12.31
N GLY F 259 -3.73 9.10 -11.49
CA GLY F 259 -4.27 10.10 -10.56
C GLY F 259 -5.78 10.23 -10.57
N TYR F 260 -6.24 11.17 -9.77
CA TYR F 260 -7.65 11.47 -9.68
C TYR F 260 -8.07 12.48 -10.75
N VAL F 261 -9.30 12.36 -11.26
CA VAL F 261 -9.86 13.36 -12.16
C VAL F 261 -11.12 13.82 -11.47
N TYR F 262 -11.26 15.14 -11.27
CA TYR F 262 -12.44 15.72 -10.64
C TYR F 262 -13.32 16.34 -11.71
N SER F 263 -14.57 15.86 -11.77
CA SER F 263 -15.58 16.43 -12.61
C SER F 263 -16.71 16.87 -11.72
N PHE F 264 -17.72 17.57 -12.26
CA PHE F 264 -18.90 17.84 -11.43
C PHE F 264 -20.23 17.65 -12.14
N GLY F 265 -21.29 17.50 -11.34
CA GLY F 265 -22.61 17.13 -11.85
C GLY F 265 -23.71 17.61 -10.94
N SER F 266 -24.93 17.13 -11.18
CA SER F 266 -26.10 17.65 -10.49
C SER F 266 -26.94 16.54 -9.90
N ALA F 267 -27.60 16.84 -8.79
CA ALA F 267 -28.65 16.01 -8.29
C ALA F 267 -29.78 16.95 -7.74
N LEU F 268 -30.94 16.36 -7.47
CA LEU F 268 -32.04 17.03 -6.90
C LEU F 268 -32.48 16.34 -5.62
N LEU F 269 -32.47 17.09 -4.52
CA LEU F 269 -32.82 16.57 -3.25
C LEU F 269 -34.24 17.02 -2.86
N ASP F 270 -34.90 16.18 -2.09
CA ASP F 270 -36.24 16.50 -1.61
C ASP F 270 -36.17 17.77 -0.79
N LEU F 271 -37.19 18.62 -0.94
CA LEU F 271 -37.13 19.97 -0.36
C LEU F 271 -37.20 19.94 1.14
N ASP F 272 -37.99 19.02 1.67
CA ASP F 272 -38.22 18.90 3.09
C ASP F 272 -37.29 17.98 3.81
N GLU F 273 -36.82 16.95 3.13
CA GLU F 273 -35.93 15.96 3.75
C GLU F 273 -34.78 15.77 2.82
N PRO F 274 -33.78 16.66 2.89
CA PRO F 274 -32.88 16.75 1.70
C PRO F 274 -31.82 15.69 1.60
N TRP F 275 -31.81 14.75 2.53
CA TRP F 275 -31.03 13.56 2.40
C TRP F 275 -31.71 12.57 1.49
N LYS F 276 -32.97 12.77 1.06
CA LYS F 276 -33.61 11.87 0.12
C LYS F 276 -33.33 12.41 -1.29
N VAL F 277 -32.69 11.63 -2.14
CA VAL F 277 -32.29 12.15 -3.44
C VAL F 277 -33.42 11.78 -4.39
N LYS F 278 -33.92 12.75 -5.13
CA LYS F 278 -34.98 12.51 -6.11
C LYS F 278 -34.42 12.16 -7.48
N PHE F 279 -33.43 12.90 -7.95
CA PHE F 279 -32.73 12.51 -9.19
C PHE F 279 -31.21 12.77 -9.06
N ARG F 280 -30.43 12.12 -9.91
CA ARG F 280 -29.00 12.24 -9.86
C ARG F 280 -28.43 11.94 -11.22
N SER F 281 -27.63 12.87 -11.76
CA SER F 281 -27.25 12.76 -13.14
C SER F 281 -26.24 11.64 -13.38
N GLY F 282 -26.42 10.95 -14.52
CA GLY F 282 -25.46 9.97 -15.01
C GLY F 282 -24.25 10.66 -15.58
N PRO F 283 -24.43 11.51 -16.58
CA PRO F 283 -23.25 12.21 -17.08
C PRO F 283 -22.83 13.40 -16.19
N TYR F 284 -21.60 13.84 -16.38
CA TYR F 284 -21.14 15.06 -15.71
C TYR F 284 -21.73 16.29 -16.38
N LEU F 285 -21.79 17.41 -15.65
CA LEU F 285 -22.03 18.74 -16.24
C LEU F 285 -20.76 19.28 -16.84
N LEU F 286 -19.66 19.05 -16.15
CA LEU F 286 -18.38 19.64 -16.54
C LEU F 286 -17.24 18.77 -16.10
N ALA F 287 -16.22 18.69 -16.94
CA ALA F 287 -15.04 17.86 -16.63
C ALA F 287 -13.77 18.48 -17.23
N PRO F 288 -12.58 18.13 -16.73
CA PRO F 288 -11.36 18.84 -17.13
C PRO F 288 -10.99 18.67 -18.58
N ARG F 289 -10.92 19.80 -19.28
CA ARG F 289 -10.75 19.77 -20.75
C ARG F 289 -9.77 20.84 -21.20
N GLU F 290 -9.91 22.05 -20.67
CA GLU F 290 -9.04 23.15 -21.14
C GLU F 290 -7.62 23.08 -20.51
N PRO F 291 -6.61 23.76 -21.12
CA PRO F 291 -5.25 23.74 -20.47
C PRO F 291 -5.24 24.18 -19.01
N TYR F 292 -6.05 25.20 -18.70
CA TYR F 292 -6.15 25.72 -17.33
C TYR F 292 -6.85 24.76 -16.33
N GLU F 293 -7.54 23.73 -16.84
CA GLU F 293 -8.07 22.66 -16.02
C GLU F 293 -7.12 21.43 -15.95
N CYS F 294 -6.32 21.26 -17.00
CA CYS F 294 -5.50 20.06 -17.14
C CYS F 294 -4.02 20.23 -16.87
N MET F 295 -3.57 21.43 -16.64
CA MET F 295 -2.20 21.64 -16.28
C MET F 295 -2.15 22.62 -15.08
N GLY F 296 -1.34 22.30 -14.07
CA GLY F 296 -1.25 23.12 -12.89
C GLY F 296 -0.78 22.31 -11.70
N ASP F 297 -0.96 22.91 -10.53
CA ASP F 297 -0.52 22.28 -9.32
C ASP F 297 -1.11 20.89 -9.10
N VAL F 298 -2.39 20.71 -9.43
CA VAL F 298 -3.00 19.38 -9.43
C VAL F 298 -3.75 19.24 -10.73
N PRO F 299 -3.16 18.56 -11.71
CA PRO F 299 -3.78 18.32 -13.02
C PRO F 299 -5.16 17.67 -12.96
N ASN F 300 -6.04 18.08 -13.87
CA ASN F 300 -7.32 17.48 -14.11
C ASN F 300 -8.29 17.62 -12.95
N VAL F 301 -8.49 18.87 -12.53
CA VAL F 301 -9.46 19.21 -11.49
C VAL F 301 -10.38 20.34 -11.92
N CYS F 302 -11.70 20.07 -11.89
CA CYS F 302 -12.75 21.09 -11.83
C CYS F 302 -13.55 20.88 -10.53
N PHE F 303 -13.49 21.88 -9.66
CA PHE F 303 -13.95 21.70 -8.30
C PHE F 303 -14.84 22.87 -7.99
N PRO F 304 -16.17 22.67 -8.11
CA PRO F 304 -17.09 23.79 -7.90
C PRO F 304 -17.27 24.10 -6.42
N CYS F 305 -17.37 25.39 -6.18
N CYS F 305 -17.15 25.37 -6.00
CA CYS F 305 -17.16 25.95 -4.89
CA CYS F 305 -17.45 25.76 -4.61
C CYS F 305 -18.23 27.01 -4.51
C CYS F 305 -18.43 26.93 -4.44
N ALA F 306 -18.89 27.58 -5.52
CA ALA F 306 -19.93 28.58 -5.31
C ALA F 306 -20.76 28.78 -6.57
N ALA F 307 -21.98 29.27 -6.42
CA ALA F 307 -22.81 29.69 -7.54
C ALA F 307 -23.60 30.95 -7.22
N LEU F 308 -23.87 31.75 -8.24
CA LEU F 308 -24.79 32.89 -8.12
C LEU F 308 -25.94 32.57 -9.07
N HIS F 309 -27.19 32.74 -8.63
CA HIS F 309 -28.32 32.48 -9.54
C HIS F 309 -29.43 33.54 -9.44
N ASP F 310 -30.32 33.47 -10.43
CA ASP F 310 -31.47 34.38 -10.62
C ASP F 310 -32.75 33.55 -10.93
N ASN F 311 -33.63 33.43 -9.96
CA ASN F 311 -34.85 32.66 -10.16
C ASN F 311 -35.76 33.30 -11.24
N GLU F 312 -35.86 34.64 -11.33
CA GLU F 312 -36.59 35.26 -12.43
C GLU F 312 -36.09 34.71 -13.79
N THR F 313 -34.80 34.83 -14.12
CA THR F 313 -34.31 34.37 -15.44
C THR F 313 -33.98 32.89 -15.53
N GLY F 314 -33.84 32.21 -14.38
CA GLY F 314 -33.34 30.85 -14.42
C GLY F 314 -31.83 30.70 -14.58
N ARG F 315 -31.10 31.80 -14.74
CA ARG F 315 -29.65 31.74 -14.91
C ARG F 315 -28.86 31.39 -13.63
N ILE F 316 -27.79 30.64 -13.84
CA ILE F 316 -26.87 30.28 -12.77
C ILE F 316 -25.46 30.35 -13.33
N ALA F 317 -24.59 30.95 -12.54
CA ALA F 317 -23.14 31.02 -12.81
C ALA F 317 -22.39 30.27 -11.69
N ILE F 318 -21.64 29.24 -12.08
CA ILE F 318 -20.94 28.34 -11.17
C ILE F 318 -19.43 28.61 -11.16
N TYR F 319 -18.88 28.93 -9.99
CA TYR F 319 -17.47 29.18 -9.82
C TYR F 319 -16.81 27.86 -9.50
N TYR F 320 -15.69 27.58 -10.14
CA TYR F 320 -14.98 26.34 -9.86
C TYR F 320 -13.47 26.50 -9.93
N GLY F 321 -12.77 25.78 -9.06
CA GLY F 321 -11.33 25.67 -9.11
C GLY F 321 -10.85 24.89 -10.30
N CYS F 322 -9.74 25.31 -10.91
CA CYS F 322 -9.19 24.67 -12.12
C CYS F 322 -7.74 24.30 -11.79
N ALA F 323 -7.50 22.99 -11.79
CA ALA F 323 -6.18 22.38 -11.57
C ALA F 323 -5.57 22.81 -10.24
N ASP F 324 -6.44 23.11 -9.31
CA ASP F 324 -6.04 23.64 -8.03
C ASP F 324 -5.09 24.83 -8.22
N THR F 325 -5.34 25.67 -9.23
CA THR F 325 -4.40 26.75 -9.56
C THR F 325 -5.10 28.12 -9.77
N VAL F 326 -6.22 28.13 -10.52
CA VAL F 326 -6.99 29.31 -10.81
C VAL F 326 -8.50 29.05 -10.64
N THR F 327 -9.30 30.10 -10.79
CA THR F 327 -10.76 30.05 -10.69
C THR F 327 -11.42 30.34 -12.05
N GLY F 328 -12.39 29.51 -12.38
CA GLY F 328 -13.13 29.65 -13.60
C GLY F 328 -14.60 29.75 -13.29
N LEU F 329 -15.36 30.11 -14.35
CA LEU F 329 -16.78 30.27 -14.29
C LEU F 329 -17.43 29.48 -15.42
N ALA F 330 -18.59 28.91 -15.15
CA ALA F 330 -19.41 28.24 -16.14
C ALA F 330 -20.86 28.69 -15.95
N PHE F 331 -21.64 28.68 -17.02
CA PHE F 331 -23.04 29.19 -16.97
C PHE F 331 -24.06 28.15 -17.43
N GLY F 332 -25.28 28.27 -16.93
CA GLY F 332 -26.34 27.38 -17.39
C GLY F 332 -27.69 27.90 -16.98
N TYR F 333 -28.73 27.17 -17.34
CA TYR F 333 -30.06 27.52 -16.89
C TYR F 333 -30.56 26.52 -15.88
N ILE F 334 -31.01 26.97 -14.73
CA ILE F 334 -31.59 26.04 -13.75
C ILE F 334 -32.63 25.02 -14.27
N PRO F 335 -33.69 25.46 -14.99
CA PRO F 335 -34.61 24.44 -15.43
C PRO F 335 -33.98 23.46 -16.44
N GLU F 336 -33.02 23.91 -17.26
CA GLU F 336 -32.32 22.99 -18.14
C GLU F 336 -31.54 21.97 -17.31
N ILE F 337 -30.88 22.44 -16.25
CA ILE F 337 -30.05 21.54 -15.43
C ILE F 337 -30.96 20.52 -14.75
N ILE F 338 -32.10 20.99 -14.30
CA ILE F 338 -33.07 20.12 -13.68
C ILE F 338 -33.56 19.04 -14.66
N GLU F 339 -33.90 19.43 -15.89
CA GLU F 339 -34.44 18.49 -16.82
C GLU F 339 -33.37 17.46 -17.23
N PHE F 340 -32.16 17.93 -17.42
CA PHE F 340 -31.03 17.04 -17.65
C PHE F 340 -30.83 16.07 -16.47
N THR F 341 -30.85 16.58 -15.25
CA THR F 341 -30.73 15.71 -14.08
C THR F 341 -31.79 14.64 -14.12
N LYS F 342 -33.05 15.02 -14.38
CA LYS F 342 -34.14 14.01 -14.47
C LYS F 342 -33.95 12.99 -15.55
N ARG F 343 -33.72 13.47 -16.78
CA ARG F 343 -33.67 12.57 -17.93
C ARG F 343 -32.55 11.61 -17.91
N THR F 344 -31.41 12.00 -17.32
CA THR F 344 -30.26 11.11 -17.29
C THR F 344 -30.07 10.47 -15.89
N SER F 345 -31.09 10.52 -15.04
CA SER F 345 -30.99 10.09 -13.66
C SER F 345 -30.54 8.64 -13.58
N ILE F 346 -29.62 8.38 -12.67
CA ILE F 346 -29.20 7.00 -12.43
C ILE F 346 -29.92 6.46 -11.22
N ILE F 347 -30.83 7.23 -10.63
CA ILE F 347 -31.77 6.66 -9.69
C ILE F 347 -33.20 6.90 -10.09
#